data_5OGC
#
_entry.id   5OGC
#
loop_
_entity.id
_entity.type
_entity.pdbx_description
1 polymer 'Kinesin-like protein KIF18A'
2 polymer 'Tubulin alpha chain'
3 polymer 'Tubulin beta chain'
4 non-polymer 4-chloranyl-2-nitro-1-(phenylsulfonyl)benzene
5 non-polymer 'ZINC ION'
6 non-polymer 'MAGNESIUM ION'
7 non-polymer "GUANOSINE-5'-TRIPHOSPHATE"
8 non-polymer "GUANOSINE-5'-DIPHOSPHATE"
9 non-polymer TAXOL
#
loop_
_entity_poly.entity_id
_entity_poly.type
_entity_poly.pdbx_seq_one_letter_code
_entity_poly.pdbx_strand_id
1 'polypeptide(L)'
;GSHMSVTEEDLCHHMKVVVRVRPENTKEKAAGFHKVVHVVDKHILVFDPKQEEVSFFHGKKTTNQNVIKKQNKDLKFVFD
AVFDETSTQSEVFEHTTKPILRSFLNGYNCTVLAYGATGAGKTHTMLGSADEPGVMYLTMLHLYKCMDEIKEEKICSTAV
SYLEVYNEQIRDLLVNSGPLAVREDTQKGVVVHGLTLHQPKSSEEILHLLDNGNKNRTQHPTDMNATSSRSHAVFQIYLR
QQDKTASINQNVRIAKMSLIDLAGSERASTSGAKGTRFVEGTNINRSLLALGNVINALADSKRKNQHIPYRNSKLTRLLK
DSLGGNCQTIMIAAVSPSSVFYDDTYNTLKYANRAKDIKSSLKSNVLNVNNHITQYV
;
K
2 'polypeptide(L)'
;MRECISIHVGQAGVQIGNACWELYCLEHGIQPDGQMPSDKTIGGGDDSFNTFFSETGAGKHVPRAVFVDLEPTVIDEVRT
GTYRQLFHPEQLITGKEDAANNYARGHYTIGKEIIDLVLDRIRKLADQCTGLQGFSVFHSFGGGTGSGFTSLLMERLSVD
YGKKSKLEFSIYPAPQVSTAVVEPYNSILTTHTTLEHSDCAFMVDNEAIYDICRRNLDIERPTYTNLNRLIGQIVSSITA
SLRFDGALNVDLTEFQTNLVPYPRGHFPLATYAPVISAEKAYHEQLSVAEITNACFEPANQMVKCDPRHGKYMACCLLYR
GDVVPKDVNAAIATIKTKRTIQFVDWCPTGFKVGINYEPPTVVPGGDLAKVQRAVCMLSNTTAIAEAWARLDHKFDLMYA
KRAFVHWYVGEGMEEGEFSEAREDMAALEKDYEEVGVDSVEGEGEEEGEEY
;
A
3 'polypeptide(L)'
;MREIVHIQAGQCGNQIGAKFWEVISDEHGIDPTGSYHGDSDLQLERINVYYNEAAGNKYVPRAILVDLEPGTMDSVRSGP
FGQIFRPDNFVFGQSGAGNNWAKGHYTEGAELVDSVLDVVRKESESCDCLQGFQLTHSLGGGTGSGMGTLLISKIREEYP
DRIMNTFSVVPSPKVSDTVVEPYNATLSVHQLVENTDETYCIDNEALYDICFRTLKLTTPTYGDLNHLVSATMSGVTTCL
RFPGQLNADLRKLAVNMVPFPRLHFFMPGFAPLTSRGSQQYRALTVPELTQQMFDAKNMMAACDPRHGRYLTVAAVFRGR
MSMKEVDEQMLNVQNKNSSYFVEWIPNNVKTAVCDIPPRGLKMSATFIGNSTAIQELFKRISEQFTAMFRRKAFLHWYTG
EGMDEMEFTEAESNMNDLVSEYQQYQDATADEQGEFEEEGEEDEA
;
B
#
loop_
_chem_comp.id
_chem_comp.type
_chem_comp.name
_chem_comp.formula
9V5 non-polymer 4-chloranyl-2-nitro-1-(phenylsulfonyl)benzene 'C12 H8 Cl N O4 S'
GDP RNA linking GUANOSINE-5'-DIPHOSPHATE 'C10 H15 N5 O11 P2'
GTP non-polymer GUANOSINE-5'-TRIPHOSPHATE 'C10 H16 N5 O14 P3'
MG non-polymer 'MAGNESIUM ION' 'Mg 2'
TA1 non-polymer TAXOL 'C47 H51 N O14'
ZN non-polymer 'ZINC ION' 'Zn 2'
#
# COMPACT_ATOMS: atom_id res chain seq x y z
N HIS A 13 -6.14 34.06 5.14
CA HIS A 13 -6.27 34.37 6.59
C HIS A 13 -4.89 34.69 7.15
N HIS A 14 -4.50 34.00 8.23
CA HIS A 14 -3.15 34.10 8.80
C HIS A 14 -2.18 33.55 7.77
N MET A 15 -2.65 32.48 7.18
CA MET A 15 -1.87 31.94 6.15
C MET A 15 -2.06 32.96 5.04
N LYS A 16 -0.91 33.17 4.43
CA LYS A 16 -0.67 33.94 3.26
C LYS A 16 0.40 33.05 2.61
N VAL A 17 0.38 33.00 1.30
CA VAL A 17 1.32 32.22 0.50
C VAL A 17 1.96 33.15 -0.53
N VAL A 18 3.28 33.05 -0.70
CA VAL A 18 3.97 33.71 -1.81
C VAL A 18 4.90 32.73 -2.48
N VAL A 19 4.88 32.67 -3.81
CA VAL A 19 5.85 31.86 -4.51
C VAL A 19 6.89 32.69 -5.25
N ARG A 20 8.17 32.60 -4.89
CA ARG A 20 9.13 33.33 -5.69
C ARG A 20 9.92 32.57 -6.75
N VAL A 21 9.55 32.75 -8.02
CA VAL A 21 10.36 32.25 -9.14
C VAL A 21 11.80 32.75 -9.03
N ARG A 22 12.77 31.91 -9.39
CA ARG A 22 14.20 32.27 -9.42
C ARG A 22 14.69 32.20 -10.89
N PRO A 23 15.55 33.13 -11.34
CA PRO A 23 15.98 33.11 -12.73
C PRO A 23 16.34 31.72 -13.21
N GLU A 24 16.11 31.42 -14.49
CA GLU A 24 16.67 30.22 -15.13
C GLU A 24 18.19 30.14 -14.88
N ASN A 25 18.72 28.92 -14.77
CA ASN A 25 20.16 28.74 -14.59
C ASN A 25 20.98 28.95 -15.87
N THR A 26 22.22 29.42 -15.76
CA THR A 26 23.07 29.62 -16.95
C THR A 26 22.87 28.55 -18.02
N LYS A 27 22.87 27.26 -17.65
CA LYS A 27 22.72 26.18 -18.65
C LYS A 27 21.31 26.07 -19.19
N GLU A 28 20.33 26.25 -18.30
CA GLU A 28 18.88 26.20 -18.56
C GLU A 28 18.45 27.34 -19.52
N LYS A 29 18.94 28.54 -19.24
CA LYS A 29 18.79 29.74 -20.08
C LYS A 29 19.30 29.54 -21.49
N ALA A 30 20.51 28.98 -21.59
CA ALA A 30 21.17 28.83 -22.89
C ALA A 30 20.49 27.78 -23.78
N ALA A 31 20.00 26.69 -23.18
CA ALA A 31 19.17 25.71 -23.89
C ALA A 31 17.79 26.29 -24.22
N GLY A 32 16.91 26.39 -23.22
CA GLY A 32 15.56 26.93 -23.37
C GLY A 32 14.65 26.01 -24.19
N PHE A 33 13.96 25.11 -23.48
CA PHE A 33 12.95 24.21 -24.07
C PHE A 33 11.70 24.63 -23.39
N HIS A 34 10.57 24.10 -23.78
CA HIS A 34 9.35 24.59 -23.19
C HIS A 34 9.45 24.80 -21.66
N LYS A 35 9.20 26.03 -21.22
CA LYS A 35 9.26 26.35 -19.80
C LYS A 35 8.19 25.59 -19.01
N VAL A 36 8.57 25.11 -17.84
CA VAL A 36 7.68 24.37 -16.92
C VAL A 36 6.35 25.21 -16.79
N VAL A 37 6.32 26.22 -15.91
CA VAL A 37 5.34 27.28 -15.86
C VAL A 37 5.87 28.40 -16.74
N HIS A 38 4.96 29.14 -17.35
CA HIS A 38 5.33 30.39 -17.97
C HIS A 38 4.65 31.52 -17.13
N VAL A 39 5.37 32.16 -16.19
CA VAL A 39 4.85 33.27 -15.38
C VAL A 39 4.20 34.32 -16.31
N VAL A 40 2.87 34.50 -16.22
CA VAL A 40 2.12 35.46 -17.05
C VAL A 40 2.34 36.90 -16.57
N ASP A 41 1.54 37.32 -15.59
CA ASP A 41 1.75 38.54 -14.82
C ASP A 41 2.53 38.23 -13.55
N LYS A 42 2.57 39.18 -12.60
CA LYS A 42 3.22 38.93 -11.30
C LYS A 42 2.58 37.85 -10.38
N HIS A 43 1.25 37.86 -10.26
CA HIS A 43 0.52 36.89 -9.42
C HIS A 43 0.12 35.57 -10.07
N ILE A 44 -0.42 35.66 -11.28
CA ILE A 44 -0.90 34.48 -12.01
C ILE A 44 0.15 33.83 -12.87
N LEU A 45 0.25 32.52 -12.74
CA LEU A 45 1.19 31.78 -13.55
C LEU A 45 0.47 30.71 -14.32
N VAL A 46 0.73 30.64 -15.61
CA VAL A 46 0.16 29.54 -16.40
C VAL A 46 1.14 28.37 -16.39
N PHE A 47 0.57 27.16 -16.28
CA PHE A 47 1.31 25.93 -16.37
C PHE A 47 1.12 25.35 -17.81
N ASP A 48 2.15 24.67 -18.33
CA ASP A 48 2.12 23.93 -19.59
C ASP A 48 1.70 24.79 -20.81
N PRO A 49 2.56 25.71 -21.20
CA PRO A 49 2.32 26.62 -22.33
C PRO A 49 2.23 25.89 -23.68
N LYS A 50 1.41 26.41 -24.58
CA LYS A 50 1.24 25.79 -25.90
C LYS A 50 2.52 25.87 -26.72
N GLN A 71 -5.18 23.24 -26.36
CA GLN A 71 -3.76 22.89 -26.43
C GLN A 71 -3.35 21.83 -25.37
N ASN A 72 -2.18 21.99 -24.77
CA ASN A 72 -1.78 21.35 -23.51
C ASN A 72 -2.74 21.66 -22.35
N LYS A 73 -2.35 21.27 -21.12
CA LYS A 73 -3.13 21.52 -19.91
C LYS A 73 -3.48 23.00 -19.71
N ASP A 74 -2.57 23.93 -20.06
CA ASP A 74 -2.77 25.40 -20.05
C ASP A 74 -3.39 25.90 -18.72
N LEU A 75 -2.93 25.32 -17.61
CA LEU A 75 -3.54 25.53 -16.30
C LEU A 75 -3.11 26.89 -15.77
N LYS A 76 -4.07 27.81 -15.66
CA LYS A 76 -3.87 28.98 -14.80
C LYS A 76 -3.78 28.54 -13.34
N PHE A 77 -2.82 29.10 -12.61
CA PHE A 77 -2.74 29.06 -11.15
C PHE A 77 -2.71 30.49 -10.59
N VAL A 78 -3.60 30.75 -9.64
CA VAL A 78 -3.56 31.95 -8.79
C VAL A 78 -2.83 31.66 -7.47
N PHE A 79 -2.09 32.62 -6.94
CA PHE A 79 -1.61 32.61 -5.55
C PHE A 79 -1.90 33.94 -4.83
N ASP A 80 -1.73 33.99 -3.49
CA ASP A 80 -2.09 35.17 -2.66
C ASP A 80 -1.20 36.39 -2.96
N ALA A 81 0.12 36.18 -2.91
CA ALA A 81 1.10 36.89 -3.72
C ALA A 81 1.87 35.91 -4.62
N VAL A 82 2.46 36.36 -5.71
CA VAL A 82 3.59 35.67 -6.38
C VAL A 82 4.60 36.69 -6.84
N PHE A 83 5.86 36.32 -6.70
CA PHE A 83 7.04 37.03 -7.14
C PHE A 83 7.67 36.33 -8.34
N ASP A 84 7.99 37.13 -9.35
CA ASP A 84 8.58 36.73 -10.63
C ASP A 84 10.07 36.33 -10.49
N GLU A 85 10.70 35.85 -11.57
CA GLU A 85 12.13 35.50 -11.58
C GLU A 85 13.06 36.70 -11.30
N THR A 86 12.60 37.91 -11.65
CA THR A 86 13.29 39.17 -11.34
C THR A 86 13.36 39.44 -9.84
N SER A 87 12.32 39.02 -9.10
CA SER A 87 12.28 39.09 -7.65
C SER A 87 13.34 38.19 -7.05
N THR A 88 14.30 38.82 -6.39
CA THR A 88 15.41 38.10 -5.78
C THR A 88 15.12 37.75 -4.32
N GLN A 89 16.15 37.38 -3.56
CA GLN A 89 16.04 37.19 -2.11
C GLN A 89 15.60 38.44 -1.38
N SER A 90 16.11 39.60 -1.80
CA SER A 90 15.84 40.88 -1.12
C SER A 90 14.35 41.28 -1.21
N GLU A 91 13.74 41.09 -2.37
CA GLU A 91 12.30 41.38 -2.53
C GLU A 91 11.45 40.39 -1.71
N VAL A 92 11.76 39.08 -1.77
CA VAL A 92 11.08 38.07 -0.95
C VAL A 92 11.31 38.29 0.52
N PHE A 93 12.52 38.70 0.92
CA PHE A 93 12.77 39.14 2.27
C PHE A 93 11.71 40.16 2.69
N GLU A 94 11.62 41.27 1.96
CA GLU A 94 10.74 42.36 2.36
C GLU A 94 9.28 41.90 2.41
N HIS A 95 8.86 41.14 1.40
CA HIS A 95 7.48 40.66 1.33
C HIS A 95 7.18 39.66 2.41
N THR A 96 7.83 38.50 2.30
CA THR A 96 7.54 37.34 3.10
C THR A 96 7.77 37.68 4.54
N THR A 97 8.95 38.18 4.85
CA THR A 97 9.40 38.21 6.23
C THR A 97 8.86 39.42 6.97
N LYS A 98 8.34 40.44 6.28
CA LYS A 98 7.79 41.60 6.98
C LYS A 98 6.55 41.25 7.83
N PRO A 99 5.50 40.57 7.32
CA PRO A 99 4.43 40.06 8.16
C PRO A 99 4.91 39.02 9.19
N ILE A 100 6.01 38.31 8.90
CA ILE A 100 6.65 37.40 9.88
C ILE A 100 7.23 38.18 11.04
N LEU A 101 8.09 39.18 10.78
CA LEU A 101 8.74 39.91 11.85
C LEU A 101 7.69 40.55 12.74
N ARG A 102 6.72 41.24 12.15
CA ARG A 102 5.74 41.99 12.94
C ARG A 102 5.00 41.07 13.90
N SER A 103 4.51 39.95 13.40
CA SER A 103 3.90 38.90 14.23
C SER A 103 4.88 38.27 15.21
N PHE A 104 6.16 38.13 14.83
CA PHE A 104 7.17 37.55 15.68
C PHE A 104 7.49 38.45 16.88
N LEU A 105 7.61 39.76 16.61
CA LEU A 105 7.74 40.84 17.58
C LEU A 105 6.48 40.98 18.45
N ASN A 106 5.29 40.89 17.86
CA ASN A 106 4.02 40.93 18.61
C ASN A 106 3.97 39.85 19.72
N GLY A 107 4.73 38.78 19.54
CA GLY A 107 4.75 37.59 20.39
C GLY A 107 3.94 36.44 19.81
N TYR A 108 3.45 36.57 18.57
CA TYR A 108 2.81 35.48 17.83
C TYR A 108 3.91 34.62 17.25
N ASN A 109 3.91 33.32 17.58
CA ASN A 109 4.85 32.41 16.94
C ASN A 109 4.62 32.40 15.43
N CYS A 110 5.69 32.49 14.67
CA CYS A 110 5.65 32.50 13.22
C CYS A 110 6.34 31.27 12.68
N THR A 111 6.05 30.87 11.46
CA THR A 111 6.98 30.02 10.72
C THR A 111 7.00 30.43 9.26
N VAL A 112 8.14 30.19 8.63
CA VAL A 112 8.27 30.15 7.19
C VAL A 112 8.33 28.69 6.76
N LEU A 113 7.45 28.26 5.85
CA LEU A 113 7.59 27.00 5.10
C LEU A 113 8.36 27.28 3.79
N ALA A 114 9.58 26.77 3.61
CA ALA A 114 10.18 26.76 2.27
C ALA A 114 9.49 25.71 1.40
N TYR A 115 9.58 25.89 0.09
CA TYR A 115 9.44 24.81 -0.87
C TYR A 115 10.48 25.01 -1.96
N GLY A 116 10.27 24.32 -3.07
CA GLY A 116 11.10 24.39 -4.23
C GLY A 116 11.04 23.11 -4.99
N ALA A 117 11.48 23.14 -6.22
CA ALA A 117 11.67 21.90 -6.93
C ALA A 117 12.68 21.00 -6.23
N THR A 118 12.62 19.72 -6.59
CA THR A 118 13.61 18.77 -6.14
C THR A 118 15.00 19.04 -6.70
N GLY A 119 15.05 19.39 -7.97
CA GLY A 119 16.28 19.79 -8.60
C GLY A 119 16.79 21.04 -7.90
N ALA A 120 18.07 21.01 -7.51
CA ALA A 120 18.65 22.18 -6.91
C ALA A 120 18.75 23.30 -7.96
N GLY A 121 19.25 24.45 -7.55
CA GLY A 121 19.52 25.56 -8.46
C GLY A 121 18.64 26.74 -8.12
N LYS A 122 17.34 26.51 -8.15
CA LYS A 122 16.36 27.42 -7.60
C LYS A 122 16.32 27.46 -6.11
N THR A 123 16.33 26.29 -5.55
CA THR A 123 16.41 26.08 -4.10
C THR A 123 17.82 26.35 -3.59
N HIS A 124 18.83 25.99 -4.40
CA HIS A 124 20.24 26.31 -4.14
C HIS A 124 20.48 27.81 -4.04
N THR A 125 19.92 28.58 -4.98
CA THR A 125 20.06 30.04 -4.90
C THR A 125 19.03 30.67 -3.95
N MET A 126 17.92 30.00 -3.65
CA MET A 126 16.89 30.44 -2.70
C MET A 126 17.42 30.52 -1.25
N LEU A 127 18.24 29.54 -0.84
CA LEU A 127 18.67 29.33 0.54
C LEU A 127 20.18 29.18 0.60
N GLY A 128 20.79 29.73 1.63
CA GLY A 128 22.25 29.63 1.78
C GLY A 128 23.01 30.41 0.71
N SER A 129 22.32 31.04 -0.23
CA SER A 129 22.93 31.92 -1.19
C SER A 129 23.46 33.13 -0.43
N ALA A 130 24.77 33.12 -0.20
CA ALA A 130 25.47 34.24 0.41
C ALA A 130 25.46 35.45 -0.52
N ASP A 131 25.69 35.17 -1.82
CA ASP A 131 25.76 36.19 -2.87
C ASP A 131 24.40 36.83 -3.05
N GLU A 132 23.38 35.98 -3.17
CA GLU A 132 22.06 36.53 -3.11
C GLU A 132 21.85 37.13 -1.74
N PRO A 133 21.04 38.18 -1.68
CA PRO A 133 20.91 38.93 -0.44
C PRO A 133 20.44 38.07 0.73
N GLY A 134 19.72 36.98 0.45
CA GLY A 134 19.25 35.96 1.38
C GLY A 134 17.95 36.42 2.03
N VAL A 135 16.88 35.65 1.87
CA VAL A 135 15.60 35.93 2.58
C VAL A 135 15.87 35.85 4.06
N MET A 136 16.62 34.80 4.39
CA MET A 136 17.14 34.50 5.71
C MET A 136 18.14 35.54 6.23
N TYR A 137 19.05 36.07 5.41
CA TYR A 137 20.00 37.09 5.85
C TYR A 137 19.32 38.42 6.13
N LEU A 138 18.54 38.91 5.17
CA LEU A 138 17.83 40.16 5.38
C LEU A 138 16.79 40.01 6.48
N THR A 139 16.14 38.86 6.66
CA THR A 139 15.19 38.66 7.78
C THR A 139 15.82 38.44 9.12
N MET A 140 17.00 37.84 9.13
CA MET A 140 17.81 37.77 10.31
C MET A 140 18.31 39.14 10.70
N LEU A 141 18.81 39.96 9.77
CA LEU A 141 19.15 41.36 10.06
C LEU A 141 17.89 42.15 10.47
N HIS A 142 16.76 41.90 9.82
CA HIS A 142 15.52 42.64 10.05
C HIS A 142 14.99 42.44 11.43
N LEU A 143 14.89 41.17 11.81
CA LEU A 143 14.68 40.80 13.17
C LEU A 143 15.81 41.33 14.04
N TYR A 144 17.08 41.17 13.69
CA TYR A 144 18.19 41.50 14.58
C TYR A 144 18.18 42.97 14.99
N LYS A 145 17.93 43.85 14.01
CA LYS A 145 17.64 45.27 14.21
C LYS A 145 16.43 45.49 15.12
N CYS A 146 15.30 44.88 14.77
CA CYS A 146 14.08 45.07 15.54
C CYS A 146 14.25 44.58 16.99
N MET A 147 14.96 43.46 17.17
CA MET A 147 15.33 42.95 18.46
C MET A 147 16.14 43.97 19.22
N ASP A 148 17.17 44.62 18.66
CA ASP A 148 17.93 45.63 19.41
C ASP A 148 17.07 46.82 19.86
N GLU A 149 16.10 47.23 19.04
CA GLU A 149 15.20 48.33 19.37
C GLU A 149 14.21 47.94 20.47
N ILE A 150 13.75 46.69 20.44
CA ILE A 150 12.84 46.29 21.49
C ILE A 150 13.59 46.19 22.80
N LYS A 151 14.88 45.79 22.82
CA LYS A 151 15.72 45.67 24.03
C LYS A 151 16.05 47.01 24.66
N GLU A 152 16.29 48.03 23.83
CA GLU A 152 16.57 49.37 24.35
C GLU A 152 15.31 49.95 25.02
N GLU A 153 14.15 49.79 24.36
CA GLU A 153 12.92 50.40 24.88
C GLU A 153 12.40 49.58 26.05
N LYS A 154 12.35 48.27 25.83
CA LYS A 154 11.83 47.25 26.73
C LYS A 154 12.96 46.25 27.03
N ILE A 155 12.94 45.48 28.12
CA ILE A 155 13.88 44.36 28.23
C ILE A 155 13.40 43.23 27.32
N CYS A 156 14.04 43.04 26.18
CA CYS A 156 13.80 41.88 25.34
C CYS A 156 15.00 40.95 25.42
N SER A 157 14.73 39.67 25.60
CA SER A 157 15.79 38.67 25.48
C SER A 157 15.36 37.68 24.44
N THR A 158 16.29 37.11 23.72
CA THR A 158 15.98 36.08 22.74
C THR A 158 16.93 34.92 22.96
N ALA A 159 16.66 33.83 22.27
CA ALA A 159 17.66 32.81 22.04
C ALA A 159 17.48 32.23 20.63
N VAL A 160 18.47 31.53 20.06
CA VAL A 160 18.27 30.76 18.82
C VAL A 160 18.73 29.33 18.97
N SER A 161 18.12 28.43 18.20
CA SER A 161 18.64 27.09 17.93
C SER A 161 18.69 26.80 16.43
N TYR A 162 19.45 25.81 16.05
CA TYR A 162 19.47 25.30 14.67
C TYR A 162 19.48 23.78 14.74
N LEU A 163 18.45 23.10 14.23
CA LEU A 163 18.42 21.62 14.17
C LEU A 163 18.19 21.13 12.74
N GLU A 164 18.52 19.88 12.43
CA GLU A 164 18.07 19.20 11.21
C GLU A 164 17.19 18.00 11.56
N VAL A 165 16.41 17.56 10.57
CA VAL A 165 15.77 16.24 10.50
C VAL A 165 16.36 15.46 9.33
N TYR A 166 17.41 14.72 9.65
CA TYR A 166 18.00 13.70 8.80
C TYR A 166 17.67 12.33 9.40
N ASN A 167 17.39 11.33 8.59
CA ASN A 167 16.96 10.02 9.06
C ASN A 167 15.75 10.00 10.03
N GLU A 168 14.90 11.04 10.02
CA GLU A 168 13.89 11.36 11.06
C GLU A 168 14.48 11.49 12.50
N GLN A 169 15.79 11.40 12.70
CA GLN A 169 16.39 11.86 13.95
C GLN A 169 16.65 13.37 13.89
N ILE A 170 16.20 14.05 14.93
CA ILE A 170 16.57 15.44 15.14
C ILE A 170 18.03 15.47 15.60
N ARG A 171 18.87 16.17 14.84
CA ARG A 171 20.19 16.63 15.28
C ARG A 171 20.15 18.12 15.58
N ASP A 172 20.65 18.55 16.74
CA ASP A 172 21.15 19.93 16.84
C ASP A 172 22.37 20.13 15.93
N LEU A 173 22.44 21.29 15.26
CA LEU A 173 23.56 21.77 14.45
C LEU A 173 24.57 22.56 15.27
N LEU A 174 24.13 23.29 16.29
CA LEU A 174 25.02 24.04 17.18
C LEU A 174 25.95 23.07 17.92
N VAL A 175 25.41 22.24 18.82
CA VAL A 175 26.17 21.21 19.52
C VAL A 175 26.02 19.90 18.75
N ASN A 176 27.08 19.10 18.70
CA ASN A 176 26.95 17.68 18.34
C ASN A 176 26.12 16.95 19.41
N SER A 177 24.81 16.88 19.20
CA SER A 177 23.90 16.02 19.97
C SER A 177 23.82 14.63 19.35
N GLY A 178 23.20 13.68 20.07
CA GLY A 178 22.60 12.47 19.49
C GLY A 178 21.08 12.59 19.30
N PRO A 179 20.34 11.49 19.05
CA PRO A 179 18.90 11.55 18.85
C PRO A 179 18.24 12.26 20.04
N LEU A 180 17.63 13.43 19.81
CA LEU A 180 16.96 14.11 20.90
C LEU A 180 15.81 13.25 21.39
N ALA A 181 15.76 12.96 22.69
CA ALA A 181 14.64 12.25 23.26
C ALA A 181 13.44 13.18 23.30
N VAL A 182 12.25 12.60 23.31
CA VAL A 182 11.02 13.35 23.41
C VAL A 182 10.55 13.33 24.85
N ARG A 183 10.21 14.51 25.39
CA ARG A 183 9.40 14.66 26.60
C ARG A 183 8.25 15.62 26.29
N GLU A 184 7.37 15.84 27.26
CA GLU A 184 6.26 16.78 27.20
C GLU A 184 6.24 17.57 28.52
N ASP A 185 6.08 18.89 28.46
CA ASP A 185 6.12 19.72 29.66
C ASP A 185 4.81 19.67 30.47
N THR A 186 4.53 20.69 31.28
CA THR A 186 3.18 20.88 31.85
C THR A 186 2.14 21.20 30.78
N GLN A 187 2.45 22.15 29.89
CA GLN A 187 1.67 22.36 28.68
C GLN A 187 1.61 21.09 27.84
N LYS A 188 2.64 20.24 27.97
CA LYS A 188 2.88 19.04 27.18
C LYS A 188 3.12 19.34 25.70
N GLY A 189 3.37 20.61 25.37
CA GLY A 189 3.92 21.00 24.08
C GLY A 189 5.20 20.21 23.87
N VAL A 190 5.17 19.31 22.90
CA VAL A 190 6.16 18.23 22.83
C VAL A 190 7.54 18.83 22.65
N VAL A 191 8.45 18.46 23.54
CA VAL A 191 9.82 18.95 23.55
C VAL A 191 10.76 17.82 23.21
N VAL A 192 11.61 18.09 22.25
CA VAL A 192 12.88 17.39 22.14
C VAL A 192 13.89 18.06 23.09
N HIS A 193 14.17 17.41 24.22
CA HIS A 193 15.13 17.96 25.19
C HIS A 193 16.52 18.01 24.59
N GLY A 194 17.48 18.57 25.32
CA GLY A 194 18.90 18.52 24.92
C GLY A 194 19.23 19.54 23.85
N LEU A 195 18.23 20.29 23.37
CA LEU A 195 18.50 21.44 22.55
C LEU A 195 19.26 22.48 23.38
N THR A 196 20.28 23.08 22.78
CA THR A 196 20.97 24.24 23.34
C THR A 196 20.65 25.45 22.51
N LEU A 197 20.38 26.56 23.18
CA LEU A 197 20.24 27.85 22.55
C LEU A 197 21.23 28.79 23.22
N HIS A 198 21.87 29.62 22.40
CA HIS A 198 22.58 30.78 22.90
C HIS A 198 21.79 32.03 22.56
N GLN A 199 21.96 33.08 23.37
CA GLN A 199 21.38 34.35 23.01
C GLN A 199 22.14 34.97 21.82
N PRO A 200 21.40 35.49 20.82
CA PRO A 200 21.91 36.29 19.72
C PRO A 200 22.69 37.50 20.23
N LYS A 201 24.03 37.44 20.14
CA LYS A 201 24.88 38.61 20.44
C LYS A 201 24.71 39.63 19.31
N SER A 202 25.35 39.35 18.19
CA SER A 202 25.14 39.98 16.89
C SER A 202 24.57 38.97 15.89
N SER A 203 24.21 39.45 14.70
CA SER A 203 24.09 38.58 13.52
C SER A 203 25.35 37.74 13.31
N GLU A 204 26.57 38.26 13.54
CA GLU A 204 27.83 37.48 13.44
C GLU A 204 27.82 36.20 14.29
N GLU A 205 27.33 36.26 15.53
CA GLU A 205 27.24 35.04 16.33
C GLU A 205 26.31 34.01 15.70
N ILE A 206 25.14 34.48 15.23
CA ILE A 206 24.24 33.64 14.46
C ILE A 206 24.96 33.04 13.25
N LEU A 207 25.73 33.84 12.49
CA LEU A 207 26.49 33.35 11.33
C LEU A 207 27.43 32.20 11.71
N HIS A 208 28.06 32.24 12.89
CA HIS A 208 28.87 31.13 13.37
C HIS A 208 28.03 29.86 13.59
N LEU A 209 26.84 29.97 14.18
CA LEU A 209 25.89 28.84 14.29
C LEU A 209 25.41 28.34 12.92
N LEU A 210 25.15 29.25 11.97
CA LEU A 210 24.82 28.88 10.59
C LEU A 210 25.98 28.11 9.95
N ASP A 211 27.22 28.58 10.07
CA ASP A 211 28.42 27.92 9.54
C ASP A 211 28.63 26.55 10.18
N ASN A 212 28.74 26.48 11.52
CA ASN A 212 28.78 25.23 12.32
C ASN A 212 27.73 24.24 11.88
N GLY A 213 26.50 24.72 11.77
CA GLY A 213 25.42 23.89 11.36
C GLY A 213 25.56 23.43 9.92
N ASN A 214 25.72 24.34 8.98
CA ASN A 214 25.72 24.07 7.56
C ASN A 214 26.82 23.07 7.17
N LYS A 215 28.00 23.13 7.81
CA LYS A 215 29.05 22.09 7.73
C LYS A 215 28.79 20.83 8.58
N ASN A 216 27.98 20.90 9.64
CA ASN A 216 27.61 19.75 10.48
C ASN A 216 26.74 18.76 9.70
N ARG A 217 25.71 19.26 8.99
CA ARG A 217 25.02 18.37 8.06
C ARG A 217 25.99 17.93 6.97
N THR A 218 25.91 16.68 6.57
CA THR A 218 26.59 16.17 5.38
C THR A 218 25.88 16.64 4.09
N GLN A 219 26.65 16.79 3.00
CA GLN A 219 26.12 16.68 1.64
C GLN A 219 25.38 15.35 1.48
N HIS A 220 24.50 15.23 0.48
CA HIS A 220 23.99 13.89 0.11
C HIS A 220 24.85 13.29 -1.01
N PRO A 221 25.56 12.16 -0.81
CA PRO A 221 26.47 11.62 -1.83
C PRO A 221 25.80 11.06 -3.09
N THR A 222 24.48 10.83 -3.04
CA THR A 222 23.69 10.41 -4.23
C THR A 222 23.62 11.53 -5.26
N ASP A 223 23.47 11.17 -6.55
CA ASP A 223 23.46 12.10 -7.68
C ASP A 223 24.73 12.99 -7.71
N MET A 224 24.63 14.22 -8.20
CA MET A 224 25.56 15.25 -7.71
C MET A 224 25.41 15.41 -6.19
N ASN A 225 26.54 15.63 -5.52
CA ASN A 225 26.54 16.01 -4.11
C ASN A 225 25.90 17.39 -3.91
N ALA A 226 24.67 17.39 -3.40
CA ALA A 226 23.96 18.60 -2.99
C ALA A 226 24.40 19.01 -1.58
N THR A 227 23.97 20.18 -1.09
CA THR A 227 23.96 20.44 0.36
C THR A 227 23.11 19.38 1.09
N SER A 228 22.91 19.61 2.39
CA SER A 228 21.81 18.99 3.12
C SER A 228 20.42 19.47 2.69
N SER A 229 20.08 19.23 1.42
CA SER A 229 18.77 19.49 0.81
C SER A 229 17.78 18.42 1.27
N ARG A 230 18.14 17.14 1.08
CA ARG A 230 17.31 15.98 1.44
C ARG A 230 16.97 15.94 2.94
N SER A 231 17.93 16.25 3.81
CA SER A 231 17.57 16.54 5.20
C SER A 231 16.86 17.89 5.32
N HIS A 232 15.83 17.91 6.16
CA HIS A 232 15.17 19.14 6.52
C HIS A 232 16.06 19.95 7.49
N ALA A 233 16.54 21.13 7.10
CA ALA A 233 17.16 22.03 8.07
C ALA A 233 16.08 22.87 8.71
N VAL A 234 16.19 23.09 10.00
CA VAL A 234 15.35 24.02 10.73
C VAL A 234 16.24 25.06 11.33
N PHE A 235 15.87 26.30 11.10
CA PHE A 235 16.33 27.36 11.97
C PHE A 235 15.26 27.73 12.96
N GLN A 236 15.60 27.96 14.22
CA GLN A 236 14.70 28.46 15.23
C GLN A 236 15.25 29.76 15.81
N ILE A 237 14.38 30.74 15.97
CA ILE A 237 14.67 31.90 16.80
C ILE A 237 13.52 32.07 17.77
N TYR A 238 13.86 32.30 19.03
CA TYR A 238 12.88 32.52 20.08
C TYR A 238 13.00 33.94 20.55
N LEU A 239 11.92 34.67 20.39
CA LEU A 239 11.84 36.00 20.92
C LEU A 239 11.22 35.88 22.28
N ARG A 240 11.76 36.60 23.27
CA ARG A 240 11.19 36.84 24.60
C ARG A 240 11.13 38.32 24.97
N GLN A 241 9.93 38.88 25.08
CA GLN A 241 9.76 40.30 25.37
C GLN A 241 9.16 40.49 26.74
N GLN A 242 9.89 41.22 27.55
CA GLN A 242 9.29 41.91 28.66
C GLN A 242 9.25 43.36 28.28
N ASP A 243 8.27 44.08 28.77
CA ASP A 243 8.10 45.49 28.58
C ASP A 243 8.74 46.27 29.73
N LYS A 244 9.63 47.20 29.42
CA LYS A 244 10.00 48.24 30.41
C LYS A 244 8.89 49.21 30.67
N THR A 245 8.12 49.52 29.64
CA THR A 245 6.95 50.38 29.75
C THR A 245 5.87 49.73 30.60
N ALA A 246 5.54 48.46 30.32
CA ALA A 246 4.67 47.72 31.21
C ALA A 246 5.39 47.50 32.55
N SER A 247 4.64 47.08 33.56
CA SER A 247 5.26 46.76 34.83
C SER A 247 6.30 45.66 34.64
N ILE A 248 7.31 45.63 35.51
CA ILE A 248 8.29 44.55 35.50
C ILE A 248 7.60 43.20 35.65
N ASN A 249 6.73 43.10 36.66
CA ASN A 249 5.88 41.95 36.82
C ASN A 249 4.76 42.04 35.79
N GLN A 250 4.92 41.26 34.74
CA GLN A 250 3.92 41.09 33.70
C GLN A 250 4.07 39.68 33.14
N ASN A 251 3.11 39.31 32.30
CA ASN A 251 3.35 38.22 31.38
C ASN A 251 4.49 38.59 30.45
N VAL A 252 5.28 37.58 30.15
CA VAL A 252 6.21 37.60 29.05
C VAL A 252 5.54 37.10 27.79
N ARG A 253 5.76 37.77 26.65
CA ARG A 253 5.39 37.19 25.37
C ARG A 253 6.62 36.55 24.79
N ILE A 254 6.47 35.31 24.35
CA ILE A 254 7.46 34.69 23.51
C ILE A 254 6.79 34.26 22.24
N ALA A 255 7.49 34.44 21.13
CA ALA A 255 7.17 33.71 19.94
C ALA A 255 8.30 32.71 19.68
N LYS A 256 7.97 31.67 18.92
CA LYS A 256 8.95 30.89 18.19
C LYS A 256 8.85 31.25 16.74
N MET A 257 9.98 31.45 16.08
CA MET A 257 10.03 31.42 14.63
C MET A 257 10.84 30.24 14.17
N SER A 258 10.40 29.62 13.08
CA SER A 258 11.21 28.65 12.39
C SER A 258 11.22 28.84 10.89
N LEU A 259 12.38 28.59 10.28
CA LEU A 259 12.51 28.46 8.83
C LEU A 259 12.92 27.04 8.59
N ILE A 260 12.26 26.38 7.63
CA ILE A 260 12.55 24.99 7.32
C ILE A 260 13.00 24.90 5.86
N ASP A 261 14.23 24.45 5.56
CA ASP A 261 14.50 23.96 4.21
C ASP A 261 14.06 22.50 4.14
N LEU A 262 13.30 22.16 3.11
CA LEU A 262 12.86 20.79 2.88
C LEU A 262 13.64 20.20 1.72
N ALA A 263 13.57 18.88 1.66
CA ALA A 263 13.98 18.20 0.46
C ALA A 263 13.05 18.46 -0.69
N GLY A 264 13.59 18.08 -1.84
CA GLY A 264 12.77 17.74 -2.97
C GLY A 264 12.25 16.33 -2.91
N SER A 265 11.23 16.07 -3.71
CA SER A 265 10.75 14.71 -3.88
C SER A 265 11.69 13.87 -4.72
N GLU A 266 11.75 12.57 -4.44
CA GLU A 266 12.50 11.62 -5.22
C GLU A 266 11.62 10.84 -6.22
N ARG A 267 12.08 10.80 -7.48
CA ARG A 267 11.68 9.83 -8.52
C ARG A 267 12.25 8.43 -8.25
N ALA A 268 11.90 7.45 -9.08
CA ALA A 268 12.54 6.12 -9.10
C ALA A 268 14.07 6.16 -9.22
N SER A 269 14.57 6.93 -10.18
CA SER A 269 15.99 7.06 -10.49
C SER A 269 16.76 7.74 -9.34
N THR A 270 16.23 8.85 -8.84
CA THR A 270 16.85 9.70 -7.81
C THR A 270 16.81 9.01 -6.43
N SER A 271 15.72 8.28 -6.17
CA SER A 271 15.67 7.21 -5.19
C SER A 271 16.76 6.17 -5.55
N GLY A 272 16.40 5.19 -6.37
CA GLY A 272 17.22 4.04 -6.72
C GLY A 272 16.94 2.85 -5.81
N ALA A 273 17.34 1.67 -6.25
CA ALA A 273 17.32 0.47 -5.40
C ALA A 273 18.30 0.57 -4.22
N LYS A 274 19.42 1.31 -4.41
CA LYS A 274 20.62 1.24 -3.56
C LYS A 274 20.25 1.30 -2.08
N GLY A 275 20.93 0.50 -1.26
CA GLY A 275 20.77 0.52 0.19
C GLY A 275 21.31 1.80 0.85
N THR A 276 22.24 2.48 0.19
CA THR A 276 22.86 3.71 0.73
C THR A 276 21.89 4.87 0.76
N ARG A 277 21.29 5.19 -0.40
CA ARG A 277 20.16 6.11 -0.40
C ARG A 277 19.07 5.56 0.50
N PHE A 278 19.01 4.24 0.68
CA PHE A 278 17.77 3.54 0.98
C PHE A 278 17.17 4.02 2.28
N VAL A 279 18.02 4.07 3.29
CA VAL A 279 17.62 4.54 4.60
C VAL A 279 17.18 5.99 4.51
N GLU A 280 18.01 6.81 3.89
CA GLU A 280 17.78 8.24 3.83
C GLU A 280 16.47 8.55 3.13
N GLY A 281 16.28 7.95 1.95
CA GLY A 281 15.07 8.12 1.16
C GLY A 281 13.83 7.63 1.90
N THR A 282 13.90 6.54 2.66
CA THR A 282 12.75 6.11 3.49
C THR A 282 12.41 7.16 4.51
N ASN A 283 13.41 7.77 5.14
CA ASN A 283 13.19 8.82 6.11
C ASN A 283 12.57 10.04 5.47
N ILE A 284 13.08 10.47 4.32
CA ILE A 284 12.56 11.61 3.58
C ILE A 284 11.14 11.32 3.07
N ASN A 285 10.88 10.22 2.34
CA ASN A 285 9.58 9.86 1.78
C ASN A 285 8.44 9.86 2.83
N ARG A 286 8.65 9.22 4.00
CA ARG A 286 7.68 9.29 5.11
C ARG A 286 7.61 10.69 5.74
N SER A 287 8.72 11.41 5.90
CA SER A 287 8.73 12.80 6.38
C SER A 287 7.92 13.67 5.42
N LEU A 288 8.18 13.64 4.11
CA LEU A 288 7.46 14.39 3.07
C LEU A 288 5.97 14.04 3.06
N LEU A 289 5.64 12.75 3.12
CA LEU A 289 4.26 12.31 3.10
C LEU A 289 3.56 12.74 4.36
N ALA A 290 4.04 12.33 5.54
CA ALA A 290 3.41 12.66 6.80
C ALA A 290 3.36 14.18 6.99
N LEU A 291 4.43 14.91 6.66
CA LEU A 291 4.48 16.37 6.70
C LEU A 291 3.48 16.99 5.74
N GLY A 292 3.55 16.70 4.44
CA GLY A 292 2.62 17.22 3.44
C GLY A 292 1.17 16.81 3.68
N ASN A 293 0.92 15.61 4.21
CA ASN A 293 -0.39 15.17 4.67
C ASN A 293 -0.85 16.00 5.87
N VAL A 294 0.05 16.29 6.82
CA VAL A 294 -0.19 17.27 7.90
C VAL A 294 -0.36 18.69 7.35
N ILE A 295 0.27 19.12 6.24
CA ILE A 295 0.01 20.43 5.61
C ILE A 295 -1.39 20.50 4.98
N ASN A 296 -1.82 19.42 4.32
CA ASN A 296 -3.16 19.31 3.75
C ASN A 296 -4.23 19.28 4.86
N ALA A 297 -3.98 18.47 5.90
CA ALA A 297 -4.74 18.43 7.14
C ALA A 297 -4.67 19.73 7.95
N LEU A 298 -3.60 20.52 7.77
CA LEU A 298 -3.41 21.82 8.42
C LEU A 298 -4.41 22.79 7.82
N ALA A 299 -4.46 22.88 6.48
CA ALA A 299 -5.48 23.64 5.75
C ALA A 299 -6.90 23.18 6.07
N ASP A 300 -7.13 21.87 6.23
CA ASP A 300 -8.43 21.39 6.71
C ASP A 300 -8.69 21.81 8.15
N SER A 301 -7.67 21.87 8.99
CA SER A 301 -7.78 22.34 10.38
C SER A 301 -7.78 23.84 10.58
N LYS A 302 -7.65 24.62 9.50
CA LYS A 302 -8.11 26.01 9.48
C LYS A 302 -9.63 26.12 9.52
N ARG A 303 -10.36 25.08 9.07
CA ARG A 303 -11.71 24.75 9.56
C ARG A 303 -11.69 23.98 10.89
N LYS A 304 -11.05 22.80 10.88
CA LYS A 304 -11.08 21.75 11.91
C LYS A 304 -10.22 22.11 13.14
N ASN A 305 -9.64 21.10 13.79
CA ASN A 305 -9.21 21.15 15.20
C ASN A 305 -8.21 20.00 15.49
N GLN A 306 -8.40 19.30 16.61
CA GLN A 306 -7.72 18.04 16.99
C GLN A 306 -7.66 16.94 15.92
N HIS A 307 -8.50 17.02 14.87
CA HIS A 307 -8.41 16.19 13.66
C HIS A 307 -6.98 16.01 13.17
N ILE A 308 -6.30 17.13 12.92
CA ILE A 308 -5.01 17.11 12.27
C ILE A 308 -4.04 16.27 13.12
N PRO A 309 -3.54 15.12 12.60
CA PRO A 309 -2.70 14.26 13.40
C PRO A 309 -1.30 14.86 13.49
N TYR A 310 -1.03 15.57 14.58
CA TYR A 310 0.31 16.05 14.90
C TYR A 310 1.28 14.88 15.00
N ARG A 311 0.80 13.75 15.56
CA ARG A 311 1.59 12.58 15.95
C ARG A 311 2.24 11.85 14.78
N ASN A 312 1.75 12.00 13.54
CA ASN A 312 2.22 11.25 12.36
C ASN A 312 3.73 11.33 12.09
N SER A 313 4.38 12.43 12.48
CA SER A 313 5.84 12.59 12.49
C SER A 313 6.28 13.33 13.76
N LYS A 314 7.56 13.21 14.12
CA LYS A 314 8.15 13.96 15.24
C LYS A 314 8.11 15.45 14.98
N LEU A 315 8.67 15.88 13.83
CA LEU A 315 8.74 17.29 13.51
C LEU A 315 7.35 17.84 13.21
N THR A 316 6.46 17.09 12.56
CA THR A 316 5.07 17.56 12.29
C THR A 316 4.29 17.86 13.57
N ARG A 317 4.65 17.18 14.66
CA ARG A 317 4.11 17.50 15.98
C ARG A 317 4.63 18.82 16.53
N LEU A 318 5.92 19.11 16.43
CA LEU A 318 6.42 20.46 16.70
C LEU A 318 5.88 21.52 15.70
N LEU A 319 5.62 21.15 14.45
CA LEU A 319 5.03 22.04 13.46
C LEU A 319 3.62 22.47 13.85
N LYS A 320 2.86 21.63 14.56
CA LYS A 320 1.60 22.06 15.20
C LYS A 320 1.80 23.28 16.06
N ASP A 321 2.86 23.31 16.87
CA ASP A 321 3.05 24.39 17.83
C ASP A 321 3.24 25.71 17.08
N SER A 322 4.02 25.70 15.98
CA SER A 322 4.36 26.88 15.17
C SER A 322 3.29 27.29 14.16
N LEU A 323 2.88 26.35 13.30
CA LEU A 323 1.96 26.51 12.16
C LEU A 323 0.49 26.40 12.58
N GLY A 324 0.22 25.49 13.52
CA GLY A 324 -1.03 25.44 14.25
C GLY A 324 -1.18 26.62 15.22
N GLY A 325 -2.39 26.74 15.77
CA GLY A 325 -2.92 28.05 16.19
C GLY A 325 -3.30 28.95 15.00
N ASN A 326 -3.87 30.12 15.32
CA ASN A 326 -4.15 31.22 14.38
C ASN A 326 -2.92 32.12 14.09
N CYS A 327 -1.72 31.58 14.24
CA CYS A 327 -0.45 32.23 13.97
C CYS A 327 -0.28 32.64 12.51
N GLN A 328 0.31 33.81 12.26
CA GLN A 328 0.66 34.22 10.90
C GLN A 328 1.74 33.29 10.33
N THR A 329 1.41 32.63 9.23
CA THR A 329 2.31 31.74 8.50
C THR A 329 2.46 32.24 7.09
N ILE A 330 3.60 31.94 6.50
CA ILE A 330 3.79 32.01 5.07
C ILE A 330 4.53 30.79 4.55
N MET A 331 4.07 30.33 3.40
CA MET A 331 4.85 29.48 2.52
C MET A 331 5.54 30.30 1.45
N ILE A 332 6.86 30.11 1.31
CA ILE A 332 7.60 30.40 0.09
C ILE A 332 7.91 29.13 -0.66
N ALA A 333 7.16 28.83 -1.72
CA ALA A 333 7.68 27.95 -2.75
C ALA A 333 8.78 28.61 -3.58
N ALA A 334 9.78 27.81 -3.98
CA ALA A 334 10.63 28.11 -5.12
C ALA A 334 10.00 27.55 -6.40
N VAL A 335 10.21 28.25 -7.50
CA VAL A 335 10.01 27.73 -8.85
C VAL A 335 11.14 28.16 -9.74
N SER A 336 11.66 27.22 -10.54
CA SER A 336 12.54 27.57 -11.66
C SER A 336 11.71 27.65 -12.92
N PRO A 337 12.14 28.46 -13.89
CA PRO A 337 11.56 28.44 -15.22
C PRO A 337 12.08 27.28 -16.10
N SER A 338 13.15 26.55 -15.71
CA SER A 338 13.72 25.54 -16.61
C SER A 338 12.72 24.43 -16.92
N SER A 339 12.90 23.81 -18.08
CA SER A 339 12.16 22.61 -18.44
C SER A 339 12.45 21.44 -17.50
N VAL A 340 13.63 21.37 -16.89
CA VAL A 340 13.91 20.29 -15.92
C VAL A 340 12.92 20.33 -14.76
N PHE A 341 12.61 21.55 -14.32
CA PHE A 341 11.65 21.81 -13.28
C PHE A 341 10.22 21.52 -13.68
N TYR A 342 9.94 21.15 -14.94
CA TYR A 342 8.61 20.81 -15.45
C TYR A 342 7.83 19.96 -14.45
N ASP A 343 8.41 18.84 -14.07
CA ASP A 343 7.82 17.87 -13.16
C ASP A 343 7.79 18.41 -11.73
N ASP A 344 8.96 18.85 -11.28
CA ASP A 344 9.19 19.10 -9.87
C ASP A 344 8.39 20.32 -9.40
N THR A 345 8.57 21.44 -10.09
CA THR A 345 7.84 22.67 -9.82
C THR A 345 6.34 22.51 -10.04
N TYR A 346 5.91 21.73 -11.04
CA TYR A 346 4.49 21.43 -11.18
C TYR A 346 3.93 20.63 -10.01
N ASN A 347 4.62 19.60 -9.53
CA ASN A 347 4.24 18.83 -8.35
C ASN A 347 4.22 19.69 -7.09
N THR A 348 5.20 20.60 -6.93
CA THR A 348 5.24 21.47 -5.76
C THR A 348 4.17 22.56 -5.80
N LEU A 349 3.88 23.12 -6.98
CA LEU A 349 2.74 24.03 -7.14
C LEU A 349 1.44 23.30 -6.93
N LYS A 350 1.28 22.11 -7.51
CA LYS A 350 0.15 21.22 -7.28
C LYS A 350 -0.04 20.99 -5.79
N TYR A 351 1.01 20.65 -5.04
CA TYR A 351 0.81 20.23 -3.65
C TYR A 351 0.52 21.42 -2.73
N ALA A 352 1.26 22.52 -2.93
CA ALA A 352 1.05 23.77 -2.22
C ALA A 352 -0.34 24.36 -2.44
N ASN A 353 -0.76 24.45 -3.71
CA ASN A 353 -2.08 24.93 -4.12
C ASN A 353 -3.19 23.95 -3.72
N ARG A 354 -2.96 22.63 -3.72
CA ARG A 354 -3.97 21.62 -3.36
C ARG A 354 -4.54 21.88 -1.97
N ALA A 355 -3.68 22.13 -0.99
CA ALA A 355 -4.10 22.45 0.38
C ALA A 355 -4.87 23.78 0.49
N LYS A 356 -4.53 24.79 -0.32
CA LYS A 356 -5.34 26.01 -0.42
C LYS A 356 -6.73 25.73 -1.00
N ASP A 357 -6.75 25.06 -2.15
CA ASP A 357 -7.91 24.89 -3.03
C ASP A 357 -8.98 24.00 -2.40
N ILE A 358 -8.56 22.92 -1.74
CA ILE A 358 -9.49 22.11 -0.96
C ILE A 358 -10.05 22.95 0.21
N LYS A 359 -11.36 23.15 0.15
CA LYS A 359 -12.15 23.65 1.27
C LYS A 359 -13.47 22.90 1.28
N SER A 360 -13.76 22.29 2.43
CA SER A 360 -15.11 21.89 2.88
C SER A 360 -15.34 22.24 4.36
N ARG B 2 4.66 -11.51 -38.62
CA ARG B 2 3.90 -12.78 -38.63
C ARG B 2 3.53 -13.22 -37.22
N GLU B 3 4.50 -13.47 -36.33
CA GLU B 3 4.18 -13.93 -34.97
C GLU B 3 3.75 -12.80 -34.05
N CYS B 4 3.32 -13.17 -32.85
CA CYS B 4 3.04 -12.29 -31.73
C CYS B 4 3.50 -13.02 -30.46
N ILE B 5 4.57 -12.52 -29.82
CA ILE B 5 4.97 -13.00 -28.48
C ILE B 5 3.81 -12.78 -27.52
N SER B 6 3.85 -13.37 -26.33
CA SER B 6 3.00 -12.97 -25.21
C SER B 6 3.78 -12.85 -23.90
N ILE B 7 3.33 -11.93 -23.04
CA ILE B 7 3.95 -11.68 -21.73
C ILE B 7 2.88 -11.67 -20.64
N HIS B 8 2.74 -12.82 -20.00
CA HIS B 8 1.77 -13.07 -18.95
C HIS B 8 2.33 -12.61 -17.61
N VAL B 9 1.84 -11.47 -17.12
CA VAL B 9 2.33 -10.81 -15.91
C VAL B 9 1.31 -10.79 -14.79
N GLY B 10 1.81 -10.97 -13.57
CA GLY B 10 1.00 -11.03 -12.38
C GLY B 10 0.38 -12.42 -12.26
N GLN B 11 0.06 -12.83 -11.04
CA GLN B 11 -0.53 -14.14 -10.81
C GLN B 11 -1.70 -14.39 -11.74
N ALA B 12 -2.69 -13.50 -11.74
CA ALA B 12 -3.88 -13.63 -12.57
C ALA B 12 -3.59 -13.65 -14.08
N GLY B 13 -2.71 -12.77 -14.58
CA GLY B 13 -2.17 -12.79 -15.96
C GLY B 13 -1.44 -14.09 -16.33
N VAL B 14 -0.98 -14.85 -15.33
CA VAL B 14 -0.39 -16.19 -15.45
C VAL B 14 -1.44 -17.31 -15.32
N GLN B 15 -2.50 -17.17 -14.51
CA GLN B 15 -3.59 -18.16 -14.41
C GLN B 15 -4.45 -18.20 -15.69
N ILE B 16 -4.84 -17.01 -16.17
CA ILE B 16 -5.41 -16.79 -17.51
C ILE B 16 -4.41 -17.24 -18.59
N GLY B 17 -3.11 -17.07 -18.33
CA GLY B 17 -2.04 -17.44 -19.24
C GLY B 17 -2.00 -18.93 -19.45
N ASN B 18 -1.96 -19.70 -18.37
CA ASN B 18 -2.05 -21.17 -18.36
C ASN B 18 -3.31 -21.68 -19.06
N ALA B 19 -4.43 -20.96 -18.96
CA ALA B 19 -5.69 -21.32 -19.60
C ALA B 19 -5.80 -21.00 -21.10
N CYS B 20 -5.45 -19.78 -21.52
CA CYS B 20 -5.27 -19.44 -22.94
C CYS B 20 -4.22 -20.37 -23.59
N TRP B 21 -3.16 -20.70 -22.85
CA TRP B 21 -2.12 -21.62 -23.30
C TRP B 21 -2.57 -23.09 -23.35
N GLU B 22 -3.53 -23.47 -22.51
CA GLU B 22 -4.15 -24.79 -22.53
C GLU B 22 -5.01 -24.96 -23.78
N LEU B 23 -5.92 -24.01 -24.03
CA LEU B 23 -6.82 -24.05 -25.18
C LEU B 23 -6.08 -24.12 -26.52
N TYR B 24 -4.90 -23.50 -26.59
CA TYR B 24 -4.04 -23.52 -27.77
C TYR B 24 -3.62 -24.92 -28.20
N CYS B 25 -2.84 -25.62 -27.37
CA CYS B 25 -2.37 -26.95 -27.75
C CYS B 25 -3.53 -27.94 -28.01
N LEU B 26 -4.65 -27.71 -27.32
CA LEU B 26 -5.87 -28.49 -27.38
C LEU B 26 -6.55 -28.41 -28.77
N GLU B 27 -6.42 -27.27 -29.46
CA GLU B 27 -6.91 -27.05 -30.83
C GLU B 27 -5.81 -27.15 -31.89
N HIS B 28 -4.59 -27.55 -31.51
CA HIS B 28 -3.44 -27.69 -32.41
C HIS B 28 -2.81 -29.09 -32.37
N GLY B 29 -3.41 -30.04 -31.64
CA GLY B 29 -2.97 -31.44 -31.55
C GLY B 29 -1.58 -31.61 -30.92
N ILE B 30 -1.14 -30.66 -30.09
CA ILE B 30 0.18 -30.69 -29.43
C ILE B 30 -0.03 -31.02 -27.94
N GLN B 31 0.01 -32.30 -27.61
CA GLN B 31 -0.17 -32.81 -26.23
C GLN B 31 0.91 -32.25 -25.24
N PRO B 32 0.86 -32.56 -23.91
CA PRO B 32 1.75 -32.01 -22.87
C PRO B 32 3.20 -31.73 -23.27
N ASP B 33 3.84 -32.70 -23.92
CA ASP B 33 5.20 -32.64 -24.43
C ASP B 33 5.17 -32.82 -25.95
N GLY B 34 5.19 -31.72 -26.70
CA GLY B 34 5.34 -31.75 -28.15
C GLY B 34 6.73 -31.26 -28.56
N HIS B 61 5.47 -28.63 -29.09
CA HIS B 61 6.66 -28.02 -29.66
C HIS B 61 7.42 -27.18 -28.62
N VAL B 62 7.26 -25.86 -28.69
CA VAL B 62 7.84 -24.82 -27.84
C VAL B 62 6.82 -23.65 -27.84
N PRO B 63 6.54 -23.02 -26.69
CA PRO B 63 5.71 -21.84 -26.57
C PRO B 63 6.39 -20.62 -27.18
N ARG B 64 5.73 -19.46 -27.09
CA ARG B 64 6.20 -18.24 -27.76
C ARG B 64 6.03 -17.02 -26.86
N ALA B 65 6.16 -17.23 -25.56
CA ALA B 65 5.72 -16.31 -24.52
C ALA B 65 6.63 -16.35 -23.30
N VAL B 66 6.33 -15.53 -22.30
CA VAL B 66 7.00 -15.54 -21.00
C VAL B 66 5.98 -15.33 -19.88
N PHE B 67 6.41 -15.63 -18.66
CA PHE B 67 5.62 -15.50 -17.45
C PHE B 67 6.40 -14.71 -16.41
N VAL B 68 5.76 -13.73 -15.79
CA VAL B 68 6.40 -12.83 -14.83
C VAL B 68 5.56 -12.70 -13.57
N ASP B 69 6.20 -12.91 -12.42
CA ASP B 69 5.61 -12.65 -11.11
C ASP B 69 6.69 -12.41 -10.05
N LEU B 70 6.35 -11.59 -9.06
CA LEU B 70 7.17 -11.32 -7.87
C LEU B 70 6.69 -12.19 -6.68
N GLU B 71 5.86 -13.18 -6.97
CA GLU B 71 5.52 -14.27 -6.07
C GLU B 71 5.90 -15.62 -6.70
N PRO B 72 6.89 -16.35 -6.16
CA PRO B 72 7.37 -17.57 -6.79
C PRO B 72 6.29 -18.66 -6.88
N THR B 73 5.49 -18.80 -5.80
CA THR B 73 4.51 -19.90 -5.63
C THR B 73 3.52 -19.99 -6.79
N VAL B 74 3.22 -18.89 -7.49
CA VAL B 74 2.28 -18.92 -8.61
C VAL B 74 2.90 -19.39 -9.91
N ILE B 75 4.02 -18.81 -10.34
CA ILE B 75 4.72 -19.32 -11.54
C ILE B 75 5.18 -20.77 -11.30
N ASP B 76 5.41 -21.11 -10.03
CA ASP B 76 5.59 -22.48 -9.57
C ASP B 76 4.40 -23.41 -9.86
N GLU B 77 3.16 -22.90 -9.96
CA GLU B 77 2.01 -23.71 -10.41
C GLU B 77 2.10 -24.12 -11.89
N VAL B 78 2.79 -23.32 -12.71
CA VAL B 78 3.14 -23.66 -14.10
C VAL B 78 4.39 -24.58 -14.16
N ARG B 79 5.23 -24.55 -13.12
CA ARG B 79 6.41 -25.44 -12.94
C ARG B 79 6.10 -26.78 -12.26
N THR B 80 4.92 -26.90 -11.63
CA THR B 80 4.47 -28.08 -10.87
C THR B 80 3.28 -28.75 -11.53
N GLY B 81 2.23 -27.97 -11.82
CA GLY B 81 0.97 -28.44 -12.36
C GLY B 81 1.04 -28.83 -13.84
N THR B 82 -0.13 -28.88 -14.48
CA THR B 82 -0.27 -29.26 -15.89
C THR B 82 0.56 -28.32 -16.79
N TYR B 83 0.87 -28.75 -18.02
CA TYR B 83 1.67 -27.96 -18.97
C TYR B 83 3.09 -27.69 -18.43
N ARG B 84 3.64 -28.64 -17.67
CA ARG B 84 4.86 -28.43 -16.88
C ARG B 84 6.12 -28.29 -17.72
N GLN B 85 6.32 -29.26 -18.62
CA GLN B 85 7.48 -29.36 -19.52
C GLN B 85 7.21 -28.75 -20.90
N LEU B 86 6.02 -28.19 -21.13
CA LEU B 86 5.80 -27.42 -22.34
C LEU B 86 6.54 -26.09 -22.32
N PHE B 87 7.12 -25.65 -21.20
CA PHE B 87 7.83 -24.37 -21.12
C PHE B 87 9.30 -24.57 -20.85
N HIS B 88 10.08 -23.58 -21.27
CA HIS B 88 11.46 -23.45 -20.87
C HIS B 88 11.49 -22.76 -19.50
N PRO B 89 12.30 -23.23 -18.53
CA PRO B 89 12.58 -22.49 -17.27
C PRO B 89 13.18 -21.08 -17.49
N GLU B 90 13.49 -20.74 -18.75
CA GLU B 90 14.01 -19.47 -19.19
C GLU B 90 12.91 -18.44 -19.49
N GLN B 91 11.74 -18.88 -19.96
CA GLN B 91 10.53 -18.06 -20.15
C GLN B 91 9.62 -18.02 -18.91
N LEU B 92 10.11 -18.46 -17.75
CA LEU B 92 9.41 -18.43 -16.47
C LEU B 92 10.21 -17.58 -15.48
N ILE B 93 10.03 -16.25 -15.54
CA ILE B 93 10.66 -15.29 -14.64
C ILE B 93 9.90 -15.25 -13.32
N THR B 94 10.67 -15.23 -12.23
CA THR B 94 10.17 -15.12 -10.87
C THR B 94 11.10 -14.22 -10.06
N GLY B 95 10.53 -13.41 -9.17
CA GLY B 95 11.26 -12.72 -8.12
C GLY B 95 10.84 -13.28 -6.76
N LYS B 96 11.63 -14.20 -6.19
CA LYS B 96 11.35 -14.94 -4.93
C LYS B 96 10.86 -14.08 -3.74
N GLU B 97 11.25 -12.81 -3.80
CA GLU B 97 10.93 -11.68 -2.93
C GLU B 97 9.40 -11.53 -2.74
N ASP B 98 8.83 -10.36 -3.03
CA ASP B 98 7.50 -10.02 -2.57
C ASP B 98 6.62 -9.33 -3.60
N ALA B 99 5.40 -9.85 -3.74
CA ALA B 99 4.45 -9.35 -4.71
C ALA B 99 3.97 -7.95 -4.39
N ALA B 100 3.41 -7.81 -3.18
CA ALA B 100 2.77 -6.62 -2.66
C ALA B 100 1.58 -6.17 -3.52
N ASN B 101 0.37 -6.01 -2.99
CA ASN B 101 -0.74 -5.45 -3.77
C ASN B 101 -0.66 -3.93 -3.97
N ASN B 102 0.51 -3.43 -4.32
CA ASN B 102 0.72 -2.02 -4.56
C ASN B 102 1.62 -1.81 -5.79
N TYR B 103 1.06 -1.07 -6.75
CA TYR B 103 1.66 -0.54 -7.97
C TYR B 103 3.11 -0.09 -7.77
N ALA B 104 3.34 0.89 -6.89
CA ALA B 104 4.65 1.51 -6.66
C ALA B 104 5.77 0.52 -6.49
N ARG B 105 5.62 -0.36 -5.51
CA ARG B 105 6.56 -1.41 -5.20
C ARG B 105 6.80 -2.26 -6.45
N GLY B 106 5.72 -2.78 -7.03
CA GLY B 106 5.78 -3.62 -8.23
C GLY B 106 6.25 -2.93 -9.52
N HIS B 107 6.16 -1.59 -9.65
CA HIS B 107 6.70 -0.81 -10.78
C HIS B 107 8.12 -0.34 -10.50
N TYR B 108 8.24 0.57 -9.55
CA TYR B 108 9.44 1.13 -8.96
C TYR B 108 10.10 0.03 -8.11
N THR B 109 10.48 0.35 -6.87
CA THR B 109 11.24 -0.47 -5.91
C THR B 109 11.60 -1.90 -6.37
N ILE B 110 10.72 -2.88 -6.21
CA ILE B 110 11.05 -4.29 -6.42
C ILE B 110 11.00 -4.68 -7.89
N GLY B 111 9.87 -4.44 -8.56
CA GLY B 111 9.66 -4.94 -9.92
C GLY B 111 10.67 -4.39 -10.92
N LYS B 112 11.34 -3.29 -10.54
CA LYS B 112 12.56 -2.80 -11.20
C LYS B 112 13.66 -3.85 -11.30
N GLU B 113 14.07 -4.51 -10.22
CA GLU B 113 15.19 -5.47 -10.24
C GLU B 113 15.03 -6.57 -11.29
N ILE B 114 13.79 -6.98 -11.55
CA ILE B 114 13.49 -8.09 -12.45
C ILE B 114 13.41 -7.64 -13.91
N ILE B 115 12.96 -6.41 -14.19
CA ILE B 115 12.67 -5.91 -15.54
C ILE B 115 13.76 -6.22 -16.57
N ASP B 116 15.04 -5.97 -16.27
CA ASP B 116 16.16 -6.21 -17.19
C ASP B 116 16.18 -7.65 -17.72
N LEU B 117 16.10 -8.60 -16.77
CA LEU B 117 15.99 -10.04 -17.01
C LEU B 117 14.74 -10.42 -17.82
N VAL B 118 13.62 -9.74 -17.56
CA VAL B 118 12.34 -9.95 -18.26
C VAL B 118 12.45 -9.51 -19.71
N LEU B 119 12.89 -8.26 -19.91
CA LEU B 119 13.20 -7.69 -21.22
C LEU B 119 14.11 -8.63 -21.99
N ASP B 120 15.15 -9.13 -21.34
CA ASP B 120 16.13 -10.00 -21.98
C ASP B 120 15.44 -11.19 -22.64
N ARG B 121 14.40 -11.78 -22.03
CA ARG B 121 13.58 -12.81 -22.71
C ARG B 121 12.77 -12.26 -23.86
N ILE B 122 12.02 -11.18 -23.71
CA ILE B 122 11.25 -10.58 -24.82
C ILE B 122 12.11 -9.88 -25.86
N ARG B 123 13.44 -9.98 -25.72
CA ARG B 123 14.49 -9.61 -26.69
C ARG B 123 15.25 -10.83 -27.23
N LYS B 124 15.32 -11.93 -26.49
CA LYS B 124 15.86 -13.26 -26.90
C LYS B 124 14.85 -14.08 -27.70
N LEU B 125 13.59 -14.09 -27.27
CA LEU B 125 12.43 -14.69 -27.93
C LEU B 125 12.00 -13.85 -29.15
N ALA B 126 12.19 -12.52 -29.10
CA ALA B 126 11.90 -11.61 -30.21
C ALA B 126 12.93 -11.62 -31.34
N ASP B 127 14.14 -12.12 -31.07
CA ASP B 127 15.21 -12.25 -32.07
C ASP B 127 15.10 -13.57 -32.84
N GLN B 128 14.88 -14.67 -32.11
CA GLN B 128 14.79 -16.03 -32.64
C GLN B 128 13.76 -16.19 -33.78
N CYS B 129 12.64 -15.47 -33.69
CA CYS B 129 11.53 -15.57 -34.64
C CYS B 129 11.87 -15.03 -36.05
N THR B 130 10.84 -14.91 -36.88
CA THR B 130 10.95 -14.36 -38.24
C THR B 130 9.95 -13.22 -38.42
N GLY B 131 10.43 -11.98 -38.46
CA GLY B 131 9.62 -10.78 -38.71
C GLY B 131 8.29 -10.76 -37.94
N LEU B 132 8.36 -10.68 -36.60
CA LEU B 132 7.18 -10.64 -35.72
C LEU B 132 6.31 -9.40 -35.96
N GLN B 133 5.14 -9.39 -35.32
CA GLN B 133 4.18 -8.29 -35.34
C GLN B 133 4.02 -7.58 -34.00
N GLY B 134 4.24 -8.23 -32.86
CA GLY B 134 4.02 -7.59 -31.56
C GLY B 134 4.08 -8.53 -30.36
N PHE B 135 3.52 -8.09 -29.24
CA PHE B 135 3.44 -8.83 -27.98
C PHE B 135 2.02 -8.71 -27.40
N SER B 136 1.28 -9.83 -27.32
CA SER B 136 0.01 -9.94 -26.62
C SER B 136 0.24 -10.06 -25.10
N VAL B 137 0.25 -8.91 -24.44
CA VAL B 137 0.49 -8.82 -22.99
C VAL B 137 -0.73 -9.36 -22.24
N PHE B 138 -0.56 -10.08 -21.14
CA PHE B 138 -1.67 -10.49 -20.27
C PHE B 138 -1.44 -10.04 -18.84
N HIS B 139 -2.22 -9.08 -18.37
CA HIS B 139 -2.11 -8.53 -17.02
C HIS B 139 -3.47 -8.30 -16.37
N SER B 140 -3.43 -8.02 -15.07
CA SER B 140 -4.64 -7.90 -14.24
C SER B 140 -4.64 -6.58 -13.49
N PHE B 141 -4.66 -5.48 -14.26
CA PHE B 141 -4.92 -4.08 -13.87
C PHE B 141 -4.80 -3.76 -12.35
N GLY B 142 -5.70 -4.23 -11.50
CA GLY B 142 -5.70 -3.97 -10.05
C GLY B 142 -4.83 -4.92 -9.20
N GLY B 143 -3.63 -5.28 -9.65
CA GLY B 143 -2.69 -6.10 -8.87
C GLY B 143 -1.48 -5.31 -8.35
N GLY B 144 -0.41 -6.00 -7.96
CA GLY B 144 0.90 -5.39 -7.72
C GLY B 144 1.90 -5.66 -8.83
N THR B 145 2.14 -6.95 -9.07
CA THR B 145 2.90 -7.40 -10.24
C THR B 145 2.11 -7.22 -11.54
N GLY B 146 0.78 -7.30 -11.52
CA GLY B 146 -0.01 -7.11 -12.74
C GLY B 146 -0.21 -5.64 -13.11
N SER B 147 -0.24 -4.74 -12.12
CA SER B 147 -0.27 -3.30 -12.38
C SER B 147 1.14 -2.79 -12.66
N GLY B 148 1.93 -2.71 -11.59
CA GLY B 148 3.12 -1.90 -11.50
C GLY B 148 4.23 -2.38 -12.39
N PHE B 149 4.55 -3.67 -12.34
CA PHE B 149 5.58 -4.19 -13.22
C PHE B 149 5.23 -3.98 -14.69
N THR B 150 4.04 -4.35 -15.15
CA THR B 150 3.71 -4.31 -16.58
C THR B 150 3.75 -2.91 -17.15
N SER B 151 3.37 -1.96 -16.32
CA SER B 151 3.47 -0.54 -16.60
C SER B 151 4.84 -0.18 -17.15
N LEU B 152 5.93 -0.57 -16.44
CA LEU B 152 7.29 -0.38 -16.95
C LEU B 152 7.74 -1.38 -18.03
N LEU B 153 7.11 -2.55 -18.11
CA LEU B 153 7.43 -3.56 -19.11
C LEU B 153 6.99 -3.08 -20.50
N MET B 154 5.69 -2.80 -20.65
CA MET B 154 5.11 -2.06 -21.77
C MET B 154 5.82 -0.73 -22.02
N GLU B 155 6.32 -0.09 -20.96
CA GLU B 155 7.09 1.16 -21.07
C GLU B 155 8.38 0.97 -21.88
N ARG B 156 9.18 0.02 -21.39
CA ARG B 156 10.42 -0.39 -22.03
C ARG B 156 10.22 -1.04 -23.41
N LEU B 157 9.04 -1.59 -23.71
CA LEU B 157 8.71 -2.12 -25.05
C LEU B 157 8.46 -1.04 -26.09
N SER B 158 7.66 -0.03 -25.77
CA SER B 158 7.27 1.03 -26.70
C SER B 158 8.47 1.83 -27.21
N VAL B 159 9.57 1.78 -26.46
CA VAL B 159 10.85 2.37 -26.85
C VAL B 159 11.73 1.39 -27.64
N ASP B 160 11.88 0.14 -27.19
CA ASP B 160 12.76 -0.86 -27.84
C ASP B 160 12.15 -1.40 -29.16
N TYR B 161 10.83 -1.31 -29.29
CA TYR B 161 10.05 -1.80 -30.43
C TYR B 161 8.84 -0.93 -30.77
N GLY B 162 9.01 0.40 -30.79
CA GLY B 162 7.90 1.32 -31.16
C GLY B 162 7.27 1.02 -32.53
N LYS B 163 8.02 0.36 -33.41
CA LYS B 163 7.65 -0.17 -34.74
C LYS B 163 6.78 -1.46 -34.76
N LYS B 164 6.06 -1.80 -33.69
CA LYS B 164 5.30 -3.06 -33.58
C LYS B 164 3.93 -2.81 -32.94
N SER B 165 3.16 -3.88 -32.87
CA SER B 165 1.90 -3.97 -32.14
C SER B 165 2.12 -4.24 -30.64
N LYS B 166 1.37 -3.55 -29.79
CA LYS B 166 1.39 -3.69 -28.32
C LYS B 166 -0.03 -3.90 -27.80
N LEU B 167 -0.60 -5.07 -28.12
CA LEU B 167 -1.99 -5.36 -27.73
C LEU B 167 -2.01 -5.97 -26.34
N GLU B 168 -2.36 -5.18 -25.32
CA GLU B 168 -2.47 -5.69 -23.95
C GLU B 168 -3.87 -6.21 -23.66
N PHE B 169 -3.96 -7.46 -23.23
CA PHE B 169 -5.19 -8.08 -22.79
C PHE B 169 -5.30 -7.96 -21.27
N SER B 170 -6.10 -6.99 -20.81
CA SER B 170 -6.34 -6.73 -19.39
C SER B 170 -7.57 -7.43 -18.84
N ILE B 171 -7.49 -7.67 -17.53
CA ILE B 171 -8.61 -8.04 -16.66
C ILE B 171 -8.85 -6.90 -15.70
N TYR B 172 -9.56 -5.88 -16.18
CA TYR B 172 -9.85 -4.71 -15.36
C TYR B 172 -10.71 -5.11 -14.13
N PRO B 173 -10.48 -4.45 -12.97
CA PRO B 173 -11.33 -4.42 -11.77
C PRO B 173 -12.84 -4.67 -11.93
N ALA B 174 -13.34 -5.62 -11.16
CA ALA B 174 -14.78 -5.80 -11.04
C ALA B 174 -15.49 -4.52 -10.49
N PRO B 175 -16.61 -4.12 -11.11
CA PRO B 175 -17.35 -2.87 -10.89
C PRO B 175 -17.84 -2.71 -9.43
N GLN B 176 -18.16 -3.81 -8.76
CA GLN B 176 -18.55 -3.85 -7.34
C GLN B 176 -17.84 -4.95 -6.55
N VAL B 177 -17.35 -5.98 -7.22
CA VAL B 177 -16.78 -7.18 -6.62
C VAL B 177 -15.25 -7.17 -6.73
N SER B 178 -14.65 -6.00 -6.45
CA SER B 178 -13.20 -5.90 -6.40
C SER B 178 -12.63 -6.77 -5.27
N THR B 179 -11.33 -7.04 -5.31
CA THR B 179 -10.67 -7.87 -4.29
C THR B 179 -9.74 -7.06 -3.39
N ALA B 180 -8.62 -6.59 -3.99
CA ALA B 180 -7.71 -5.70 -3.28
C ALA B 180 -8.46 -4.47 -2.78
N VAL B 181 -8.12 -4.04 -1.57
CA VAL B 181 -8.72 -2.88 -0.91
C VAL B 181 -8.34 -1.60 -1.66
N VAL B 182 -7.12 -1.62 -2.21
CA VAL B 182 -6.51 -0.52 -2.95
C VAL B 182 -6.79 -0.54 -4.44
N GLU B 183 -7.16 -1.68 -5.05
CA GLU B 183 -7.46 -1.92 -6.48
C GLU B 183 -7.41 -0.68 -7.41
N PRO B 184 -8.30 0.34 -7.29
CA PRO B 184 -8.23 1.61 -8.03
C PRO B 184 -6.86 2.33 -8.02
N TYR B 185 -6.15 2.43 -6.90
CA TYR B 185 -4.76 2.93 -6.88
C TYR B 185 -3.87 2.16 -7.85
N ASN B 186 -3.96 0.84 -7.85
CA ASN B 186 -3.21 0.02 -8.80
C ASN B 186 -3.66 0.20 -10.25
N SER B 187 -4.96 0.44 -10.51
CA SER B 187 -5.50 0.43 -11.88
C SER B 187 -5.63 1.81 -12.55
N ILE B 188 -5.70 2.90 -11.78
CA ILE B 188 -5.45 4.27 -12.28
C ILE B 188 -3.97 4.50 -12.57
N LEU B 189 -3.09 3.67 -12.00
CA LEU B 189 -1.66 3.78 -12.25
C LEU B 189 -1.16 2.86 -13.36
N THR B 190 -1.79 1.70 -13.60
CA THR B 190 -1.47 0.93 -14.83
C THR B 190 -2.02 1.60 -16.07
N THR B 191 -3.17 2.27 -15.97
CA THR B 191 -3.77 2.88 -17.16
C THR B 191 -2.94 4.05 -17.66
N HIS B 192 -2.49 4.97 -16.79
CA HIS B 192 -1.80 6.21 -17.17
C HIS B 192 -0.41 5.97 -17.78
N THR B 193 0.28 4.97 -17.23
CA THR B 193 1.65 4.63 -17.60
C THR B 193 1.70 3.78 -18.87
N THR B 194 0.68 2.95 -19.10
CA THR B 194 0.57 2.09 -20.28
C THR B 194 -0.15 2.79 -21.43
N LEU B 195 -0.91 3.84 -21.14
CA LEU B 195 -1.78 4.51 -22.09
C LEU B 195 -1.03 5.04 -23.31
N GLU B 196 0.15 5.59 -23.02
CA GLU B 196 1.02 6.25 -23.98
C GLU B 196 1.97 5.25 -24.67
N HIS B 197 1.69 3.95 -24.50
CA HIS B 197 2.57 2.82 -24.78
C HIS B 197 1.84 1.65 -25.46
N SER B 198 0.57 1.39 -25.13
CA SER B 198 -0.20 0.36 -25.81
C SER B 198 -0.68 0.78 -27.19
N ASP B 199 -1.02 -0.23 -27.99
CA ASP B 199 -1.66 -0.04 -29.28
C ASP B 199 -3.16 -0.31 -29.26
N CYS B 200 -3.60 -1.39 -28.61
CA CYS B 200 -5.04 -1.67 -28.42
C CYS B 200 -5.21 -2.55 -27.18
N ALA B 201 -5.87 -2.05 -26.14
CA ALA B 201 -5.99 -2.76 -24.88
C ALA B 201 -7.31 -3.56 -24.82
N PHE B 202 -7.30 -4.86 -25.10
CA PHE B 202 -8.50 -5.66 -24.82
C PHE B 202 -8.84 -5.65 -23.36
N MET B 203 -10.13 -5.67 -23.08
CA MET B 203 -10.63 -5.70 -21.71
C MET B 203 -11.67 -6.78 -21.53
N VAL B 204 -11.56 -7.40 -20.36
CA VAL B 204 -12.43 -8.45 -19.87
C VAL B 204 -12.63 -8.21 -18.37
N ASP B 205 -13.83 -7.86 -17.97
CA ASP B 205 -14.20 -7.68 -16.57
C ASP B 205 -14.52 -9.02 -15.90
N ASN B 206 -13.84 -9.27 -14.80
CA ASN B 206 -13.98 -10.48 -14.00
C ASN B 206 -15.43 -10.74 -13.52
N GLU B 207 -16.14 -9.72 -13.00
CA GLU B 207 -17.53 -9.90 -12.54
C GLU B 207 -18.52 -10.06 -13.68
N ALA B 208 -18.46 -9.22 -14.72
CA ALA B 208 -19.42 -9.36 -15.83
C ALA B 208 -19.24 -10.64 -16.64
N ILE B 209 -18.16 -11.38 -16.39
CA ILE B 209 -18.06 -12.78 -16.78
C ILE B 209 -18.89 -13.69 -15.89
N TYR B 210 -18.83 -13.55 -14.56
CA TYR B 210 -19.64 -14.38 -13.65
C TYR B 210 -21.13 -14.31 -13.96
N ASP B 211 -21.63 -13.17 -14.43
CA ASP B 211 -22.99 -13.07 -14.94
C ASP B 211 -23.25 -13.99 -16.13
N ILE B 212 -22.30 -14.17 -17.04
CA ILE B 212 -22.34 -15.16 -18.14
C ILE B 212 -22.33 -16.59 -17.58
N CYS B 213 -21.53 -16.86 -16.56
CA CYS B 213 -21.48 -18.18 -15.90
C CYS B 213 -22.79 -18.51 -15.17
N ARG B 214 -23.49 -17.50 -14.64
CA ARG B 214 -24.76 -17.65 -13.91
C ARG B 214 -25.95 -17.72 -14.86
N ARG B 215 -26.04 -16.75 -15.78
CA ARG B 215 -27.19 -16.50 -16.66
C ARG B 215 -27.14 -17.30 -17.96
N ASN B 216 -25.96 -17.50 -18.53
CA ASN B 216 -25.77 -18.04 -19.89
C ASN B 216 -25.07 -19.41 -19.89
N LEU B 217 -25.01 -20.09 -18.74
CA LEU B 217 -24.25 -21.33 -18.57
C LEU B 217 -24.73 -22.13 -17.34
N ASP B 218 -25.35 -21.43 -16.38
CA ASP B 218 -25.97 -21.93 -15.16
C ASP B 218 -25.02 -22.72 -14.25
N ILE B 219 -24.31 -21.97 -13.41
CA ILE B 219 -23.35 -22.50 -12.43
C ILE B 219 -23.03 -21.41 -11.40
N GLU B 220 -23.36 -21.70 -10.14
CA GLU B 220 -22.93 -20.89 -8.97
C GLU B 220 -21.61 -21.40 -8.36
N ARG B 221 -21.01 -22.39 -9.04
CA ARG B 221 -19.65 -22.90 -8.86
C ARG B 221 -18.62 -22.41 -9.92
N PRO B 222 -18.52 -21.13 -10.35
CA PRO B 222 -17.43 -20.72 -11.24
C PRO B 222 -16.12 -20.60 -10.43
N THR B 223 -15.24 -21.60 -10.54
CA THR B 223 -13.85 -21.44 -10.10
C THR B 223 -13.15 -20.40 -10.99
N TYR B 224 -12.05 -19.79 -10.54
CA TYR B 224 -11.22 -18.95 -11.41
C TYR B 224 -10.73 -19.67 -12.67
N THR B 225 -10.48 -20.97 -12.50
CA THR B 225 -10.15 -21.89 -13.60
C THR B 225 -11.14 -21.87 -14.75
N ASN B 226 -12.39 -21.38 -14.59
CA ASN B 226 -13.44 -21.28 -15.62
C ASN B 226 -13.47 -19.95 -16.37
N LEU B 227 -13.39 -18.83 -15.65
CA LEU B 227 -13.23 -17.52 -16.28
C LEU B 227 -11.99 -17.51 -17.16
N ASN B 228 -10.94 -18.16 -16.68
CA ASN B 228 -9.73 -18.39 -17.46
C ASN B 228 -9.95 -19.25 -18.72
N ARG B 229 -10.85 -20.25 -18.72
CA ARG B 229 -11.27 -20.99 -19.95
C ARG B 229 -12.02 -20.09 -20.92
N LEU B 230 -12.79 -19.14 -20.40
CA LEU B 230 -13.62 -18.25 -21.19
C LEU B 230 -12.82 -17.12 -21.85
N ILE B 231 -11.87 -16.52 -21.12
CA ILE B 231 -10.86 -15.65 -21.73
C ILE B 231 -9.90 -16.47 -22.58
N GLY B 232 -9.62 -17.68 -22.14
CA GLY B 232 -8.91 -18.68 -22.92
C GLY B 232 -9.57 -18.93 -24.28
N GLN B 233 -10.90 -18.77 -24.37
CA GLN B 233 -11.71 -18.93 -25.58
C GLN B 233 -11.76 -17.69 -26.48
N ILE B 234 -12.20 -16.55 -25.93
CA ILE B 234 -12.16 -15.28 -26.67
C ILE B 234 -10.75 -15.01 -27.19
N VAL B 235 -9.70 -15.23 -26.41
CA VAL B 235 -8.32 -14.97 -26.81
C VAL B 235 -7.87 -15.87 -27.96
N SER B 236 -8.30 -17.14 -27.95
CA SER B 236 -8.08 -18.08 -29.06
C SER B 236 -8.58 -17.57 -30.39
N SER B 237 -9.67 -16.84 -30.31
CA SER B 237 -10.24 -16.20 -31.47
C SER B 237 -9.42 -15.01 -32.00
N ILE B 238 -8.69 -14.33 -31.10
CA ILE B 238 -7.84 -13.19 -31.40
C ILE B 238 -6.58 -13.64 -32.13
N THR B 239 -5.64 -14.25 -31.40
CA THR B 239 -4.36 -14.65 -31.99
C THR B 239 -4.53 -15.96 -32.75
N ALA B 240 -4.70 -17.07 -32.03
CA ALA B 240 -4.64 -18.45 -32.51
C ALA B 240 -5.23 -18.65 -33.91
N SER B 241 -6.55 -18.51 -34.03
CA SER B 241 -7.30 -18.80 -35.26
C SER B 241 -7.21 -17.73 -36.33
N LEU B 242 -6.76 -16.53 -35.99
CA LEU B 242 -6.74 -15.41 -36.92
C LEU B 242 -5.40 -15.18 -37.60
N ARG B 243 -4.33 -15.50 -36.84
CA ARG B 243 -2.99 -15.76 -37.38
C ARG B 243 -2.94 -17.02 -38.24
N PHE B 244 -3.94 -17.89 -38.07
CA PHE B 244 -4.26 -19.01 -38.94
C PHE B 244 -5.10 -18.51 -40.13
N ASP B 245 -4.70 -18.92 -41.34
CA ASP B 245 -5.45 -18.84 -42.58
C ASP B 245 -6.98 -18.97 -42.45
N GLY B 246 -7.68 -18.34 -43.39
CA GLY B 246 -9.13 -18.28 -43.42
C GLY B 246 -9.64 -17.55 -44.66
N ALA B 247 -10.96 -17.49 -44.79
CA ALA B 247 -11.59 -16.81 -45.92
C ALA B 247 -11.56 -15.27 -45.82
N LEU B 248 -11.18 -14.70 -44.67
CA LEU B 248 -11.08 -13.26 -44.47
C LEU B 248 -10.12 -12.88 -43.33
N ASN B 249 -8.87 -13.37 -43.42
CA ASN B 249 -7.77 -13.13 -42.49
C ASN B 249 -7.70 -11.69 -41.96
N VAL B 250 -7.21 -11.54 -40.72
CA VAL B 250 -7.10 -10.25 -40.02
C VAL B 250 -5.82 -10.23 -39.16
N ASP B 251 -4.68 -9.82 -39.73
CA ASP B 251 -3.46 -9.50 -38.97
C ASP B 251 -3.74 -8.71 -37.64
N LEU B 252 -2.83 -8.70 -36.67
CA LEU B 252 -2.90 -7.92 -35.44
C LEU B 252 -2.83 -6.42 -35.72
N THR B 253 -1.98 -5.99 -36.68
CA THR B 253 -2.00 -4.60 -37.14
C THR B 253 -3.39 -4.21 -37.63
N GLU B 254 -4.13 -5.12 -38.29
CA GLU B 254 -5.50 -4.82 -38.73
C GLU B 254 -6.41 -4.40 -37.59
N PHE B 255 -6.27 -4.99 -36.39
CA PHE B 255 -7.01 -4.60 -35.19
C PHE B 255 -6.79 -3.13 -34.92
N GLN B 256 -5.64 -2.74 -34.40
CA GLN B 256 -5.38 -1.37 -33.99
C GLN B 256 -5.73 -0.35 -35.09
N THR B 257 -5.53 -0.71 -36.37
CA THR B 257 -5.98 0.12 -37.49
C THR B 257 -7.51 0.25 -37.57
N ASN B 258 -8.22 -0.88 -37.69
CA ASN B 258 -9.68 -0.93 -37.80
C ASN B 258 -10.43 -0.74 -36.47
N LEU B 259 -9.73 -0.66 -35.32
CA LEU B 259 -10.31 -0.64 -33.97
C LEU B 259 -10.02 0.60 -33.16
N VAL B 260 -8.85 1.22 -33.29
CA VAL B 260 -8.56 2.45 -32.54
C VAL B 260 -8.81 3.65 -33.46
N PRO B 261 -9.73 4.55 -33.09
CA PRO B 261 -9.91 5.78 -33.83
C PRO B 261 -8.84 6.81 -33.43
N TYR B 262 -8.29 6.73 -32.21
CA TYR B 262 -7.36 7.72 -31.66
C TYR B 262 -6.22 7.11 -30.83
N PRO B 263 -5.05 7.79 -30.76
CA PRO B 263 -3.77 7.33 -30.18
C PRO B 263 -3.73 6.92 -28.72
N ARG B 264 -4.65 7.39 -27.87
CA ARG B 264 -4.84 6.74 -26.55
C ARG B 264 -4.90 5.24 -26.84
N GLY B 265 -4.27 4.38 -26.03
CA GLY B 265 -4.18 2.91 -26.23
C GLY B 265 -5.51 2.14 -26.15
N HIS B 266 -6.59 2.77 -26.65
CA HIS B 266 -8.01 2.49 -26.65
C HIS B 266 -8.35 1.04 -26.47
N PHE B 267 -9.44 0.87 -25.73
CA PHE B 267 -9.66 -0.31 -24.96
C PHE B 267 -10.97 -0.94 -25.41
N PRO B 268 -10.95 -1.71 -26.51
CA PRO B 268 -12.11 -2.48 -26.88
C PRO B 268 -12.44 -3.54 -25.84
N LEU B 269 -13.67 -4.02 -25.93
CA LEU B 269 -14.26 -4.99 -25.01
C LEU B 269 -14.31 -6.31 -25.71
N ALA B 270 -14.08 -7.40 -25.01
CA ALA B 270 -14.18 -8.70 -25.61
C ALA B 270 -15.57 -9.32 -25.39
N THR B 271 -16.12 -9.98 -26.40
CA THR B 271 -17.43 -10.65 -26.33
C THR B 271 -17.32 -11.95 -27.11
N TYR B 272 -17.98 -13.01 -26.65
CA TYR B 272 -18.10 -14.28 -27.37
C TYR B 272 -19.59 -14.58 -27.61
N ALA B 273 -19.95 -15.38 -28.60
CA ALA B 273 -21.37 -15.59 -28.95
C ALA B 273 -21.96 -16.91 -28.45
N PRO B 274 -21.51 -18.09 -28.93
CA PRO B 274 -22.08 -19.36 -28.48
C PRO B 274 -21.47 -19.75 -27.13
N VAL B 275 -21.83 -18.99 -26.11
CA VAL B 275 -21.54 -19.25 -24.71
C VAL B 275 -22.57 -20.19 -24.07
N ILE B 276 -23.19 -21.05 -24.87
CA ILE B 276 -24.18 -22.02 -24.40
C ILE B 276 -23.55 -23.11 -23.52
N SER B 277 -24.33 -23.68 -22.60
CA SER B 277 -23.96 -24.79 -21.69
C SER B 277 -23.89 -26.16 -22.36
N ALA B 278 -22.82 -26.91 -22.13
CA ALA B 278 -22.61 -28.25 -22.69
C ALA B 278 -23.37 -29.40 -22.01
N GLU B 279 -24.53 -29.10 -21.42
CA GLU B 279 -25.29 -30.06 -20.61
C GLU B 279 -26.78 -29.73 -20.61
N LYS B 280 -27.10 -28.47 -20.26
CA LYS B 280 -28.46 -27.96 -20.03
C LYS B 280 -29.29 -27.92 -21.32
N ALA B 281 -29.49 -26.70 -21.84
CA ALA B 281 -30.22 -26.47 -23.07
C ALA B 281 -29.42 -27.03 -24.22
N TYR B 282 -30.07 -27.32 -25.35
CA TYR B 282 -29.37 -27.64 -26.59
C TYR B 282 -30.19 -27.25 -27.81
N HIS B 283 -29.93 -26.01 -28.23
CA HIS B 283 -30.29 -25.47 -29.54
C HIS B 283 -29.07 -25.36 -30.48
N GLU B 284 -27.84 -25.48 -29.96
CA GLU B 284 -26.48 -25.44 -30.58
C GLU B 284 -26.39 -24.87 -32.02
N GLN B 285 -26.97 -25.61 -32.99
CA GLN B 285 -27.37 -25.18 -34.33
C GLN B 285 -28.15 -23.87 -34.33
N LEU B 286 -27.37 -22.82 -34.15
CA LEU B 286 -27.81 -21.45 -33.99
C LEU B 286 -27.09 -20.69 -35.10
N SER B 287 -27.65 -20.79 -36.32
CA SER B 287 -27.07 -20.17 -37.50
C SER B 287 -26.61 -18.72 -37.23
N VAL B 288 -25.71 -18.24 -38.09
CA VAL B 288 -25.04 -16.94 -37.97
C VAL B 288 -25.96 -15.80 -37.50
N ALA B 289 -27.12 -15.69 -38.15
CA ALA B 289 -28.16 -14.71 -37.89
C ALA B 289 -28.55 -14.57 -36.40
N GLU B 290 -28.35 -15.62 -35.61
CA GLU B 290 -28.59 -15.66 -34.17
C GLU B 290 -27.34 -15.33 -33.34
N ILE B 291 -26.22 -16.03 -33.56
CA ILE B 291 -24.98 -15.82 -32.79
C ILE B 291 -24.46 -14.39 -32.88
N THR B 292 -24.68 -13.71 -34.01
CA THR B 292 -24.26 -12.31 -34.17
C THR B 292 -25.13 -11.36 -33.35
N ASN B 293 -26.43 -11.61 -33.31
CA ASN B 293 -27.36 -10.84 -32.48
C ASN B 293 -27.08 -11.02 -30.98
N ALA B 294 -26.65 -12.23 -30.59
CA ALA B 294 -26.24 -12.59 -29.22
C ALA B 294 -24.94 -11.90 -28.73
N CYS B 295 -24.24 -11.17 -29.59
CA CYS B 295 -23.09 -10.37 -29.17
C CYS B 295 -23.45 -8.98 -28.64
N PHE B 296 -24.47 -8.32 -29.23
CA PHE B 296 -24.81 -6.93 -28.88
C PHE B 296 -25.80 -6.82 -27.72
N GLU B 297 -26.50 -7.90 -27.38
CA GLU B 297 -27.17 -7.94 -26.08
C GLU B 297 -26.12 -7.78 -24.94
N PRO B 298 -26.33 -6.85 -24.00
CA PRO B 298 -25.33 -6.51 -22.97
C PRO B 298 -25.00 -7.65 -22.01
N ALA B 299 -25.85 -8.67 -21.92
CA ALA B 299 -25.69 -9.76 -20.97
C ALA B 299 -24.69 -10.86 -21.42
N ASN B 300 -23.70 -10.51 -22.25
CA ASN B 300 -22.88 -11.51 -22.95
C ASN B 300 -21.45 -11.07 -23.34
N GLN B 301 -20.94 -10.01 -22.70
CA GLN B 301 -19.82 -9.22 -23.24
C GLN B 301 -18.62 -9.11 -22.31
N MET B 302 -18.52 -10.00 -21.31
CA MET B 302 -17.34 -10.13 -20.44
C MET B 302 -16.88 -8.78 -19.86
N VAL B 303 -17.81 -7.85 -19.65
CA VAL B 303 -17.53 -6.47 -19.27
C VAL B 303 -18.79 -5.82 -18.68
N LYS B 304 -18.69 -5.23 -17.47
CA LYS B 304 -19.80 -4.49 -16.84
C LYS B 304 -19.88 -3.06 -17.40
N CYS B 305 -19.79 -3.02 -18.71
CA CYS B 305 -19.93 -1.81 -19.49
C CYS B 305 -21.13 -1.97 -20.43
N ASP B 306 -22.21 -2.55 -19.89
CA ASP B 306 -23.54 -2.61 -20.51
C ASP B 306 -23.71 -1.34 -21.38
N PRO B 307 -24.02 -1.40 -22.70
CA PRO B 307 -24.13 -0.24 -23.60
C PRO B 307 -25.27 0.72 -23.20
N ARG B 308 -25.10 1.34 -22.03
CA ARG B 308 -26.00 2.21 -21.27
C ARG B 308 -26.30 3.51 -22.03
N HIS B 309 -25.39 3.85 -22.93
CA HIS B 309 -25.41 4.97 -23.87
C HIS B 309 -24.28 4.86 -24.90
N GLY B 310 -23.23 4.12 -24.53
CA GLY B 310 -21.98 4.03 -25.24
C GLY B 310 -22.14 3.55 -26.67
N LYS B 311 -21.95 4.48 -27.59
CA LYS B 311 -21.99 4.22 -29.02
C LYS B 311 -20.79 3.38 -29.40
N TYR B 312 -21.01 2.26 -30.06
CA TYR B 312 -19.93 1.57 -30.76
C TYR B 312 -19.31 2.50 -31.79
N MET B 313 -17.99 2.42 -31.94
CA MET B 313 -17.24 3.24 -32.90
C MET B 313 -16.44 2.42 -33.91
N ALA B 314 -16.27 1.13 -33.63
CA ALA B 314 -15.58 0.18 -34.47
C ALA B 314 -15.70 -1.19 -33.81
N CYS B 315 -16.09 -2.19 -34.58
CA CYS B 315 -16.23 -3.55 -34.10
C CYS B 315 -15.50 -4.50 -35.04
N CYS B 316 -14.66 -5.39 -34.52
CA CYS B 316 -14.03 -6.44 -35.31
C CYS B 316 -14.68 -7.77 -34.97
N LEU B 317 -15.76 -8.05 -35.69
CA LEU B 317 -16.41 -9.35 -35.61
C LEU B 317 -15.52 -10.41 -36.22
N LEU B 318 -14.84 -11.13 -35.35
CA LEU B 318 -14.18 -12.37 -35.70
C LEU B 318 -15.20 -13.51 -35.62
N TYR B 319 -15.40 -14.15 -36.77
CA TYR B 319 -16.12 -15.39 -36.92
C TYR B 319 -15.12 -16.52 -37.12
N ARG B 320 -15.54 -17.73 -36.78
CA ARG B 320 -14.80 -18.97 -36.97
C ARG B 320 -15.79 -20.11 -37.15
N GLY B 321 -15.41 -21.18 -37.85
CA GLY B 321 -16.32 -22.26 -38.21
C GLY B 321 -17.03 -22.03 -39.55
N ASP B 322 -18.11 -22.80 -39.76
CA ASP B 322 -18.88 -22.76 -41.00
C ASP B 322 -19.76 -21.50 -41.10
N VAL B 323 -19.27 -20.53 -41.88
CA VAL B 323 -19.90 -19.22 -42.03
C VAL B 323 -19.82 -18.76 -43.48
N VAL B 324 -20.97 -18.57 -44.11
CA VAL B 324 -21.03 -18.01 -45.46
C VAL B 324 -20.81 -16.49 -45.38
N PRO B 325 -19.89 -15.90 -46.18
CA PRO B 325 -19.68 -14.45 -46.20
C PRO B 325 -20.93 -13.60 -46.47
N LYS B 326 -21.92 -14.13 -47.21
CA LYS B 326 -23.24 -13.50 -47.39
C LYS B 326 -24.11 -13.53 -46.13
N ASP B 327 -24.14 -14.64 -45.38
CA ASP B 327 -24.78 -14.72 -44.07
C ASP B 327 -24.26 -13.61 -43.15
N VAL B 328 -22.96 -13.28 -43.23
CA VAL B 328 -22.36 -12.19 -42.45
C VAL B 328 -22.67 -10.82 -43.02
N ASN B 329 -22.48 -10.64 -44.34
CA ASN B 329 -22.81 -9.46 -45.14
C ASN B 329 -24.34 -9.33 -45.38
N ALA B 330 -25.11 -9.61 -44.34
CA ALA B 330 -26.56 -9.65 -44.24
C ALA B 330 -26.99 -9.69 -42.76
N ALA B 331 -26.39 -10.59 -41.97
CA ALA B 331 -26.51 -10.63 -40.53
C ALA B 331 -25.92 -9.40 -39.88
N ILE B 332 -24.94 -8.72 -40.46
CA ILE B 332 -24.46 -7.39 -40.04
C ILE B 332 -25.30 -6.26 -40.64
N ALA B 333 -25.78 -6.41 -41.88
CA ALA B 333 -26.62 -5.41 -42.53
C ALA B 333 -27.92 -5.17 -41.75
N THR B 334 -28.54 -6.24 -41.22
CA THR B 334 -29.71 -6.16 -40.33
C THR B 334 -29.40 -5.34 -39.07
N ILE B 335 -28.19 -5.50 -38.52
CA ILE B 335 -27.74 -4.84 -37.30
C ILE B 335 -27.44 -3.37 -37.57
N LYS B 336 -26.82 -3.04 -38.70
CA LYS B 336 -26.54 -1.65 -39.08
C LYS B 336 -27.81 -0.80 -39.17
N THR B 337 -28.97 -1.46 -39.33
CA THR B 337 -30.29 -0.84 -39.42
C THR B 337 -31.20 -1.12 -38.22
N LYS B 338 -30.66 -1.62 -37.09
CA LYS B 338 -31.43 -1.75 -35.83
C LYS B 338 -31.62 -0.43 -35.08
N ARG B 339 -30.74 0.55 -35.32
CA ARG B 339 -30.67 1.93 -34.78
C ARG B 339 -30.60 2.11 -33.25
N THR B 340 -31.21 1.23 -32.49
CA THR B 340 -31.08 1.11 -31.02
C THR B 340 -29.67 0.63 -30.62
N ILE B 341 -28.87 0.19 -31.59
CA ILE B 341 -27.43 -0.09 -31.49
C ILE B 341 -26.53 1.15 -31.82
N GLN B 342 -27.13 2.30 -32.10
CA GLN B 342 -26.48 3.58 -32.45
C GLN B 342 -24.93 3.59 -32.45
N PHE B 343 -24.36 3.43 -33.65
CA PHE B 343 -22.94 3.71 -33.89
C PHE B 343 -22.66 5.21 -33.78
N VAL B 344 -21.39 5.57 -33.67
CA VAL B 344 -20.95 6.98 -33.74
C VAL B 344 -21.27 7.63 -35.08
N ASP B 345 -21.40 8.95 -35.07
CA ASP B 345 -21.70 9.81 -36.21
C ASP B 345 -20.59 9.84 -37.26
N TRP B 346 -19.36 10.19 -36.84
CA TRP B 346 -18.18 10.25 -37.73
C TRP B 346 -17.75 8.89 -38.28
N CYS B 347 -18.39 7.78 -37.86
CA CYS B 347 -18.16 6.44 -38.36
C CYS B 347 -19.31 5.95 -39.29
N PRO B 348 -19.13 5.95 -40.62
CA PRO B 348 -20.12 5.43 -41.57
C PRO B 348 -20.32 3.92 -41.37
N THR B 349 -19.23 3.17 -41.49
CA THR B 349 -19.18 1.71 -41.36
C THR B 349 -18.00 1.35 -40.47
N GLY B 350 -18.26 0.70 -39.33
CA GLY B 350 -17.27 0.33 -38.34
C GLY B 350 -17.38 -1.15 -37.99
N PHE B 351 -17.31 -2.00 -39.03
CA PHE B 351 -17.56 -3.43 -38.96
C PHE B 351 -16.46 -4.18 -39.72
N LYS B 352 -15.35 -4.49 -39.02
CA LYS B 352 -14.31 -5.37 -39.54
C LYS B 352 -14.81 -6.82 -39.42
N VAL B 353 -15.27 -7.37 -40.54
CA VAL B 353 -15.57 -8.80 -40.64
C VAL B 353 -14.26 -9.57 -40.76
N GLY B 354 -13.95 -10.41 -39.78
CA GLY B 354 -12.91 -11.43 -39.89
C GLY B 354 -13.53 -12.82 -39.91
N ILE B 355 -13.21 -13.62 -40.92
CA ILE B 355 -13.70 -14.99 -41.07
C ILE B 355 -12.50 -15.94 -41.06
N ASN B 356 -12.54 -16.87 -40.11
CA ASN B 356 -11.66 -18.02 -40.01
C ASN B 356 -12.40 -19.30 -40.41
N TYR B 357 -11.65 -20.36 -40.72
CA TYR B 357 -12.24 -21.64 -41.13
C TYR B 357 -12.55 -22.55 -39.95
N GLU B 358 -11.52 -22.98 -39.23
CA GLU B 358 -11.66 -23.98 -38.17
C GLU B 358 -12.68 -23.51 -37.11
N PRO B 359 -13.71 -24.34 -36.80
CA PRO B 359 -14.64 -24.01 -35.75
C PRO B 359 -13.93 -23.83 -34.40
N PRO B 360 -14.61 -23.29 -33.38
CA PRO B 360 -14.03 -23.24 -32.04
C PRO B 360 -13.66 -24.63 -31.54
N THR B 361 -12.91 -24.70 -30.44
CA THR B 361 -12.47 -25.98 -29.88
C THR B 361 -12.59 -25.93 -28.38
N VAL B 362 -13.69 -26.48 -27.88
CA VAL B 362 -13.99 -26.49 -26.47
C VAL B 362 -13.14 -27.51 -25.71
N VAL B 363 -12.89 -27.21 -24.44
CA VAL B 363 -12.33 -28.12 -23.43
C VAL B 363 -13.09 -29.46 -23.41
N PRO B 364 -12.40 -30.62 -23.38
CA PRO B 364 -13.01 -31.94 -23.54
C PRO B 364 -14.25 -32.24 -22.68
N GLY B 365 -14.28 -31.69 -21.45
CA GLY B 365 -15.38 -31.82 -20.51
C GLY B 365 -15.37 -30.71 -19.44
N GLY B 366 -15.12 -29.46 -19.87
CA GLY B 366 -15.36 -28.30 -18.99
C GLY B 366 -16.86 -28.09 -18.77
N ASP B 367 -17.41 -27.00 -19.34
CA ASP B 367 -18.85 -26.67 -19.31
C ASP B 367 -19.31 -25.94 -20.59
N LEU B 368 -18.38 -25.60 -21.49
CA LEU B 368 -18.63 -24.81 -22.70
C LEU B 368 -19.37 -25.69 -23.72
N ALA B 369 -20.37 -25.18 -24.44
CA ALA B 369 -21.24 -25.98 -25.31
C ALA B 369 -20.55 -26.95 -26.28
N LYS B 370 -19.65 -26.38 -27.08
CA LYS B 370 -19.14 -26.90 -28.36
C LYS B 370 -20.13 -26.76 -29.52
N VAL B 371 -20.07 -25.57 -30.12
CA VAL B 371 -20.76 -25.26 -31.39
C VAL B 371 -19.81 -25.42 -32.59
N GLN B 372 -20.35 -25.36 -33.81
CA GLN B 372 -19.61 -25.41 -35.09
C GLN B 372 -19.36 -24.05 -35.73
N ARG B 373 -19.56 -22.99 -34.95
CA ARG B 373 -19.31 -21.60 -35.33
C ARG B 373 -19.30 -20.73 -34.08
N ALA B 374 -18.63 -19.59 -34.11
CA ALA B 374 -18.69 -18.59 -33.04
C ALA B 374 -18.42 -17.18 -33.55
N VAL B 375 -18.81 -16.20 -32.72
CA VAL B 375 -18.54 -14.77 -32.93
C VAL B 375 -17.88 -14.21 -31.68
N CYS B 376 -16.61 -13.91 -31.84
CA CYS B 376 -15.76 -13.26 -30.87
C CYS B 376 -15.62 -11.79 -31.27
N MET B 377 -16.72 -11.07 -31.13
CA MET B 377 -16.70 -9.64 -31.43
C MET B 377 -16.02 -8.89 -30.32
N LEU B 378 -15.29 -7.87 -30.73
CA LEU B 378 -14.66 -6.92 -29.86
C LEU B 378 -14.81 -5.54 -30.45
N SER B 379 -14.85 -4.52 -29.60
CA SER B 379 -15.19 -3.19 -30.07
C SER B 379 -14.81 -2.11 -29.09
N ASN B 380 -14.40 -0.97 -29.61
CA ASN B 380 -14.39 0.25 -28.83
C ASN B 380 -15.83 0.78 -28.76
N THR B 381 -16.26 1.10 -27.54
CA THR B 381 -17.56 1.69 -27.26
C THR B 381 -17.31 2.94 -26.42
N THR B 382 -18.13 3.97 -26.63
CA THR B 382 -18.22 5.13 -25.71
C THR B 382 -18.76 4.71 -24.34
N ALA B 383 -19.10 3.43 -24.15
CA ALA B 383 -19.67 2.91 -22.92
C ALA B 383 -18.64 2.98 -21.80
N ILE B 384 -17.35 2.76 -22.10
CA ILE B 384 -16.29 2.76 -21.08
C ILE B 384 -16.03 4.14 -20.46
N ALA B 385 -16.65 5.20 -21.03
CA ALA B 385 -16.89 6.44 -20.31
C ALA B 385 -17.46 6.21 -18.89
N GLU B 386 -18.39 5.24 -18.73
CA GLU B 386 -18.85 4.72 -17.43
C GLU B 386 -17.77 4.00 -16.64
N ALA B 387 -17.32 2.85 -17.16
CA ALA B 387 -16.42 1.96 -16.46
C ALA B 387 -15.21 2.76 -15.90
N TRP B 388 -14.57 3.60 -16.73
CA TRP B 388 -13.50 4.49 -16.28
C TRP B 388 -13.94 5.48 -15.21
N ALA B 389 -15.08 6.17 -15.40
CA ALA B 389 -15.64 7.07 -14.39
C ALA B 389 -15.84 6.40 -13.02
N ARG B 390 -16.47 5.22 -13.00
CA ARG B 390 -16.76 4.46 -11.76
C ARG B 390 -15.52 3.93 -11.06
N LEU B 391 -14.44 3.72 -11.81
CA LEU B 391 -13.13 3.29 -11.32
C LEU B 391 -12.25 4.46 -10.86
N ASP B 392 -12.42 5.62 -11.48
CA ASP B 392 -11.76 6.88 -11.14
C ASP B 392 -12.34 7.47 -9.85
N HIS B 393 -13.67 7.49 -9.73
CA HIS B 393 -14.36 7.98 -8.53
C HIS B 393 -13.97 7.22 -7.25
N LYS B 394 -13.81 5.89 -7.37
CA LYS B 394 -13.19 5.00 -6.38
C LYS B 394 -11.87 5.53 -5.84
N PHE B 395 -10.91 5.78 -6.73
CA PHE B 395 -9.57 6.29 -6.44
C PHE B 395 -9.63 7.57 -5.61
N ASP B 396 -10.43 8.53 -6.05
CA ASP B 396 -10.57 9.83 -5.40
C ASP B 396 -11.02 9.68 -3.95
N LEU B 397 -12.00 8.83 -3.65
CA LEU B 397 -12.51 8.67 -2.28
C LEU B 397 -11.45 8.28 -1.25
N MET B 398 -10.51 7.42 -1.64
CA MET B 398 -9.37 7.04 -0.82
C MET B 398 -8.24 8.08 -0.87
N TYR B 399 -7.89 8.60 -2.06
CA TYR B 399 -6.82 9.60 -2.23
C TYR B 399 -7.13 10.93 -1.54
N ALA B 400 -8.42 11.27 -1.47
CA ALA B 400 -9.01 12.34 -0.68
C ALA B 400 -8.71 12.22 0.81
N LYS B 401 -8.39 11.02 1.28
CA LYS B 401 -7.94 10.75 2.65
C LYS B 401 -6.53 10.20 2.71
N ARG B 402 -5.83 10.09 1.58
CA ARG B 402 -4.54 9.40 1.44
C ARG B 402 -4.63 7.89 1.63
N ALA B 403 -5.60 7.32 2.37
CA ALA B 403 -5.70 5.89 2.67
C ALA B 403 -4.31 5.20 2.72
N PHE B 404 -4.15 4.16 1.89
CA PHE B 404 -2.93 3.36 1.73
C PHE B 404 -1.79 4.07 0.96
N VAL B 405 -1.73 5.40 0.94
CA VAL B 405 -0.69 6.15 0.20
C VAL B 405 0.70 5.86 0.79
N HIS B 406 0.84 5.79 2.12
CA HIS B 406 2.16 5.55 2.75
C HIS B 406 2.83 4.24 2.32
N TRP B 407 2.04 3.31 1.78
CA TRP B 407 2.52 2.09 1.15
C TRP B 407 3.15 2.21 -0.22
N TYR B 408 2.95 3.32 -0.90
CA TYR B 408 3.57 3.57 -2.20
C TYR B 408 4.68 4.60 -2.10
N VAL B 409 4.51 5.60 -1.24
CA VAL B 409 5.52 6.65 -1.05
C VAL B 409 6.80 6.07 -0.48
N GLY B 410 6.67 5.18 0.52
CA GLY B 410 7.78 4.39 1.06
C GLY B 410 8.43 3.42 0.05
N GLU B 411 7.92 3.37 -1.18
CA GLU B 411 8.33 2.45 -2.25
C GLU B 411 8.84 3.18 -3.51
N GLY B 412 9.25 4.45 -3.35
CA GLY B 412 9.80 5.26 -4.44
C GLY B 412 8.74 5.82 -5.38
N MET B 413 7.71 6.43 -4.81
CA MET B 413 6.68 7.24 -5.47
C MET B 413 6.45 8.51 -4.66
N GLU B 414 5.52 9.33 -5.11
CA GLU B 414 5.36 10.69 -4.65
C GLU B 414 3.88 11.10 -4.67
N GLU B 415 3.55 12.24 -4.07
CA GLU B 415 2.25 12.89 -4.32
C GLU B 415 1.98 13.16 -5.81
N GLY B 416 3.07 13.36 -6.57
CA GLY B 416 3.11 13.51 -8.01
C GLY B 416 2.45 12.33 -8.72
N GLU B 417 3.06 11.15 -8.74
CA GLU B 417 2.56 10.05 -9.58
C GLU B 417 1.09 9.70 -9.35
N PHE B 418 0.55 9.84 -8.13
CA PHE B 418 -0.90 9.74 -7.90
C PHE B 418 -1.68 10.89 -8.52
N SER B 419 -1.47 12.11 -8.01
CA SER B 419 -2.21 13.29 -8.46
C SER B 419 -2.08 13.56 -9.95
N GLU B 420 -0.98 13.14 -10.56
CA GLU B 420 -0.61 13.44 -11.93
C GLU B 420 -1.05 12.32 -12.90
N ALA B 421 -1.26 11.10 -12.39
CA ALA B 421 -1.97 10.01 -13.07
C ALA B 421 -3.49 10.08 -12.89
N ARG B 422 -3.94 10.83 -11.89
CA ARG B 422 -5.36 11.15 -11.71
C ARG B 422 -5.82 12.17 -12.74
N GLU B 423 -5.06 13.26 -12.90
CA GLU B 423 -5.24 14.22 -13.98
C GLU B 423 -5.16 13.57 -15.38
N ASP B 424 -4.34 12.52 -15.53
CA ASP B 424 -4.24 11.76 -16.78
C ASP B 424 -5.58 11.13 -17.18
N MET B 425 -6.11 10.26 -16.32
CA MET B 425 -7.41 9.63 -16.55
C MET B 425 -8.57 10.61 -16.59
N ALA B 426 -8.43 11.80 -15.99
CA ALA B 426 -9.41 12.87 -16.16
C ALA B 426 -9.58 13.23 -17.65
N ALA B 427 -8.50 13.39 -18.40
CA ALA B 427 -8.55 13.55 -19.85
C ALA B 427 -8.84 12.25 -20.64
N LEU B 428 -9.12 11.13 -19.96
CA LEU B 428 -9.65 9.89 -20.54
C LEU B 428 -11.17 9.74 -20.33
N GLU B 429 -11.71 10.36 -19.28
CA GLU B 429 -13.14 10.63 -19.10
C GLU B 429 -13.63 11.64 -20.14
N LYS B 430 -12.83 12.67 -20.43
CA LYS B 430 -13.14 13.67 -21.48
C LYS B 430 -12.91 13.12 -22.89
N ASP B 431 -11.86 12.34 -23.14
CA ASP B 431 -11.60 11.73 -24.46
C ASP B 431 -12.75 10.81 -24.89
N TYR B 432 -13.10 9.86 -24.03
CA TYR B 432 -14.22 8.96 -24.28
C TYR B 432 -15.60 9.61 -24.23
N GLU B 433 -15.69 10.85 -23.75
CA GLU B 433 -16.88 11.68 -23.90
C GLU B 433 -16.90 12.42 -25.24
N GLU B 434 -15.81 13.11 -25.65
CA GLU B 434 -15.72 13.97 -26.85
C GLU B 434 -15.72 13.19 -28.17
N VAL B 435 -15.07 12.02 -28.18
CA VAL B 435 -15.06 11.13 -29.36
C VAL B 435 -16.45 10.53 -29.62
N GLY B 436 -17.39 10.63 -28.69
CA GLY B 436 -18.79 10.30 -28.91
C GLY B 436 -19.71 11.39 -28.35
N VAL B 437 -20.98 11.03 -28.16
CA VAL B 437 -22.02 11.91 -27.57
C VAL B 437 -22.35 13.20 -28.36
N ASP B 438 -21.53 13.54 -29.36
CA ASP B 438 -21.49 14.80 -30.13
C ASP B 438 -21.28 14.50 -31.64
N SER B 439 -21.62 15.47 -32.50
CA SER B 439 -21.77 15.24 -33.96
C SER B 439 -21.22 16.34 -34.89
N ARG C 2 10.51 -17.07 0.80
CA ARG C 2 10.14 -16.08 1.86
C ARG C 2 10.22 -16.75 3.21
N GLU C 3 10.33 -15.97 4.30
CA GLU C 3 10.62 -16.52 5.64
C GLU C 3 10.17 -15.67 6.80
N ILE C 4 9.99 -16.23 7.99
CA ILE C 4 9.68 -15.49 9.21
C ILE C 4 10.43 -16.11 10.39
N VAL C 5 10.60 -15.34 11.46
CA VAL C 5 11.17 -15.84 12.71
C VAL C 5 10.31 -15.39 13.89
N HIS C 6 9.63 -16.35 14.49
CA HIS C 6 8.76 -16.12 15.65
C HIS C 6 9.55 -15.67 16.89
N ILE C 7 8.88 -15.09 17.88
CA ILE C 7 9.48 -14.55 19.09
C ILE C 7 8.49 -14.75 20.24
N GLN C 8 8.88 -15.59 21.19
CA GLN C 8 8.16 -15.95 22.41
C GLN C 8 8.56 -15.06 23.58
N ALA C 9 8.22 -13.77 23.53
CA ALA C 9 8.55 -12.87 24.63
C ALA C 9 7.66 -13.10 25.88
N GLY C 10 8.30 -13.19 27.04
CA GLY C 10 7.65 -13.43 28.32
C GLY C 10 6.93 -14.75 28.46
N GLN C 11 6.35 -14.97 29.66
CA GLN C 11 5.78 -16.27 29.95
C GLN C 11 4.58 -16.54 29.05
N CYS C 12 3.64 -15.61 28.96
CA CYS C 12 2.42 -15.81 28.16
C CYS C 12 2.75 -16.06 26.69
N GLY C 13 3.55 -15.19 26.08
CA GLY C 13 4.07 -15.39 24.72
C GLY C 13 4.82 -16.71 24.55
N ASN C 14 5.47 -17.19 25.61
CA ASN C 14 6.10 -18.51 25.65
C ASN C 14 5.14 -19.70 25.76
N GLN C 15 4.21 -19.66 26.71
CA GLN C 15 3.13 -20.63 26.89
C GLN C 15 2.32 -20.77 25.60
N ILE C 16 1.99 -19.65 24.95
CA ILE C 16 1.36 -19.61 23.63
C ILE C 16 2.29 -20.17 22.59
N GLY C 17 3.58 -19.86 22.63
CA GLY C 17 4.56 -20.42 21.72
C GLY C 17 4.51 -21.94 21.70
N ALA C 18 4.44 -22.61 22.85
CA ALA C 18 4.20 -24.06 22.90
C ALA C 18 2.93 -24.51 22.15
N LYS C 19 1.85 -23.71 22.16
CA LYS C 19 0.58 -24.00 21.48
C LYS C 19 0.57 -23.65 20.00
N PHE C 20 1.18 -22.52 19.64
CA PHE C 20 1.46 -22.12 18.26
C PHE C 20 2.27 -23.17 17.53
N TRP C 21 3.34 -23.65 18.16
CA TRP C 21 4.19 -24.69 17.60
C TRP C 21 3.61 -26.10 17.74
N GLU C 22 2.80 -26.38 18.77
CA GLU C 22 1.99 -27.62 18.87
C GLU C 22 1.10 -27.76 17.62
N VAL C 23 0.43 -26.68 17.23
CA VAL C 23 -0.49 -26.64 16.08
C VAL C 23 0.29 -26.68 14.78
N ILE C 24 1.09 -25.64 14.52
CA ILE C 24 1.74 -25.42 13.23
C ILE C 24 2.49 -26.67 12.77
N SER C 25 3.09 -27.41 13.70
CA SER C 25 3.88 -28.59 13.39
C SER C 25 3.00 -29.71 12.86
N ASP C 26 1.82 -29.97 13.41
CA ASP C 26 0.79 -30.87 12.84
C ASP C 26 0.25 -30.36 11.50
N GLU C 27 0.13 -29.03 11.34
CA GLU C 27 -0.19 -28.35 10.06
C GLU C 27 0.97 -28.39 9.03
N HIS C 28 2.07 -29.05 9.41
CA HIS C 28 3.31 -29.23 8.65
C HIS C 28 3.95 -30.61 8.89
N GLY C 29 3.17 -31.58 9.39
CA GLY C 29 3.62 -32.94 9.76
C GLY C 29 4.95 -33.07 10.53
N ILE C 30 5.38 -32.11 11.35
CA ILE C 30 6.64 -32.15 12.12
C ILE C 30 6.39 -32.71 13.53
N ASP C 31 6.80 -33.97 13.73
CA ASP C 31 6.85 -34.62 15.04
C ASP C 31 7.95 -34.01 15.94
N PRO C 32 7.89 -34.16 17.29
CA PRO C 32 8.84 -33.58 18.27
C PRO C 32 10.25 -33.26 17.79
N THR C 33 11.14 -34.24 17.63
CA THR C 33 12.41 -34.05 16.86
C THR C 33 12.36 -34.68 15.45
N GLY C 34 11.29 -35.44 15.18
CA GLY C 34 11.02 -36.03 13.87
C GLY C 34 10.86 -35.00 12.75
N SER C 35 10.77 -35.56 11.54
CA SER C 35 10.73 -34.79 10.29
C SER C 35 9.31 -34.57 9.82
N TYR C 36 9.20 -34.28 8.53
CA TYR C 36 7.96 -34.26 7.79
C TYR C 36 7.38 -35.67 7.59
N HIS C 37 6.47 -36.05 8.47
CA HIS C 37 5.54 -37.16 8.28
C HIS C 37 4.30 -36.80 7.46
N GLY C 38 4.20 -35.52 7.08
CA GLY C 38 3.07 -34.89 6.38
C GLY C 38 2.21 -35.86 5.60
N ASP C 39 0.90 -35.82 5.88
CA ASP C 39 -0.07 -36.70 5.21
C ASP C 39 -0.14 -36.47 3.69
N SER C 40 0.26 -35.26 3.27
CA SER C 40 0.44 -34.81 1.89
C SER C 40 1.91 -34.51 1.57
N ASP C 41 2.13 -33.76 0.50
CA ASP C 41 3.45 -33.37 -0.03
C ASP C 41 3.58 -31.83 -0.09
N LEU C 42 2.45 -31.13 0.00
CA LEU C 42 2.35 -29.67 -0.08
C LEU C 42 2.71 -28.95 1.23
N GLN C 43 2.52 -29.62 2.37
CA GLN C 43 2.90 -29.12 3.69
C GLN C 43 4.44 -29.08 3.89
N LEU C 44 5.22 -29.00 2.79
CA LEU C 44 6.68 -29.07 2.76
C LEU C 44 7.34 -28.15 1.73
N GLU C 45 6.68 -27.80 0.63
CA GLU C 45 7.30 -26.92 -0.38
C GLU C 45 7.49 -25.48 0.13
N ARG C 46 6.89 -25.17 1.28
CA ARG C 46 6.91 -23.85 1.89
C ARG C 46 7.22 -23.81 3.38
N ILE C 47 7.57 -24.93 4.02
CA ILE C 47 7.89 -24.96 5.47
C ILE C 47 8.96 -23.96 5.88
N ASN C 48 9.89 -23.65 4.96
CA ASN C 48 11.07 -22.83 5.21
C ASN C 48 10.74 -21.58 5.99
N VAL C 49 9.54 -21.02 5.74
CA VAL C 49 8.92 -19.94 6.50
C VAL C 49 9.10 -19.98 8.01
N TYR C 50 9.15 -21.16 8.63
CA TYR C 50 9.28 -21.32 10.06
C TYR C 50 10.40 -22.25 10.53
N TYR C 51 11.19 -22.86 9.63
CA TYR C 51 12.15 -23.89 10.01
C TYR C 51 13.51 -23.72 9.33
N ASN C 52 14.46 -24.60 9.68
CA ASN C 52 15.80 -24.65 9.10
C ASN C 52 16.23 -26.09 8.80
N GLU C 53 16.99 -26.26 7.71
CA GLU C 53 17.59 -27.53 7.31
C GLU C 53 18.96 -27.72 7.99
N ALA C 54 19.12 -28.80 8.76
CA ALA C 54 20.39 -29.17 9.37
C ALA C 54 20.73 -30.65 9.16
N ALA C 55 19.98 -31.54 9.82
CA ALA C 55 20.18 -32.98 9.67
C ALA C 55 19.64 -33.50 8.32
N GLY C 56 18.31 -33.48 8.19
CA GLY C 56 17.54 -34.12 7.10
C GLY C 56 16.27 -34.80 7.60
N ASN C 57 16.11 -34.85 8.93
CA ASN C 57 14.88 -35.18 9.63
C ASN C 57 14.52 -34.11 10.69
N LYS C 58 15.37 -33.11 10.91
CA LYS C 58 15.28 -32.19 12.04
C LYS C 58 15.11 -30.77 11.50
N TYR C 59 13.92 -30.49 10.99
CA TYR C 59 13.52 -29.12 10.72
C TYR C 59 13.20 -28.46 12.05
N VAL C 60 14.05 -27.54 12.48
CA VAL C 60 13.87 -26.87 13.78
C VAL C 60 13.09 -25.57 13.62
N PRO C 61 12.03 -25.32 14.42
CA PRO C 61 11.35 -24.03 14.51
C PRO C 61 12.33 -22.90 14.73
N ARG C 62 12.23 -21.88 13.89
CA ARG C 62 13.07 -20.70 13.89
C ARG C 62 12.42 -19.59 14.70
N ALA C 63 12.32 -19.86 16.00
CA ALA C 63 11.80 -18.91 16.95
C ALA C 63 12.85 -18.47 17.97
N ILE C 64 12.46 -17.53 18.82
CA ILE C 64 13.28 -17.09 19.96
C ILE C 64 12.49 -17.21 21.24
N LEU C 65 13.08 -17.72 22.31
CA LEU C 65 12.40 -17.89 23.58
C LEU C 65 13.01 -16.94 24.60
N VAL C 66 12.31 -15.84 24.86
CA VAL C 66 12.87 -14.73 25.63
C VAL C 66 12.15 -14.62 26.97
N ASP C 67 12.80 -15.02 28.04
CA ASP C 67 12.19 -14.98 29.37
C ASP C 67 13.21 -14.82 30.52
N LEU C 68 12.90 -13.97 31.49
CA LEU C 68 13.72 -13.77 32.70
C LEU C 68 13.38 -14.80 33.79
N GLU C 69 12.34 -15.61 33.58
CA GLU C 69 11.89 -16.62 34.54
C GLU C 69 12.31 -18.01 34.06
N PRO C 70 13.31 -18.69 34.68
CA PRO C 70 13.76 -19.99 34.19
C PRO C 70 12.64 -21.03 34.14
N GLY C 71 11.90 -21.17 35.25
CA GLY C 71 10.83 -22.17 35.42
C GLY C 71 9.79 -22.23 34.30
N THR C 72 9.50 -21.10 33.63
CA THR C 72 8.68 -21.07 32.41
C THR C 72 9.32 -21.81 31.24
N MET C 73 10.44 -21.31 30.70
CA MET C 73 11.07 -21.98 29.56
C MET C 73 11.49 -23.41 29.93
N ASP C 74 11.72 -23.66 31.23
CA ASP C 74 12.00 -24.94 31.85
C ASP C 74 10.76 -25.83 32.09
N SER C 75 9.57 -25.36 31.69
CA SER C 75 8.31 -26.12 31.59
C SER C 75 7.91 -26.36 30.13
N VAL C 76 8.19 -25.39 29.27
CA VAL C 76 8.02 -25.50 27.82
C VAL C 76 9.03 -26.47 27.23
N ARG C 77 10.29 -26.44 27.68
CA ARG C 77 11.36 -27.35 27.20
C ARG C 77 11.33 -28.75 27.81
N SER C 78 10.64 -28.93 28.95
CA SER C 78 10.58 -30.21 29.70
C SER C 78 9.29 -31.01 29.44
N GLY C 79 8.42 -30.50 28.58
CA GLY C 79 7.11 -31.07 28.27
C GLY C 79 7.06 -31.76 26.90
N PRO C 80 5.98 -31.56 26.11
CA PRO C 80 5.73 -32.24 24.82
C PRO C 80 6.75 -31.90 23.71
N PHE C 81 6.39 -31.01 22.77
CA PHE C 81 7.25 -30.51 21.68
C PHE C 81 8.47 -29.71 22.18
N GLY C 82 8.61 -29.48 23.48
CA GLY C 82 9.69 -28.69 24.09
C GLY C 82 11.12 -29.04 23.67
N GLN C 83 11.35 -30.28 23.21
CA GLN C 83 12.66 -30.76 22.77
C GLN C 83 12.95 -30.59 21.26
N ILE C 84 12.21 -29.71 20.56
CA ILE C 84 12.46 -29.40 19.14
C ILE C 84 13.38 -28.19 18.95
N PHE C 85 13.23 -27.18 19.82
CA PHE C 85 13.96 -25.93 19.78
C PHE C 85 15.44 -26.24 19.96
N ARG C 86 16.30 -25.74 19.07
CA ARG C 86 17.74 -25.77 19.35
C ARG C 86 17.98 -24.99 20.65
N PRO C 87 18.84 -25.48 21.56
CA PRO C 87 19.06 -24.81 22.85
C PRO C 87 19.52 -23.36 22.71
N ASP C 88 20.14 -23.03 21.59
CA ASP C 88 20.55 -21.70 21.16
C ASP C 88 19.38 -20.68 21.11
N ASN C 89 18.14 -21.15 20.90
CA ASN C 89 16.93 -20.33 20.89
C ASN C 89 16.50 -19.85 22.30
N PHE C 90 16.84 -20.58 23.36
CA PHE C 90 16.50 -20.20 24.74
C PHE C 90 17.36 -19.04 25.23
N VAL C 91 16.86 -17.82 25.07
CA VAL C 91 17.45 -16.63 25.68
C VAL C 91 16.79 -16.33 27.03
N PHE C 92 17.24 -17.09 28.02
CA PHE C 92 16.87 -16.96 29.43
C PHE C 92 17.56 -15.81 30.16
N GLY C 93 16.96 -15.36 31.26
CA GLY C 93 17.55 -14.34 32.11
C GLY C 93 17.33 -14.68 33.57
N GLN C 94 18.11 -15.59 34.15
CA GLN C 94 17.85 -16.19 35.49
C GLN C 94 17.70 -15.20 36.66
N SER C 95 17.91 -13.91 36.40
CA SER C 95 17.55 -12.73 37.17
C SER C 95 16.13 -12.82 37.76
N GLY C 96 15.79 -11.89 38.66
CA GLY C 96 14.40 -11.79 39.10
C GLY C 96 13.52 -11.23 37.98
N ALA C 97 12.65 -12.05 37.38
CA ALA C 97 11.66 -11.68 36.34
C ALA C 97 10.49 -10.81 36.86
N GLY C 98 10.78 -9.92 37.78
CA GLY C 98 9.80 -9.09 38.49
C GLY C 98 8.80 -8.51 37.52
N ASN C 99 7.55 -8.42 37.97
CA ASN C 99 6.37 -8.14 37.16
C ASN C 99 6.28 -6.69 36.66
N ASN C 100 7.42 -6.04 36.54
CA ASN C 100 7.56 -4.65 36.27
C ASN C 100 8.04 -4.47 34.82
N TRP C 101 7.32 -3.67 34.06
CA TRP C 101 7.71 -3.29 32.70
C TRP C 101 9.10 -2.66 32.64
N ALA C 102 9.41 -1.80 33.61
CA ALA C 102 10.72 -1.17 33.74
C ALA C 102 11.83 -2.17 34.05
N LYS C 103 11.51 -3.18 34.88
CA LYS C 103 12.46 -4.23 35.25
C LYS C 103 12.82 -5.10 34.04
N GLY C 104 11.87 -5.34 33.13
CA GLY C 104 12.15 -6.05 31.88
C GLY C 104 12.56 -5.18 30.69
N HIS C 105 12.57 -3.85 30.79
CA HIS C 105 12.86 -2.99 29.62
C HIS C 105 14.14 -2.15 29.79
N TYR C 106 14.47 -1.75 31.02
CA TYR C 106 15.57 -0.80 31.29
C TYR C 106 16.67 -1.43 32.11
N THR C 107 16.32 -2.28 33.09
CA THR C 107 17.30 -2.76 34.08
C THR C 107 17.69 -4.21 33.86
N GLU C 108 16.76 -5.16 33.97
CA GLU C 108 17.07 -6.59 33.86
C GLU C 108 16.87 -7.12 32.44
N GLY C 109 15.88 -6.61 31.68
CA GLY C 109 15.78 -7.03 30.28
C GLY C 109 16.87 -6.43 29.43
N ALA C 110 17.26 -5.17 29.67
CA ALA C 110 18.24 -4.44 28.86
C ALA C 110 19.62 -5.13 28.74
N GLU C 111 20.04 -5.89 29.75
CA GLU C 111 21.28 -6.70 29.67
C GLU C 111 21.13 -7.90 28.75
N LEU C 112 20.00 -8.60 28.85
CA LEU C 112 19.78 -9.84 28.13
C LEU C 112 19.53 -9.58 26.63
N VAL C 113 19.20 -8.35 26.26
CA VAL C 113 18.83 -8.00 24.88
C VAL C 113 19.95 -8.29 23.90
N ASP C 114 21.19 -7.92 24.21
CA ASP C 114 22.28 -8.09 23.27
C ASP C 114 22.53 -9.58 22.95
N SER C 115 22.38 -10.45 23.95
CA SER C 115 22.40 -11.91 23.77
C SER C 115 21.13 -12.49 23.13
N VAL C 116 20.09 -11.66 22.92
CA VAL C 116 18.91 -11.98 22.08
C VAL C 116 19.16 -11.56 20.65
N LEU C 117 19.46 -10.27 20.42
CA LEU C 117 19.75 -9.69 19.10
C LEU C 117 20.81 -10.50 18.34
N ASP C 118 21.80 -11.02 19.06
CA ASP C 118 22.78 -11.98 18.54
C ASP C 118 22.11 -13.15 17.75
N VAL C 119 21.12 -13.78 18.38
CA VAL C 119 20.38 -14.91 17.82
C VAL C 119 19.31 -14.49 16.83
N VAL C 120 18.63 -13.36 17.04
CA VAL C 120 17.66 -12.82 16.08
C VAL C 120 18.32 -12.54 14.73
N ARG C 121 19.64 -12.26 14.75
CA ARG C 121 20.50 -12.11 13.57
C ARG C 121 21.00 -13.44 13.03
N LYS C 122 21.37 -14.39 13.89
CA LYS C 122 21.69 -15.77 13.45
C LYS C 122 20.52 -16.40 12.67
N GLU C 123 19.29 -16.14 13.10
CA GLU C 123 18.07 -16.67 12.47
C GLU C 123 17.59 -15.84 11.28
N SER C 124 17.76 -14.52 11.26
CA SER C 124 17.41 -13.67 10.12
C SER C 124 18.38 -13.83 8.94
N GLU C 125 19.67 -14.02 9.23
CA GLU C 125 20.73 -14.30 8.27
C GLU C 125 20.81 -15.81 7.94
N SER C 126 19.76 -16.57 8.23
CA SER C 126 19.66 -18.02 7.98
C SER C 126 19.89 -18.35 6.50
N CYS C 127 18.92 -18.04 5.63
CA CYS C 127 18.99 -18.15 4.18
C CYS C 127 17.82 -17.42 3.48
N ASP C 128 17.73 -17.59 2.16
CA ASP C 128 16.70 -17.05 1.26
C ASP C 128 16.41 -15.55 1.49
N CYS C 129 15.13 -15.16 1.51
CA CYS C 129 14.68 -13.82 1.86
C CYS C 129 13.74 -13.84 3.08
N LEU C 130 14.09 -13.06 4.11
CA LEU C 130 13.24 -12.75 5.24
C LEU C 130 12.03 -11.89 4.81
N GLN C 131 10.86 -12.24 5.31
CA GLN C 131 9.62 -11.45 5.26
C GLN C 131 9.51 -10.58 6.51
N GLY C 132 9.47 -11.18 7.71
CA GLY C 132 9.24 -10.46 8.97
C GLY C 132 9.47 -11.30 10.23
N PHE C 133 8.84 -10.91 11.33
CA PHE C 133 8.93 -11.61 12.61
C PHE C 133 7.54 -11.69 13.25
N GLN C 134 7.17 -12.87 13.74
CA GLN C 134 5.97 -13.00 14.60
C GLN C 134 6.40 -12.71 16.02
N LEU C 135 5.58 -12.01 16.80
CA LEU C 135 5.88 -11.74 18.20
C LEU C 135 4.68 -12.14 19.04
N THR C 136 4.88 -12.93 20.09
CA THR C 136 3.84 -13.32 21.05
C THR C 136 4.26 -12.86 22.43
N HIS C 137 3.31 -12.36 23.22
CA HIS C 137 3.53 -11.82 24.57
C HIS C 137 2.21 -11.34 25.18
N SER C 138 2.25 -11.04 26.47
CA SER C 138 1.17 -10.35 27.17
C SER C 138 1.58 -8.94 27.54
N LEU C 139 0.62 -8.03 27.48
CA LEU C 139 0.88 -6.62 27.77
C LEU C 139 0.75 -6.33 29.28
N GLY C 140 0.83 -7.37 30.12
CA GLY C 140 0.48 -7.35 31.53
C GLY C 140 1.62 -7.83 32.43
N GLY C 141 2.87 -7.79 31.96
CA GLY C 141 3.99 -8.30 32.75
C GLY C 141 5.38 -7.81 32.40
N GLY C 142 6.40 -8.18 33.18
CA GLY C 142 7.75 -7.64 32.99
C GLY C 142 8.38 -8.08 31.68
N THR C 143 8.59 -9.39 31.55
CA THR C 143 9.15 -10.01 30.35
C THR C 143 8.28 -9.95 29.09
N GLY C 144 6.96 -9.85 29.24
CA GLY C 144 6.07 -9.75 28.09
C GLY C 144 6.10 -8.35 27.52
N SER C 145 5.50 -7.42 28.27
CA SER C 145 5.34 -6.05 27.81
C SER C 145 6.62 -5.23 27.87
N GLY C 146 7.52 -5.38 28.84
CA GLY C 146 8.75 -4.58 28.86
C GLY C 146 9.80 -5.13 27.91
N MET C 147 10.29 -6.33 28.19
CA MET C 147 11.37 -6.91 27.40
C MET C 147 10.94 -7.22 25.96
N GLY C 148 9.74 -7.75 25.75
CA GLY C 148 9.25 -8.08 24.41
C GLY C 148 9.02 -6.87 23.51
N THR C 149 8.68 -5.74 24.11
CA THR C 149 8.57 -4.46 23.43
C THR C 149 9.93 -3.80 23.16
N LEU C 150 10.97 -4.19 23.89
CA LEU C 150 12.32 -3.72 23.59
C LEU C 150 12.90 -4.49 22.42
N LEU C 151 12.68 -5.81 22.41
CA LEU C 151 13.15 -6.71 21.35
C LEU C 151 12.72 -6.17 20.00
N ILE C 152 11.45 -5.78 19.87
CA ILE C 152 10.95 -5.13 18.65
C ILE C 152 11.50 -3.74 18.38
N SER C 153 11.69 -2.88 19.38
CA SER C 153 12.30 -1.55 19.16
C SER C 153 13.71 -1.69 18.59
N LYS C 154 14.40 -2.80 18.87
CA LYS C 154 15.67 -3.19 18.27
C LYS C 154 15.54 -3.89 16.93
N ILE C 155 14.59 -4.81 16.75
CA ILE C 155 14.32 -5.45 15.47
C ILE C 155 14.00 -4.40 14.39
N ARG C 156 13.11 -3.44 14.68
CA ARG C 156 12.68 -2.37 13.76
C ARG C 156 13.74 -1.31 13.45
N GLU C 157 14.90 -1.37 14.11
CA GLU C 157 16.09 -0.58 13.81
C GLU C 157 17.08 -1.34 12.91
N GLU C 158 17.10 -2.68 13.02
CA GLU C 158 17.98 -3.59 12.28
C GLU C 158 17.43 -3.96 10.89
N TYR C 159 16.09 -4.03 10.76
CA TYR C 159 15.41 -4.38 9.52
C TYR C 159 14.08 -3.59 9.39
N PRO C 160 14.12 -2.25 9.20
CA PRO C 160 12.92 -1.44 8.93
C PRO C 160 12.19 -1.78 7.61
N ASP C 161 12.66 -2.78 6.85
CA ASP C 161 12.09 -3.36 5.63
C ASP C 161 11.17 -4.56 5.88
N ARG C 162 11.65 -5.48 6.74
CA ARG C 162 10.94 -6.70 7.10
C ARG C 162 9.80 -6.34 8.06
N ILE C 163 8.65 -6.97 7.84
CA ILE C 163 7.42 -6.70 8.58
C ILE C 163 7.50 -7.21 10.01
N MET C 164 6.56 -6.76 10.82
CA MET C 164 6.50 -7.09 12.23
C MET C 164 5.04 -7.29 12.64
N ASN C 165 4.64 -8.56 12.65
CA ASN C 165 3.40 -9.01 13.25
C ASN C 165 3.59 -9.15 14.76
N THR C 166 2.59 -8.71 15.52
CA THR C 166 2.54 -8.84 16.96
C THR C 166 1.23 -9.47 17.37
N PHE C 167 1.27 -10.43 18.26
CA PHE C 167 0.13 -11.08 18.91
C PHE C 167 0.15 -10.70 20.38
N SER C 168 -0.51 -9.59 20.69
CA SER C 168 -0.56 -9.07 22.05
C SER C 168 -1.75 -9.64 22.81
N VAL C 169 -1.52 -10.04 24.06
CA VAL C 169 -2.61 -10.39 24.98
C VAL C 169 -2.93 -9.16 25.81
N VAL C 170 -3.64 -8.23 25.17
CA VAL C 170 -4.11 -7.02 25.85
C VAL C 170 -4.86 -7.42 27.14
N PRO C 171 -4.62 -6.68 28.24
CA PRO C 171 -5.35 -6.87 29.49
C PRO C 171 -6.86 -6.96 29.33
N SER C 172 -7.39 -8.12 29.74
CA SER C 172 -8.81 -8.40 29.73
C SER C 172 -9.58 -7.46 30.69
N PRO C 173 -10.71 -6.84 30.30
CA PRO C 173 -11.53 -5.96 31.16
C PRO C 173 -11.96 -6.54 32.52
N LYS C 174 -13.05 -7.31 32.56
CA LYS C 174 -13.79 -7.77 33.78
C LYS C 174 -12.91 -8.01 35.02
N VAL C 175 -11.86 -8.82 34.87
CA VAL C 175 -10.86 -9.14 35.89
C VAL C 175 -9.49 -9.09 35.21
N SER C 176 -8.58 -8.36 35.84
CA SER C 176 -7.16 -8.31 35.49
C SER C 176 -6.41 -9.43 36.23
N ASP C 177 -5.68 -10.28 35.49
CA ASP C 177 -4.84 -11.36 36.02
C ASP C 177 -3.51 -10.85 36.66
N THR C 178 -3.38 -9.53 36.79
CA THR C 178 -2.31 -8.78 37.44
C THR C 178 -2.87 -7.46 37.99
N VAL C 179 -2.11 -6.76 38.84
CA VAL C 179 -2.57 -5.54 39.54
C VAL C 179 -2.09 -4.26 38.86
N VAL C 180 -0.80 -4.20 38.55
CA VAL C 180 -0.21 -3.07 37.83
C VAL C 180 -0.57 -3.06 36.37
N GLU C 181 -1.00 -4.19 35.80
CA GLU C 181 -1.58 -4.41 34.47
C GLU C 181 -1.60 -3.19 33.50
N PRO C 182 -2.41 -2.13 33.71
CA PRO C 182 -2.39 -0.93 32.86
C PRO C 182 -1.03 -0.24 32.75
N TYR C 183 -0.18 -0.26 33.78
CA TYR C 183 1.22 0.17 33.75
C TYR C 183 2.04 -0.65 32.77
N ASN C 184 2.10 -1.97 32.94
CA ASN C 184 2.77 -2.83 31.97
C ASN C 184 2.18 -2.68 30.55
N ALA C 185 0.89 -2.38 30.45
CA ALA C 185 0.17 -2.37 29.18
C ALA C 185 0.33 -1.09 28.40
N THR C 186 -0.01 0.04 29.02
CA THR C 186 0.16 1.38 28.46
C THR C 186 1.59 1.63 28.03
N LEU C 187 2.56 1.07 28.78
CA LEU C 187 3.96 1.20 28.40
C LEU C 187 4.38 0.31 27.21
N SER C 188 3.75 -0.85 26.99
CA SER C 188 4.08 -1.65 25.79
C SER C 188 3.32 -1.21 24.55
N VAL C 189 2.01 -0.97 24.62
CA VAL C 189 1.23 -0.44 23.47
C VAL C 189 1.86 0.82 22.86
N HIS C 190 2.50 1.63 23.71
CA HIS C 190 3.33 2.78 23.34
C HIS C 190 4.48 2.45 22.40
N GLN C 191 5.24 1.41 22.73
CA GLN C 191 6.25 0.87 21.83
C GLN C 191 5.65 0.20 20.57
N LEU C 192 4.48 -0.42 20.71
CA LEU C 192 3.85 -1.18 19.62
C LEU C 192 3.39 -0.25 18.50
N VAL C 193 2.67 0.84 18.83
CA VAL C 193 2.17 1.92 17.92
C VAL C 193 3.27 2.63 17.11
N GLU C 194 4.53 2.31 17.34
CA GLU C 194 5.70 2.99 16.78
C GLU C 194 6.80 2.03 16.29
N ASN C 195 6.55 0.71 16.25
CA ASN C 195 7.52 -0.27 15.75
C ASN C 195 6.87 -1.39 14.94
N THR C 196 6.20 -2.37 15.55
CA THR C 196 5.44 -3.37 14.78
C THR C 196 4.48 -2.70 13.77
N ASP C 197 4.07 -3.38 12.69
CA ASP C 197 3.14 -2.81 11.68
C ASP C 197 1.89 -3.65 11.40
N GLU C 198 1.71 -4.74 12.14
CA GLU C 198 0.48 -5.53 12.21
C GLU C 198 0.30 -6.06 13.66
N THR C 199 -0.74 -5.70 14.42
CA THR C 199 -0.97 -6.28 15.77
C THR C 199 -2.28 -7.05 15.82
N TYR C 200 -2.34 -8.20 16.47
CA TYR C 200 -3.53 -9.04 16.65
C TYR C 200 -3.78 -9.21 18.15
N CYS C 201 -4.65 -8.37 18.66
CA CYS C 201 -4.94 -8.26 20.09
C CYS C 201 -5.97 -9.31 20.50
N ILE C 202 -5.65 -10.05 21.54
CA ILE C 202 -6.41 -11.21 22.00
C ILE C 202 -6.64 -11.10 23.50
N ASP C 203 -7.85 -11.42 23.94
CA ASP C 203 -8.26 -11.10 25.30
C ASP C 203 -8.72 -12.38 25.99
N ASN C 204 -8.06 -12.76 27.09
CA ASN C 204 -8.27 -14.05 27.77
C ASN C 204 -9.75 -14.31 28.10
N GLU C 205 -10.54 -13.26 28.33
CA GLU C 205 -11.96 -13.43 28.56
C GLU C 205 -12.85 -13.43 27.31
N ALA C 206 -12.49 -12.67 26.27
CA ALA C 206 -13.18 -12.74 24.99
C ALA C 206 -13.08 -14.16 24.44
N LEU C 207 -11.92 -14.76 24.67
CA LEU C 207 -11.67 -16.17 24.49
C LEU C 207 -12.55 -17.02 25.37
N TYR C 208 -12.58 -16.81 26.70
CA TYR C 208 -13.46 -17.61 27.57
C TYR C 208 -14.91 -17.60 27.08
N ASP C 209 -15.51 -16.44 26.80
CA ASP C 209 -16.84 -16.35 26.14
C ASP C 209 -16.93 -17.21 24.87
N ILE C 210 -16.04 -16.97 23.92
CA ILE C 210 -15.98 -17.67 22.63
C ILE C 210 -15.62 -19.15 22.79
N CYS C 211 -15.11 -19.55 23.94
CA CYS C 211 -14.64 -20.90 24.22
C CYS C 211 -15.60 -21.65 25.17
N PHE C 212 -16.55 -20.98 25.82
CA PHE C 212 -17.52 -21.57 26.74
C PHE C 212 -18.96 -21.52 26.21
N ARG C 213 -19.25 -20.65 25.23
CA ARG C 213 -20.56 -20.54 24.57
C ARG C 213 -20.58 -20.93 23.10
N THR C 214 -19.48 -20.76 22.38
CA THR C 214 -19.36 -21.12 20.95
C THR C 214 -18.71 -22.50 20.78
N LEU C 215 -17.97 -22.90 21.81
CA LEU C 215 -17.65 -24.27 22.17
C LEU C 215 -18.41 -24.47 23.49
N LYS C 216 -19.21 -25.52 23.66
CA LYS C 216 -19.91 -25.82 24.95
C LYS C 216 -18.94 -26.21 26.10
N LEU C 217 -17.63 -26.13 25.82
CA LEU C 217 -16.51 -26.46 26.70
C LEU C 217 -16.67 -25.81 28.07
N THR C 218 -16.84 -26.64 29.09
CA THR C 218 -17.15 -26.18 30.45
C THR C 218 -15.89 -25.83 31.24
N THR C 219 -14.75 -26.45 30.92
CA THR C 219 -13.47 -26.29 31.62
C THR C 219 -12.38 -25.77 30.67
N PRO C 220 -12.52 -24.55 30.12
CA PRO C 220 -11.56 -23.96 29.19
C PRO C 220 -10.23 -23.67 29.90
N THR C 221 -9.34 -24.64 29.92
CA THR C 221 -7.98 -24.46 30.48
C THR C 221 -7.21 -23.41 29.65
N TYR C 222 -6.12 -22.84 30.18
CA TYR C 222 -5.26 -21.95 29.39
C TYR C 222 -4.73 -22.58 28.10
N GLY C 223 -4.36 -23.87 28.16
CA GLY C 223 -3.94 -24.63 26.98
C GLY C 223 -4.94 -24.54 25.82
N ASP C 224 -6.24 -24.42 26.14
CA ASP C 224 -7.36 -24.28 25.22
C ASP C 224 -7.49 -22.87 24.63
N LEU C 225 -7.44 -21.83 25.47
CA LEU C 225 -7.34 -20.43 25.03
C LEU C 225 -6.19 -20.22 24.05
N ASN C 226 -5.01 -20.60 24.48
CA ASN C 226 -3.80 -20.52 23.69
C ASN C 226 -3.91 -21.35 22.40
N HIS C 227 -4.50 -22.55 22.44
CA HIS C 227 -4.82 -23.39 21.26
C HIS C 227 -5.70 -22.65 20.26
N LEU C 228 -6.80 -22.02 20.73
CA LEU C 228 -7.67 -21.24 19.86
C LEU C 228 -6.90 -20.09 19.20
N VAL C 229 -6.03 -19.41 19.94
CA VAL C 229 -5.23 -18.28 19.44
C VAL C 229 -4.28 -18.75 18.36
N SER C 230 -3.56 -19.81 18.69
CA SER C 230 -2.62 -20.44 17.78
C SER C 230 -3.29 -20.98 16.51
N ALA C 231 -4.60 -21.26 16.54
CA ALA C 231 -5.41 -21.65 15.39
C ALA C 231 -5.63 -20.50 14.39
N THR C 232 -5.70 -19.27 14.91
CA THR C 232 -5.79 -18.08 14.07
C THR C 232 -4.44 -17.74 13.46
N MET C 233 -3.39 -17.60 14.27
CA MET C 233 -2.09 -17.15 13.76
C MET C 233 -1.48 -18.11 12.72
N SER C 234 -1.94 -19.37 12.70
CA SER C 234 -1.72 -20.33 11.62
C SER C 234 -2.54 -20.02 10.34
N GLY C 235 -3.81 -19.66 10.50
CA GLY C 235 -4.63 -19.22 9.39
C GLY C 235 -4.26 -17.85 8.80
N VAL C 236 -3.49 -17.02 9.51
CA VAL C 236 -2.85 -15.78 9.02
C VAL C 236 -1.63 -16.11 8.14
N THR C 237 -0.54 -16.51 8.77
CA THR C 237 0.80 -16.59 8.19
C THR C 237 1.01 -17.82 7.31
N THR C 238 1.44 -18.94 7.91
CA THR C 238 1.66 -20.28 7.30
C THR C 238 0.61 -20.62 6.26
N CYS C 239 -0.65 -20.35 6.56
CA CYS C 239 -1.75 -20.49 5.60
C CYS C 239 -1.47 -19.83 4.26
N LEU C 240 -1.24 -18.53 4.25
CA LEU C 240 -0.99 -17.82 3.01
C LEU C 240 0.34 -18.15 2.36
N ARG C 241 1.17 -18.91 3.06
CA ARG C 241 2.34 -19.61 2.50
C ARG C 241 1.96 -20.99 1.99
N PHE C 242 0.72 -21.09 1.53
CA PHE C 242 0.24 -22.13 0.64
C PHE C 242 -0.26 -21.53 -0.67
N PRO C 243 -0.51 -22.39 -1.67
CA PRO C 243 -1.16 -22.00 -2.91
C PRO C 243 -2.58 -21.50 -2.63
N GLY C 244 -3.16 -20.90 -3.65
CA GLY C 244 -4.51 -20.39 -3.58
C GLY C 244 -4.88 -19.71 -4.88
N GLN C 245 -6.16 -19.74 -5.19
CA GLN C 245 -6.74 -19.06 -6.37
C GLN C 245 -6.48 -17.55 -6.31
N LEU C 246 -6.53 -17.02 -5.09
CA LEU C 246 -6.06 -15.70 -4.75
C LEU C 246 -5.36 -15.74 -3.39
N ASN C 247 -4.06 -15.99 -3.42
CA ASN C 247 -3.27 -15.86 -2.22
C ASN C 247 -2.77 -14.42 -1.99
N ALA C 248 -2.49 -14.20 -0.72
CA ALA C 248 -1.81 -13.06 -0.17
C ALA C 248 -0.58 -13.52 0.62
N ASP C 249 0.01 -12.60 1.37
CA ASP C 249 1.09 -12.83 2.29
C ASP C 249 1.10 -11.62 3.26
N LEU C 250 1.76 -11.72 4.43
CA LEU C 250 1.94 -10.62 5.39
C LEU C 250 1.96 -9.21 4.79
N ARG C 251 2.73 -8.94 3.72
CA ARG C 251 2.61 -7.64 3.03
C ARG C 251 1.25 -7.38 2.46
N LYS C 252 0.68 -8.22 1.59
CA LYS C 252 -0.71 -8.00 1.14
C LYS C 252 -1.64 -7.72 2.31
N LEU C 253 -1.57 -8.48 3.41
CA LEU C 253 -2.34 -8.24 4.63
C LEU C 253 -2.07 -6.81 5.14
N ALA C 254 -0.80 -6.43 5.32
CA ALA C 254 -0.40 -5.12 5.79
C ALA C 254 -0.86 -3.99 4.82
N VAL C 255 -0.49 -4.10 3.55
CA VAL C 255 -0.75 -3.16 2.45
C VAL C 255 -2.22 -3.06 2.00
N ASN C 256 -3.09 -3.95 2.50
CA ASN C 256 -4.53 -3.80 2.37
C ASN C 256 -5.20 -3.35 3.70
N MET C 257 -4.54 -3.50 4.85
CA MET C 257 -5.16 -3.39 6.17
C MET C 257 -4.75 -2.22 7.03
N VAL C 258 -3.73 -1.47 6.65
CA VAL C 258 -3.31 -0.30 7.40
C VAL C 258 -3.48 0.92 6.50
N PRO C 259 -4.60 1.65 6.63
CA PRO C 259 -4.80 2.86 5.87
C PRO C 259 -3.88 3.95 6.41
N PHE C 260 -3.61 3.98 7.72
CA PHE C 260 -2.73 5.00 8.29
C PHE C 260 -1.59 4.40 9.12
N PRO C 261 -0.35 4.93 8.95
CA PRO C 261 0.92 4.39 9.47
C PRO C 261 1.06 4.14 10.96
N ARG C 262 0.06 4.47 11.79
CA ARG C 262 0.14 4.19 13.23
C ARG C 262 0.61 2.80 13.56
N LEU C 263 0.18 1.86 12.73
CA LEU C 263 0.35 0.40 12.71
C LEU C 263 -1.04 -0.23 12.62
N HIS C 264 -1.94 0.26 13.47
CA HIS C 264 -3.27 -0.32 13.67
C HIS C 264 -3.26 -1.77 14.13
N PHE C 265 -4.23 -2.04 15.00
CA PHE C 265 -4.36 -3.28 15.70
C PHE C 265 -5.69 -3.89 15.27
N PHE C 266 -5.62 -5.18 15.00
CA PHE C 266 -6.67 -5.98 14.43
C PHE C 266 -7.24 -6.89 15.50
N MET C 267 -8.25 -7.64 15.10
CA MET C 267 -9.00 -8.48 16.01
C MET C 267 -9.28 -9.78 15.27
N PRO C 268 -8.48 -10.81 15.53
CA PRO C 268 -8.61 -12.05 14.80
C PRO C 268 -9.93 -12.78 15.11
N GLY C 269 -10.39 -13.58 14.16
CA GLY C 269 -11.54 -14.48 14.34
C GLY C 269 -11.38 -15.72 13.47
N PHE C 270 -11.56 -16.91 14.03
CA PHE C 270 -11.54 -18.15 13.25
C PHE C 270 -12.92 -18.45 12.67
N ALA C 271 -13.00 -19.29 11.64
CA ALA C 271 -14.27 -19.66 11.02
C ALA C 271 -14.95 -20.84 11.73
N PRO C 272 -14.69 -22.14 11.45
CA PRO C 272 -15.56 -23.18 11.96
C PRO C 272 -15.32 -23.37 13.45
N LEU C 273 -16.20 -22.78 14.26
CA LEU C 273 -16.06 -22.74 15.72
C LEU C 273 -17.28 -23.40 16.31
N THR C 274 -17.33 -24.70 16.06
CA THR C 274 -18.44 -25.56 16.44
C THR C 274 -17.99 -26.51 17.53
N SER C 275 -18.81 -26.69 18.57
CA SER C 275 -18.56 -27.72 19.58
C SER C 275 -18.43 -29.12 18.95
N ARG C 276 -17.72 -30.03 19.63
CA ARG C 276 -17.24 -31.28 19.00
C ARG C 276 -18.36 -32.13 18.35
N GLY C 277 -18.99 -33.00 19.15
CA GLY C 277 -19.87 -34.07 18.65
C GLY C 277 -21.12 -33.51 17.95
N SER C 278 -22.08 -33.01 18.71
CA SER C 278 -23.36 -32.50 18.18
C SER C 278 -23.23 -31.45 17.06
N GLN C 279 -22.66 -30.28 17.37
CA GLN C 279 -22.64 -29.08 16.52
C GLN C 279 -21.81 -29.20 15.23
N GLN C 280 -21.10 -30.31 15.00
CA GLN C 280 -20.61 -30.80 13.69
C GLN C 280 -21.78 -30.88 12.69
N TYR C 281 -22.26 -29.69 12.31
CA TYR C 281 -23.43 -29.44 11.49
C TYR C 281 -23.04 -29.34 10.03
N ARG C 282 -21.73 -29.10 9.79
CA ARG C 282 -21.15 -28.99 8.46
C ARG C 282 -21.75 -27.84 7.64
N ALA C 283 -22.58 -27.02 8.28
CA ALA C 283 -23.07 -25.74 7.79
C ALA C 283 -21.87 -24.81 7.68
N LEU C 284 -21.10 -25.08 6.64
CA LEU C 284 -19.80 -24.55 6.28
C LEU C 284 -19.72 -24.46 4.74
N THR C 285 -20.87 -24.42 4.05
CA THR C 285 -20.90 -24.17 2.61
C THR C 285 -20.07 -22.94 2.26
N VAL C 286 -20.26 -21.83 3.00
CA VAL C 286 -19.55 -20.52 3.00
C VAL C 286 -20.36 -19.45 3.72
N PRO C 287 -21.68 -19.26 3.46
CA PRO C 287 -22.46 -18.22 4.15
C PRO C 287 -22.43 -18.41 5.66
N GLU C 288 -22.18 -19.63 6.12
CA GLU C 288 -22.00 -20.01 7.51
C GLU C 288 -20.65 -19.58 8.10
N LEU C 289 -19.59 -19.55 7.30
CA LEU C 289 -18.30 -18.97 7.70
C LEU C 289 -18.40 -17.46 7.79
N THR C 290 -18.95 -16.77 6.79
CA THR C 290 -19.12 -15.32 6.89
C THR C 290 -20.13 -14.93 7.97
N GLN C 291 -21.17 -15.75 8.20
CA GLN C 291 -22.06 -15.64 9.36
C GLN C 291 -21.25 -15.66 10.66
N GLN C 292 -20.35 -16.63 10.79
CA GLN C 292 -19.49 -16.80 11.95
C GLN C 292 -18.56 -15.59 12.17
N MET C 293 -17.57 -15.42 11.28
CA MET C 293 -16.49 -14.44 11.39
C MET C 293 -16.96 -12.99 11.65
N PHE C 294 -18.08 -12.58 11.03
CA PHE C 294 -18.60 -11.21 11.13
C PHE C 294 -19.62 -10.95 12.26
N ASP C 295 -20.00 -11.96 13.08
CA ASP C 295 -20.74 -11.66 14.31
C ASP C 295 -19.86 -10.95 15.37
N ALA C 296 -20.49 -10.38 16.40
CA ALA C 296 -19.83 -9.71 17.53
C ALA C 296 -18.90 -10.65 18.36
N LYS C 297 -19.50 -11.44 19.25
CA LYS C 297 -18.95 -12.73 19.71
C LYS C 297 -18.36 -13.47 18.52
N ASN C 298 -17.29 -14.23 18.77
CA ASN C 298 -16.35 -14.79 17.80
C ASN C 298 -15.16 -13.90 17.39
N MET C 299 -15.14 -12.64 17.83
CA MET C 299 -13.96 -11.78 17.75
C MET C 299 -13.08 -11.97 18.97
N MET C 300 -11.83 -12.41 18.81
CA MET C 300 -10.91 -12.67 19.94
C MET C 300 -10.55 -11.42 20.77
N ALA C 301 -10.81 -10.22 20.24
CA ALA C 301 -10.85 -8.97 20.99
C ALA C 301 -12.00 -8.91 22.00
N ALA C 302 -11.90 -8.01 22.98
CA ALA C 302 -12.98 -7.75 23.96
C ALA C 302 -14.09 -6.90 23.38
N CYS C 303 -13.71 -5.81 22.71
CA CYS C 303 -14.66 -4.89 22.11
C CYS C 303 -15.48 -5.61 21.02
N ASP C 304 -16.71 -5.16 20.86
CA ASP C 304 -17.61 -5.70 19.85
C ASP C 304 -17.54 -4.82 18.58
N PRO C 305 -17.38 -5.41 17.38
CA PRO C 305 -17.34 -4.65 16.13
C PRO C 305 -18.61 -3.83 15.85
N ARG C 306 -19.74 -4.31 16.35
CA ARG C 306 -21.02 -3.60 16.31
C ARG C 306 -20.98 -2.20 16.94
N HIS C 307 -19.94 -1.92 17.75
CA HIS C 307 -19.68 -0.65 18.41
C HIS C 307 -18.76 0.30 17.61
N GLY C 308 -18.45 -0.02 16.35
CA GLY C 308 -17.55 0.82 15.56
C GLY C 308 -17.29 0.30 14.14
N ARG C 309 -17.22 1.22 13.18
CA ARG C 309 -16.88 0.94 11.78
C ARG C 309 -15.65 0.03 11.62
N TYR C 310 -15.54 -0.60 10.47
CA TYR C 310 -14.30 -1.24 10.03
C TYR C 310 -13.55 -0.32 9.10
N LEU C 311 -12.21 -0.34 9.13
CA LEU C 311 -11.41 0.27 8.08
C LEU C 311 -11.08 -0.77 7.01
N THR C 312 -10.63 -1.91 7.50
CA THR C 312 -10.30 -3.02 6.63
C THR C 312 -10.76 -4.30 7.29
N VAL C 313 -11.01 -5.28 6.45
CA VAL C 313 -11.19 -6.66 6.83
C VAL C 313 -10.34 -7.55 5.93
N ALA C 314 -9.85 -8.68 6.42
CA ALA C 314 -9.20 -9.70 5.60
C ALA C 314 -9.73 -11.09 5.98
N ALA C 315 -10.70 -11.57 5.21
CA ALA C 315 -11.12 -12.96 5.29
C ALA C 315 -10.13 -13.83 4.50
N VAL C 316 -9.16 -14.39 5.21
CA VAL C 316 -8.15 -15.31 4.73
C VAL C 316 -8.68 -16.75 4.78
N PHE C 317 -9.59 -17.06 3.86
CA PHE C 317 -10.11 -18.41 3.65
C PHE C 317 -8.99 -19.39 3.29
N ARG C 318 -9.18 -20.65 3.69
CA ARG C 318 -8.30 -21.78 3.36
C ARG C 318 -9.12 -23.07 3.31
N GLY C 319 -9.58 -23.37 2.10
CA GLY C 319 -10.41 -24.52 1.80
C GLY C 319 -11.12 -24.32 0.48
N ARG C 320 -11.10 -25.32 -0.40
CA ARG C 320 -11.65 -25.21 -1.76
C ARG C 320 -13.09 -24.70 -1.75
N MET C 321 -13.28 -23.61 -2.48
CA MET C 321 -14.52 -22.84 -2.56
C MET C 321 -14.58 -22.05 -3.86
N SER C 322 -15.78 -21.66 -4.26
CA SER C 322 -15.96 -20.85 -5.46
C SER C 322 -15.55 -19.39 -5.21
N MET C 323 -14.66 -18.85 -6.06
CA MET C 323 -14.35 -17.40 -6.15
C MET C 323 -15.55 -16.53 -6.52
N LYS C 324 -16.68 -17.14 -6.80
CA LYS C 324 -17.97 -16.45 -6.87
C LYS C 324 -18.67 -16.45 -5.51
N GLU C 325 -18.92 -17.59 -4.86
CA GLU C 325 -19.63 -17.62 -3.57
C GLU C 325 -18.82 -17.00 -2.43
N VAL C 326 -17.50 -16.82 -2.59
CA VAL C 326 -16.67 -16.01 -1.72
C VAL C 326 -16.90 -14.53 -1.99
N ASP C 327 -16.40 -14.03 -3.13
CA ASP C 327 -16.44 -12.62 -3.53
C ASP C 327 -17.85 -12.02 -3.51
N GLU C 328 -18.88 -12.82 -3.80
CA GLU C 328 -20.29 -12.47 -3.62
C GLU C 328 -20.68 -12.25 -2.15
N GLN C 329 -20.44 -13.23 -1.28
CA GLN C 329 -20.93 -13.18 0.11
C GLN C 329 -20.44 -11.92 0.81
N MET C 330 -19.15 -11.62 0.62
CA MET C 330 -18.46 -10.44 1.13
C MET C 330 -19.19 -9.15 0.76
N LEU C 331 -19.81 -9.10 -0.42
CA LEU C 331 -20.58 -7.95 -0.85
C LEU C 331 -21.87 -7.77 -0.06
N ASN C 332 -22.71 -8.80 0.03
CA ASN C 332 -23.96 -8.69 0.79
C ASN C 332 -23.66 -8.34 2.26
N VAL C 333 -22.55 -8.85 2.81
CA VAL C 333 -22.04 -8.48 4.13
C VAL C 333 -21.68 -6.99 4.21
N GLN C 334 -21.03 -6.44 3.18
CA GLN C 334 -20.72 -5.01 3.05
C GLN C 334 -21.97 -4.11 2.90
N ASN C 335 -23.09 -4.64 2.41
CA ASN C 335 -24.30 -3.85 2.18
C ASN C 335 -25.35 -3.98 3.29
N LYS C 336 -25.50 -5.17 3.88
CA LYS C 336 -26.34 -5.39 5.07
C LYS C 336 -25.87 -4.55 6.26
N ASN C 337 -24.56 -4.30 6.31
CA ASN C 337 -23.88 -3.60 7.39
C ASN C 337 -23.15 -2.34 6.90
N SER C 338 -23.63 -1.69 5.84
CA SER C 338 -23.07 -0.42 5.32
C SER C 338 -22.92 0.64 6.42
N SER C 339 -23.81 0.58 7.42
CA SER C 339 -23.75 1.33 8.68
C SER C 339 -22.39 1.26 9.39
N TYR C 340 -21.94 0.06 9.79
CA TYR C 340 -20.59 -0.15 10.31
C TYR C 340 -19.66 -0.86 9.33
N PHE C 341 -19.00 -0.05 8.51
CA PHE C 341 -17.97 -0.55 7.59
C PHE C 341 -17.06 0.54 7.03
N VAL C 342 -17.25 1.81 7.42
CA VAL C 342 -16.65 3.01 6.80
C VAL C 342 -16.98 3.13 5.30
N GLU C 343 -16.98 4.35 4.77
CA GLU C 343 -17.47 4.61 3.39
C GLU C 343 -16.40 5.09 2.41
N TRP C 344 -15.38 5.81 2.89
CA TRP C 344 -14.25 6.29 2.08
C TRP C 344 -13.29 5.18 1.62
N ILE C 345 -13.66 3.93 1.85
CA ILE C 345 -13.05 2.76 1.23
C ILE C 345 -14.17 1.99 0.52
N PRO C 346 -14.30 2.11 -0.81
CA PRO C 346 -15.30 1.42 -1.62
C PRO C 346 -15.38 -0.10 -1.40
N ASN C 347 -14.24 -0.75 -1.15
CA ASN C 347 -14.19 -2.16 -0.78
C ASN C 347 -13.25 -2.35 0.43
N ASN C 348 -13.78 -2.26 1.64
CA ASN C 348 -13.03 -2.50 2.89
C ASN C 348 -12.39 -3.88 2.94
N VAL C 349 -13.18 -4.86 2.48
CA VAL C 349 -12.84 -6.26 2.59
C VAL C 349 -11.75 -6.62 1.59
N LYS C 350 -10.75 -7.34 2.09
CA LYS C 350 -9.71 -8.03 1.37
C LYS C 350 -10.04 -9.51 1.39
N THR C 351 -10.71 -10.00 0.35
CA THR C 351 -10.79 -11.45 0.15
C THR C 351 -9.42 -12.05 -0.14
N ALA C 352 -9.09 -13.12 0.57
CA ALA C 352 -7.90 -13.95 0.42
C ALA C 352 -8.33 -15.42 0.48
N VAL C 353 -7.82 -16.25 -0.43
CA VAL C 353 -8.24 -17.65 -0.57
C VAL C 353 -7.02 -18.52 -0.88
N CYS C 354 -6.57 -19.25 0.15
CA CYS C 354 -5.76 -20.47 0.07
C CYS C 354 -6.58 -21.67 -0.45
N ASP C 355 -5.93 -22.80 -0.77
CA ASP C 355 -6.57 -24.05 -1.21
C ASP C 355 -6.69 -25.11 -0.09
N ILE C 356 -5.56 -25.61 0.42
CA ILE C 356 -5.52 -26.58 1.53
C ILE C 356 -6.14 -25.98 2.82
N PRO C 357 -7.11 -26.68 3.45
CA PRO C 357 -7.73 -26.25 4.71
C PRO C 357 -6.94 -26.71 5.96
N PRO C 358 -7.34 -26.30 7.19
CA PRO C 358 -6.69 -26.76 8.43
C PRO C 358 -6.84 -28.26 8.53
N ARG C 359 -5.72 -28.99 8.45
CA ARG C 359 -5.56 -30.45 8.34
C ARG C 359 -6.88 -31.24 8.30
N GLY C 360 -7.55 -31.39 9.45
CA GLY C 360 -8.70 -32.27 9.64
C GLY C 360 -10.08 -31.73 9.22
N LEU C 361 -10.17 -30.47 8.79
CA LEU C 361 -11.40 -29.78 8.45
C LEU C 361 -11.59 -29.66 6.92
N LYS C 362 -12.82 -29.39 6.50
CA LYS C 362 -13.12 -29.16 5.08
C LYS C 362 -12.80 -27.72 4.60
N MET C 363 -13.18 -26.73 5.40
CA MET C 363 -13.19 -25.34 4.99
C MET C 363 -13.13 -24.45 6.22
N SER C 364 -12.18 -23.52 6.26
CA SER C 364 -12.07 -22.47 7.26
C SER C 364 -11.72 -21.14 6.61
N ALA C 365 -11.62 -20.12 7.44
CA ALA C 365 -11.31 -18.75 7.10
C ALA C 365 -10.96 -17.96 8.34
N THR C 366 -9.73 -17.48 8.34
CA THR C 366 -9.28 -16.55 9.35
C THR C 366 -9.81 -15.18 9.00
N PHE C 367 -10.20 -14.43 10.00
CA PHE C 367 -10.67 -13.08 9.90
C PHE C 367 -9.66 -12.18 10.60
N ILE C 368 -9.36 -11.05 9.97
CA ILE C 368 -8.43 -10.07 10.51
C ILE C 368 -9.07 -8.70 10.33
N GLY C 369 -9.80 -8.26 11.36
CA GLY C 369 -10.58 -7.02 11.28
C GLY C 369 -9.81 -5.83 11.83
N ASN C 370 -9.59 -4.80 11.02
CA ASN C 370 -9.12 -3.49 11.47
C ASN C 370 -10.33 -2.57 11.78
N SER C 371 -11.13 -2.90 12.79
CA SER C 371 -12.22 -1.99 13.20
C SER C 371 -11.78 -0.90 14.18
N THR C 372 -12.41 0.26 14.02
CA THR C 372 -12.36 1.41 14.93
C THR C 372 -12.95 1.08 16.30
N ALA C 373 -13.65 -0.06 16.45
CA ALA C 373 -14.19 -0.54 17.73
C ALA C 373 -13.09 -0.74 18.80
N ILE C 374 -11.84 -1.05 18.40
CA ILE C 374 -10.72 -1.22 19.35
C ILE C 374 -10.31 0.06 20.08
N GLN C 375 -10.84 1.20 19.65
CA GLN C 375 -10.87 2.44 20.42
C GLN C 375 -11.37 2.22 21.86
N GLU C 376 -12.50 1.51 22.03
CA GLU C 376 -13.12 1.13 23.30
C GLU C 376 -12.34 0.07 24.11
N LEU C 377 -11.06 -0.11 23.81
CA LEU C 377 -10.16 -0.91 24.61
C LEU C 377 -8.92 -0.13 25.06
N PHE C 378 -8.26 0.59 24.16
CA PHE C 378 -7.20 1.50 24.57
C PHE C 378 -7.73 2.64 25.45
N LYS C 379 -9.02 3.00 25.31
CA LYS C 379 -9.79 3.73 26.32
C LYS C 379 -9.73 3.07 27.69
N ARG C 380 -10.14 1.80 27.76
CA ARG C 380 -10.18 1.00 28.99
C ARG C 380 -8.82 1.01 29.69
N ILE C 381 -7.76 0.63 28.98
CA ILE C 381 -6.39 0.56 29.49
C ILE C 381 -5.93 1.93 30.00
N SER C 382 -6.12 2.96 29.19
CA SER C 382 -5.75 4.35 29.48
C SER C 382 -6.52 4.94 30.69
N GLU C 383 -7.79 4.55 30.88
CA GLU C 383 -8.53 4.86 32.10
C GLU C 383 -7.88 4.23 33.34
N GLN C 384 -7.68 2.91 33.32
CA GLN C 384 -7.11 2.20 34.48
C GLN C 384 -5.76 2.80 34.89
N PHE C 385 -4.99 3.25 33.90
CA PHE C 385 -3.76 4.02 34.08
C PHE C 385 -4.01 5.29 34.89
N THR C 386 -4.72 6.30 34.35
CA THR C 386 -4.97 7.57 35.05
C THR C 386 -5.55 7.42 36.46
N ALA C 387 -6.50 6.51 36.67
CA ALA C 387 -7.14 6.27 37.96
C ALA C 387 -6.13 5.87 39.05
N MET C 388 -5.04 5.18 38.66
CA MET C 388 -3.97 4.77 39.56
C MET C 388 -2.69 5.61 39.46
N PHE C 389 -2.38 6.14 38.27
CA PHE C 389 -1.25 7.01 37.98
C PHE C 389 -1.38 8.35 38.69
N ARG C 390 -2.62 8.81 38.84
CA ARG C 390 -2.95 9.97 39.67
C ARG C 390 -2.40 9.82 41.09
N ARG C 391 -2.48 8.61 41.67
CA ARG C 391 -1.98 8.31 43.01
C ARG C 391 -0.61 7.64 43.04
N LYS C 392 0.03 7.46 41.87
CA LYS C 392 1.36 6.84 41.70
C LYS C 392 1.44 5.43 42.28
N ALA C 393 0.31 4.72 42.26
CA ALA C 393 0.01 3.49 43.00
C ALA C 393 1.23 2.60 43.32
N PHE C 394 1.60 1.70 42.41
CA PHE C 394 2.78 0.84 42.52
C PHE C 394 3.97 1.41 41.75
N LEU C 395 4.06 2.74 41.66
CA LEU C 395 5.05 3.40 40.80
C LEU C 395 6.47 3.25 41.33
N HIS C 396 6.65 3.12 42.66
CA HIS C 396 7.99 2.99 43.25
C HIS C 396 8.73 1.73 42.78
N TRP C 397 8.00 0.70 42.34
CA TRP C 397 8.57 -0.47 41.66
C TRP C 397 9.15 -0.18 40.27
N TYR C 398 8.71 0.88 39.60
CA TYR C 398 9.24 1.33 38.32
C TYR C 398 10.34 2.36 38.48
N THR C 399 10.11 3.46 39.21
CA THR C 399 11.16 4.47 39.43
C THR C 399 12.35 3.91 40.18
N GLY C 400 12.11 3.07 41.19
CA GLY C 400 13.16 2.37 41.92
C GLY C 400 13.99 1.39 41.09
N GLU C 401 13.53 1.06 39.87
CA GLU C 401 14.23 0.30 38.83
C GLU C 401 14.83 1.20 37.73
N GLY C 402 15.12 2.47 38.02
CA GLY C 402 15.61 3.41 37.02
C GLY C 402 14.58 3.68 35.92
N MET C 403 13.55 4.44 36.29
CA MET C 403 12.52 4.95 35.40
C MET C 403 12.34 6.45 35.60
N ASP C 404 11.35 7.02 34.89
CA ASP C 404 11.07 8.43 34.81
C ASP C 404 9.58 8.65 35.06
N GLU C 405 9.23 9.71 35.80
CA GLU C 405 7.83 10.13 35.96
C GLU C 405 7.23 10.67 34.64
N MET C 406 8.12 11.08 33.74
CA MET C 406 7.78 11.50 32.39
C MET C 406 7.58 10.33 31.41
N GLU C 407 8.10 9.14 31.70
CA GLU C 407 7.97 7.95 30.83
C GLU C 407 6.54 7.39 30.83
N PHE C 408 5.92 7.37 32.01
CA PHE C 408 4.51 6.99 32.15
C PHE C 408 3.58 8.00 31.49
N THR C 409 3.89 9.28 31.70
CA THR C 409 3.18 10.38 31.05
C THR C 409 3.21 10.21 29.54
N GLU C 410 4.40 9.99 28.98
CA GLU C 410 4.66 9.82 27.56
C GLU C 410 3.81 8.70 26.94
N ALA C 411 3.87 7.50 27.53
CA ALA C 411 3.20 6.32 27.02
C ALA C 411 1.69 6.42 27.07
N GLU C 412 1.14 6.86 28.21
CA GLU C 412 -0.27 7.18 28.31
C GLU C 412 -0.65 8.17 27.23
N SER C 413 -0.01 9.35 27.17
CA SER C 413 -0.38 10.38 26.20
C SER C 413 -0.33 9.90 24.76
N ASN C 414 0.72 9.17 24.35
CA ASN C 414 0.76 8.52 23.05
C ASN C 414 -0.42 7.57 22.84
N MET C 415 -0.53 6.52 23.64
CA MET C 415 -1.60 5.52 23.46
C MET C 415 -3.03 6.11 23.65
N ASN C 416 -3.13 7.22 24.37
CA ASN C 416 -4.35 7.98 24.56
C ASN C 416 -4.68 8.88 23.34
N ASP C 417 -3.64 9.39 22.65
CA ASP C 417 -3.76 9.95 21.29
C ASP C 417 -4.15 8.90 20.26
N LEU C 418 -3.65 7.68 20.40
CA LEU C 418 -3.98 6.57 19.52
C LEU C 418 -5.49 6.24 19.59
N VAL C 419 -6.12 6.38 20.76
CA VAL C 419 -7.58 6.35 20.89
C VAL C 419 -8.24 7.45 20.05
N SER C 420 -7.78 8.70 20.22
CA SER C 420 -8.31 9.87 19.50
C SER C 420 -8.30 9.64 17.99
N GLU C 421 -7.15 9.25 17.43
CA GLU C 421 -6.99 9.01 16.00
C GLU C 421 -7.98 7.97 15.46
N TYR C 422 -8.21 6.90 16.21
CA TYR C 422 -9.08 5.84 15.73
C TYR C 422 -10.55 6.27 15.57
N GLN C 423 -10.95 7.29 16.32
CA GLN C 423 -12.27 7.91 16.23
C GLN C 423 -12.44 8.79 14.99
N GLN C 424 -11.35 9.32 14.42
CA GLN C 424 -11.33 10.21 13.24
C GLN C 424 -11.88 9.57 11.97
N TYR C 425 -12.08 8.25 12.03
CA TYR C 425 -12.54 7.38 10.96
C TYR C 425 -13.84 6.64 11.29
N GLN C 426 -14.14 6.49 12.58
CA GLN C 426 -15.48 6.14 13.07
C GLN C 426 -16.54 7.20 12.68
N ASP C 427 -16.08 8.42 12.36
CA ASP C 427 -16.76 9.64 11.88
C ASP C 427 -16.21 10.15 10.51
C1 9V5 D . 23.39 31.60 5.39
C2 9V5 D . 22.18 31.94 4.83
C3 9V5 D . 23.50 30.45 6.15
C4 9V5 D . 21.07 31.13 5.01
C5 9V5 D . 22.41 29.64 6.35
C6 9V5 D . 21.14 27.37 4.26
C7 9V5 D . 21.32 26.24 3.48
C8 9V5 D . 19.23 25.38 4.26
C10 9V5 D . 21.19 29.98 5.78
S18 9V5 D . 19.78 28.94 6.03
O16 9V5 D . 18.69 29.64 5.47
O17 9V5 D . 19.87 28.50 7.38
C11 9V5 D . 20.01 27.50 5.04
C12 9V5 D . 20.36 25.25 3.48
CL 9V5 D . 20.58 23.83 2.50
C9 9V5 D . 19.05 26.51 5.04
N13 9V5 D . 17.83 26.65 5.87
O15 9V5 D . 16.83 27.14 5.39
O14 9V5 D . 17.84 26.30 7.03
ZN ZN E . -30.70 -27.95 -32.06
MG MG F . 0.41 -12.69 -7.35
PG GTP G . 0.38 -9.03 -7.11
O1G GTP G . 1.78 -8.45 -6.93
O2G GTP G . 0.23 -10.41 -6.48
O3G GTP G . -0.54 -7.99 -6.48
O3B GTP G . -0.02 -9.30 -8.70
PB GTP G . -1.44 -9.94 -9.26
O1B GTP G . -1.96 -8.94 -10.28
O2B GTP G . -1.26 -11.32 -9.67
O3A GTP G . -2.41 -9.78 -8.09
PA GTP G . -3.79 -10.33 -7.73
O1A GTP G . -3.85 -11.80 -7.87
O2A GTP G . -4.16 -9.80 -6.38
O5' GTP G . -4.78 -9.59 -8.82
C5' GTP G . -6.15 -9.97 -8.66
C4' GTP G . -7.12 -9.34 -9.61
O4' GTP G . -7.23 -10.12 -10.83
C3' GTP G . -8.49 -9.37 -8.97
O3' GTP G . -9.27 -8.33 -9.49
C2' GTP G . -8.98 -10.76 -9.35
O2' GTP G . -10.40 -10.77 -9.38
C1' GTP G . -8.36 -11.00 -10.74
N9 GTP G . -7.90 -12.36 -11.02
C8 GTP G . -6.99 -13.09 -10.30
N7 GTP G . -6.78 -14.29 -10.77
C5 GTP G . -7.61 -14.37 -11.86
C6 GTP G . -7.83 -15.42 -12.76
O6 GTP G . -7.27 -16.52 -12.74
N1 GTP G . -8.77 -15.11 -13.76
C2 GTP G . -9.45 -13.91 -13.86
N2 GTP G . -10.29 -13.80 -14.84
N3 GTP G . -9.26 -12.91 -13.01
C4 GTP G . -8.32 -13.19 -12.04
PB GDP H . 5.50 -12.22 32.20
O1B GDP H . 6.08 -11.66 30.97
O2B GDP H . 5.49 -13.61 32.30
O3B GDP H . 6.19 -11.47 33.48
O3A GDP H . 3.98 -11.82 32.18
PA GDP H . 2.61 -12.78 32.26
O1A GDP H . 2.54 -13.60 31.02
O2A GDP H . 2.70 -13.55 33.55
O5' GDP H . 1.49 -11.69 32.20
C5' GDP H . 0.16 -11.96 32.74
C4' GDP H . -0.92 -11.82 31.78
O4' GDP H . -0.76 -12.83 30.72
C3' GDP H . -2.35 -12.18 32.33
O3' GDP H . -3.28 -11.21 31.71
C2' GDP H . -2.75 -13.59 31.84
O2' GDP H . -4.13 -13.88 31.58
C1' GDP H . -1.93 -13.76 30.57
N9 GDP H . -1.41 -15.10 30.34
C8 GDP H . -0.30 -15.62 31.22
N7 GDP H . -0.23 -16.85 30.56
C5 GDP H . -1.04 -17.12 29.53
C6 GDP H . -1.43 -18.07 28.57
O6 GDP H . -0.75 -19.23 28.58
N1 GDP H . -2.39 -17.87 27.63
C2 GDP H . -3.11 -16.58 27.63
N2 GDP H . -4.00 -16.62 26.67
N3 GDP H . -2.83 -15.68 28.49
C4 GDP H . -1.84 -15.91 29.38
O01 TA1 I . -9.98 -30.45 18.55
C01 TA1 I . -10.48 -30.21 17.22
C02 TA1 I . -11.76 -29.21 17.40
O02 TA1 I . -11.14 -28.03 18.04
C03 TA1 I . -11.42 -27.78 19.40
O03 TA1 I . -12.17 -28.47 20.07
C04 TA1 I . -10.74 -26.62 19.91
C05 TA1 I . -10.09 -26.90 21.20
C06 TA1 I . -9.38 -25.73 21.79
C07 TA1 I . -9.34 -24.46 21.14
C08 TA1 I . -9.91 -24.35 20.04
C09 TA1 I . -10.64 -25.35 19.34
C10 TA1 I . -12.54 -28.69 16.07
C11 TA1 I . -12.87 -27.11 16.07
O04 TA1 I . -11.65 -26.28 16.08
C12 TA1 I . -10.78 -26.23 15.01
O05 TA1 I . -10.92 -26.83 13.98
C13 TA1 I . -9.65 -25.28 15.33
C14 TA1 I . -13.69 -26.50 17.24
O06 TA1 I . -14.71 -26.00 16.35
C15 TA1 I . -14.02 -26.52 15.20
C16 TA1 I . -14.92 -27.51 14.38
C17 TA1 I . -14.34 -28.92 14.26
O07 TA1 I . -15.27 -29.76 13.52
C18 TA1 I . -13.92 -29.56 15.68
C19 TA1 I . -15.10 -29.38 16.69
C20 TA1 I . -13.81 -31.17 15.54
O08 TA1 I . -14.60 -31.87 16.15
C21 TA1 I . -12.74 -31.84 14.67
O09 TA1 I . -12.92 -33.32 14.80
C22 TA1 I . -13.34 -34.06 13.71
O10 TA1 I . -13.59 -33.63 12.63
C23 TA1 I . -13.45 -35.52 14.08
C24 TA1 I . -11.34 -31.41 15.11
C25 TA1 I . -10.54 -30.67 14.24
C26 TA1 I . -9.21 -30.13 14.82
O11 TA1 I . -8.59 -29.07 14.00
C27 TA1 I . -7.67 -29.44 13.11
O12 TA1 I . -7.28 -30.55 12.88
C28 TA1 I . -7.10 -28.20 12.38
O13 TA1 I . -6.11 -28.63 11.48
C29 TA1 I . -6.56 -27.21 13.45
N01 TA1 I . -5.64 -27.96 14.30
C30 TA1 I . -5.39 -27.63 15.58
O14 TA1 I . -5.90 -26.65 16.14
C31 TA1 I . -4.47 -28.56 16.28
C32 TA1 I . -3.16 -28.81 15.87
C33 TA1 I . -2.33 -29.72 16.58
C34 TA1 I . -2.85 -30.40 17.72
C35 TA1 I . -4.14 -30.17 18.13
C36 TA1 I . -4.97 -29.27 17.44
C37 TA1 I . -5.94 -25.96 12.79
C38 TA1 I . -6.76 -24.84 12.58
C39 TA1 I . -6.24 -23.67 11.97
C40 TA1 I . -4.90 -23.62 11.57
C41 TA1 I . -4.08 -24.72 11.78
C42 TA1 I . -4.59 -25.90 12.39
C43 TA1 I . -9.41 -29.51 16.26
C44 TA1 I . -10.90 -30.28 12.81
C45 TA1 I . -10.84 -31.71 16.61
C46 TA1 I . -9.57 -32.67 16.54
C47 TA1 I . -11.78 -32.47 17.57
N HIS A 13 -6.43 34.04 5.85
CA HIS A 13 -6.23 35.33 6.50
C HIS A 13 -4.82 35.41 7.10
N HIS A 14 -4.56 34.55 8.08
CA HIS A 14 -3.27 34.51 8.75
C HIS A 14 -2.33 33.55 8.03
N MET A 15 -2.72 33.13 6.84
CA MET A 15 -1.93 32.22 6.02
C MET A 15 -1.71 32.84 4.66
N LYS A 16 -0.46 33.09 4.32
CA LYS A 16 -0.13 33.71 3.05
C LYS A 16 0.77 32.84 2.18
N VAL A 17 0.34 32.64 0.93
CA VAL A 17 1.10 31.84 -0.02
C VAL A 17 1.81 32.76 -1.02
N VAL A 18 3.13 32.74 -0.98
CA VAL A 18 3.93 33.58 -1.88
C VAL A 18 4.82 32.74 -2.78
N VAL A 19 4.58 32.83 -4.08
CA VAL A 19 5.36 32.09 -5.05
C VAL A 19 6.47 32.97 -5.59
N ARG A 20 7.69 32.46 -5.58
CA ARG A 20 8.82 33.23 -6.09
C ARG A 20 9.55 32.46 -7.17
N VAL A 21 9.48 32.96 -8.39
CA VAL A 21 10.13 32.31 -9.51
C VAL A 21 11.64 32.61 -9.51
N ARG A 22 12.43 31.59 -9.78
CA ARG A 22 13.88 31.76 -9.84
C ARG A 22 14.36 31.68 -11.28
N PRO A 23 15.40 32.44 -11.63
CA PRO A 23 15.94 32.46 -12.98
C PRO A 23 16.63 31.15 -13.30
N GLU A 24 16.50 30.71 -14.54
CA GLU A 24 17.12 29.48 -14.99
C GLU A 24 18.64 29.60 -14.95
N ASN A 25 19.32 28.46 -14.91
CA ASN A 25 20.77 28.43 -14.88
C ASN A 25 21.32 28.84 -16.24
N THR A 26 22.57 29.28 -16.27
CA THR A 26 23.22 29.71 -17.50
C THR A 26 23.08 28.65 -18.60
N LYS A 27 23.21 27.37 -18.23
CA LYS A 27 23.08 26.28 -19.20
C LYS A 27 21.65 26.12 -19.68
N GLU A 28 20.70 26.22 -18.74
CA GLU A 28 19.29 26.08 -19.06
C GLU A 28 18.82 27.17 -20.02
N LYS A 29 19.22 28.41 -19.74
CA LYS A 29 18.87 29.55 -20.59
C LYS A 29 19.51 29.43 -21.97
N ALA A 30 20.70 28.84 -22.01
CA ALA A 30 21.43 28.66 -23.25
C ALA A 30 20.75 27.60 -24.12
N ALA A 31 20.18 26.59 -23.46
CA ALA A 31 19.49 25.52 -24.14
C ALA A 31 18.17 26.01 -24.72
N GLY A 32 17.32 26.57 -23.87
CA GLY A 32 16.03 27.05 -24.33
C GLY A 32 15.08 25.94 -24.68
N PHE A 33 14.39 25.43 -23.67
CA PHE A 33 13.44 24.35 -23.86
C PHE A 33 12.02 24.83 -23.58
N HIS A 34 11.04 23.99 -23.87
CA HIS A 34 9.66 24.35 -23.62
C HIS A 34 9.43 24.54 -22.13
N LYS A 35 9.20 25.78 -21.74
CA LYS A 35 8.98 26.14 -20.35
C LYS A 35 7.85 25.34 -19.72
N VAL A 36 8.04 24.99 -18.45
CA VAL A 36 7.03 24.23 -17.72
C VAL A 36 5.88 25.16 -17.32
N VAL A 37 6.24 26.32 -16.78
CA VAL A 37 5.26 27.31 -16.35
C VAL A 37 5.61 28.67 -16.95
N HIS A 38 4.60 29.40 -17.36
CA HIS A 38 4.79 30.71 -17.95
C HIS A 38 4.23 31.80 -17.05
N VAL A 39 5.07 32.78 -16.73
CA VAL A 39 4.67 33.89 -15.89
C VAL A 39 3.88 34.91 -16.70
N VAL A 40 2.55 34.83 -16.63
CA VAL A 40 1.70 35.75 -17.36
C VAL A 40 1.92 37.16 -16.84
N ASP A 41 1.84 37.28 -15.52
CA ASP A 41 2.05 38.55 -14.85
C ASP A 41 2.53 38.28 -13.44
N LYS A 42 2.72 39.32 -12.64
CA LYS A 42 3.19 39.14 -11.28
C LYS A 42 2.05 38.70 -10.37
N HIS A 43 1.32 37.66 -10.78
CA HIS A 43 0.20 37.14 -10.00
C HIS A 43 -0.28 35.79 -10.56
N ILE A 44 -0.61 35.77 -11.85
CA ILE A 44 -1.11 34.56 -12.50
C ILE A 44 -0.01 33.83 -13.27
N LEU A 45 0.01 32.51 -13.13
CA LEU A 45 0.98 31.67 -13.82
C LEU A 45 0.26 30.56 -14.58
N VAL A 46 0.73 30.25 -15.79
CA VAL A 46 0.11 29.22 -16.61
C VAL A 46 1.06 28.04 -16.81
N PHE A 47 0.61 26.85 -16.43
CA PHE A 47 1.39 25.63 -16.58
C PHE A 47 1.17 24.96 -17.93
N ASP A 48 2.27 24.67 -18.62
CA ASP A 48 2.26 24.02 -19.94
C ASP A 48 1.21 24.58 -20.89
N PRO A 49 1.48 25.76 -21.47
CA PRO A 49 0.55 26.43 -22.38
C PRO A 49 0.56 25.86 -23.81
N LYS A 50 1.31 26.53 -24.69
CA LYS A 50 1.41 26.13 -26.09
C LYS A 50 2.02 24.73 -26.26
N GLN A 71 -3.70 23.29 -27.64
CA GLN A 71 -3.14 23.53 -26.32
C GLN A 71 -2.84 22.21 -25.62
N ASN A 72 -1.87 22.23 -24.72
CA ASN A 72 -1.50 21.03 -23.98
C ASN A 72 -2.28 20.97 -22.67
N LYS A 73 -1.82 21.73 -21.69
CA LYS A 73 -2.48 21.75 -20.38
C LYS A 73 -3.20 23.09 -20.19
N ASP A 74 -2.44 24.17 -20.33
CA ASP A 74 -2.97 25.53 -20.17
C ASP A 74 -3.63 25.69 -18.82
N LEU A 75 -3.00 25.12 -17.80
CA LEU A 75 -3.53 25.18 -16.46
C LEU A 75 -3.08 26.44 -15.74
N LYS A 76 -4.00 27.39 -15.61
CA LYS A 76 -3.72 28.64 -14.93
C LYS A 76 -3.85 28.46 -13.42
N PHE A 77 -2.85 28.94 -12.69
CA PHE A 77 -2.86 28.83 -11.24
C PHE A 77 -2.81 30.21 -10.59
N VAL A 78 -3.60 30.38 -9.55
CA VAL A 78 -3.66 31.64 -8.83
C VAL A 78 -3.32 31.42 -7.35
N PHE A 79 -2.83 32.46 -6.69
CA PHE A 79 -2.47 32.39 -5.28
C PHE A 79 -2.65 33.74 -4.61
N ASP A 80 -1.96 33.96 -3.50
CA ASP A 80 -2.05 35.22 -2.77
C ASP A 80 -1.06 36.23 -3.31
N ALA A 81 0.18 35.78 -3.49
CA ALA A 81 1.23 36.64 -4.02
C ALA A 81 2.21 35.84 -4.87
N VAL A 82 2.58 36.39 -6.01
CA VAL A 82 3.52 35.75 -6.91
C VAL A 82 4.57 36.76 -7.38
N PHE A 83 5.82 36.36 -7.33
CA PHE A 83 6.91 37.21 -7.75
C PHE A 83 7.46 36.76 -9.10
N ASP A 84 8.15 37.66 -9.79
CA ASP A 84 8.73 37.38 -11.08
C ASP A 84 10.07 36.64 -10.90
N GLU A 85 10.67 36.18 -11.99
CA GLU A 85 11.95 35.49 -11.92
C GLU A 85 13.05 36.47 -11.55
N THR A 86 12.78 37.75 -11.79
CA THR A 86 13.73 38.81 -11.48
C THR A 86 13.66 39.18 -9.99
N SER A 87 12.79 38.51 -9.25
CA SER A 87 12.61 38.77 -7.83
C SER A 87 13.83 38.33 -7.03
N THR A 88 14.66 39.29 -6.67
CA THR A 88 15.85 39.01 -5.92
C THR A 88 15.48 38.70 -4.46
N GLN A 89 16.43 38.17 -3.71
CA GLN A 89 16.22 37.82 -2.31
C GLN A 89 15.65 38.99 -1.51
N SER A 90 16.18 40.18 -1.76
CA SER A 90 15.73 41.38 -1.06
C SER A 90 14.24 41.66 -1.25
N GLU A 91 13.73 41.50 -2.47
CA GLU A 91 12.31 41.78 -2.74
C GLU A 91 11.39 40.85 -1.98
N VAL A 92 11.70 39.55 -2.01
CA VAL A 92 10.91 38.55 -1.31
C VAL A 92 10.96 38.80 0.19
N PHE A 93 12.13 39.18 0.67
CA PHE A 93 12.33 39.48 2.08
C PHE A 93 11.36 40.56 2.54
N GLU A 94 11.26 41.62 1.75
CA GLU A 94 10.39 42.74 2.08
C GLU A 94 8.92 42.31 2.21
N HIS A 95 8.49 41.43 1.33
CA HIS A 95 7.10 40.98 1.34
C HIS A 95 6.83 39.88 2.36
N THR A 96 7.65 38.84 2.34
CA THR A 96 7.48 37.70 3.23
C THR A 96 7.74 38.01 4.71
N THR A 97 8.83 38.70 5.00
CA THR A 97 9.19 38.97 6.40
C THR A 97 8.38 40.09 7.05
N LYS A 98 7.77 40.96 6.26
CA LYS A 98 7.01 42.08 6.84
C LYS A 98 5.92 41.62 7.83
N PRO A 99 4.95 40.80 7.40
CA PRO A 99 3.88 40.32 8.29
C PRO A 99 4.40 39.38 9.36
N ILE A 100 5.42 38.61 9.00
CA ILE A 100 6.02 37.65 9.92
C ILE A 100 6.76 38.35 11.05
N LEU A 101 7.67 39.25 10.69
CA LEU A 101 8.47 39.98 11.66
C LEU A 101 7.58 40.77 12.61
N ARG A 102 6.57 41.42 12.06
CA ARG A 102 5.65 42.23 12.86
C ARG A 102 4.91 41.37 13.89
N SER A 103 4.44 40.21 13.48
CA SER A 103 3.72 39.32 14.37
C SER A 103 4.66 38.73 15.42
N PHE A 104 5.85 38.33 14.98
CA PHE A 104 6.86 37.77 15.87
C PHE A 104 7.29 38.80 16.91
N LEU A 105 7.42 40.05 16.47
CA LEU A 105 7.81 41.14 17.35
C LEU A 105 6.70 41.44 18.36
N ASN A 106 5.47 41.45 17.89
CA ASN A 106 4.32 41.72 18.74
C ASN A 106 4.16 40.65 19.82
N GLY A 107 4.19 39.39 19.42
CA GLY A 107 4.06 38.31 20.38
C GLY A 107 3.36 37.09 19.83
N TYR A 108 3.47 36.88 18.53
CA TYR A 108 2.84 35.74 17.87
C TYR A 108 3.89 34.88 17.20
N ASN A 109 3.82 33.57 17.40
CA ASN A 109 4.77 32.67 16.77
C ASN A 109 4.57 32.67 15.26
N CYS A 110 5.67 32.53 14.53
CA CYS A 110 5.60 32.54 13.08
C CYS A 110 6.46 31.43 12.50
N THR A 111 6.04 30.90 11.36
CA THR A 111 6.77 29.84 10.71
C THR A 111 6.77 30.00 9.20
N VAL A 112 7.94 29.88 8.61
CA VAL A 112 8.08 30.02 7.17
C VAL A 112 8.22 28.64 6.52
N LEU A 113 7.19 28.26 5.78
CA LEU A 113 7.20 26.97 5.08
C LEU A 113 7.77 27.16 3.69
N ALA A 114 8.91 26.56 3.45
CA ALA A 114 9.56 26.66 2.14
C ALA A 114 9.15 25.52 1.22
N TYR A 115 9.38 25.73 -0.07
CA TYR A 115 9.07 24.74 -1.09
C TYR A 115 9.84 25.09 -2.36
N GLY A 116 10.19 24.08 -3.15
CA GLY A 116 10.93 24.31 -4.36
C GLY A 116 10.89 23.12 -5.30
N ALA A 117 11.96 22.34 -5.30
CA ALA A 117 12.06 21.17 -6.16
C ALA A 117 13.08 20.20 -5.61
N THR A 118 13.11 19.01 -6.18
CA THR A 118 14.04 17.97 -5.73
C THR A 118 15.39 18.13 -6.42
N GLY A 119 15.43 18.96 -7.46
CA GLY A 119 16.66 19.18 -8.19
C GLY A 119 17.42 20.38 -7.65
N ALA A 120 18.72 20.24 -7.50
CA ALA A 120 19.56 21.32 -7.00
C ALA A 120 19.69 22.44 -8.02
N GLY A 121 19.61 23.66 -7.53
CA GLY A 121 19.72 24.81 -8.41
C GLY A 121 18.97 26.01 -7.90
N LYS A 122 17.65 25.95 -7.97
CA LYS A 122 16.80 27.04 -7.51
C LYS A 122 16.80 27.10 -5.99
N THR A 123 16.76 25.91 -5.39
CA THR A 123 16.81 25.80 -3.93
C THR A 123 18.20 26.18 -3.44
N HIS A 124 19.19 25.87 -4.27
CA HIS A 124 20.58 26.17 -3.97
C HIS A 124 20.78 27.68 -3.97
N THR A 125 20.12 28.37 -4.90
CA THR A 125 20.22 29.82 -4.98
C THR A 125 19.16 30.47 -4.08
N MET A 126 18.55 29.64 -3.24
CA MET A 126 17.53 30.10 -2.30
C MET A 126 18.11 30.12 -0.90
N LEU A 127 18.65 28.97 -0.48
CA LEU A 127 19.25 28.84 0.82
C LEU A 127 20.68 29.36 0.81
N GLY A 128 20.82 30.67 0.78
CA GLY A 128 22.14 31.28 0.77
C GLY A 128 22.68 31.37 -0.65
N SER A 129 22.68 32.58 -1.20
CA SER A 129 23.16 32.79 -2.55
C SER A 129 24.54 33.43 -2.56
N ALA A 130 25.20 33.40 -3.71
CA ALA A 130 26.53 33.98 -3.85
C ALA A 130 26.44 35.48 -4.07
N ASP A 131 25.50 35.89 -4.91
CA ASP A 131 25.30 37.31 -5.21
C ASP A 131 24.66 38.01 -4.02
N GLU A 132 23.41 37.67 -3.76
CA GLU A 132 22.66 38.24 -2.64
C GLU A 132 22.80 37.33 -1.43
N PRO A 133 22.84 37.91 -0.21
CA PRO A 133 22.94 37.14 1.02
C PRO A 133 21.82 36.10 1.12
N GLY A 134 20.58 36.57 1.00
CA GLY A 134 19.45 35.68 1.07
C GLY A 134 18.36 36.22 1.98
N VAL A 135 17.12 35.81 1.74
CA VAL A 135 15.99 36.26 2.55
C VAL A 135 16.26 36.02 4.03
N MET A 136 16.63 34.79 4.36
CA MET A 136 16.90 34.40 5.74
C MET A 136 17.99 35.25 6.38
N TYR A 137 19.05 35.50 5.62
CA TYR A 137 20.18 36.30 6.10
C TYR A 137 19.77 37.75 6.29
N LEU A 138 19.00 38.27 5.34
CA LEU A 138 18.53 39.64 5.41
C LEU A 138 17.57 39.80 6.58
N THR A 139 16.81 38.74 6.86
CA THR A 139 15.87 38.74 7.98
C THR A 139 16.64 38.89 9.29
N MET A 140 17.77 38.20 9.37
CA MET A 140 18.63 38.24 10.56
C MET A 140 19.10 39.66 10.82
N LEU A 141 19.46 40.36 9.75
CA LEU A 141 19.91 41.74 9.86
C LEU A 141 18.80 42.66 10.39
N HIS A 142 17.62 42.53 9.80
CA HIS A 142 16.47 43.34 10.21
C HIS A 142 16.02 42.97 11.62
N LEU A 143 15.97 41.67 11.91
CA LEU A 143 15.55 41.20 13.22
C LEU A 143 16.52 41.68 14.30
N TYR A 144 17.82 41.62 13.99
CA TYR A 144 18.85 42.08 14.91
C TYR A 144 18.72 43.57 15.14
N LYS A 145 18.50 44.31 14.05
CA LYS A 145 18.35 45.76 14.14
C LYS A 145 17.13 46.12 14.99
N CYS A 146 16.05 45.38 14.80
CA CYS A 146 14.84 45.61 15.57
C CYS A 146 15.05 45.19 17.02
N MET A 147 15.79 44.09 17.21
CA MET A 147 16.07 43.57 18.54
C MET A 147 16.87 44.58 19.35
N ASP A 148 17.92 45.12 18.73
CA ASP A 148 18.77 46.10 19.38
C ASP A 148 17.98 47.36 19.73
N GLU A 149 16.87 47.56 19.04
CA GLU A 149 16.01 48.71 19.27
C GLU A 149 15.05 48.44 20.43
N ILE A 150 14.33 47.32 20.33
CA ILE A 150 13.36 46.94 21.36
C ILE A 150 14.01 46.62 22.70
N LYS A 151 15.18 46.00 22.67
CA LYS A 151 15.89 45.64 23.90
C LYS A 151 16.41 46.87 24.62
N GLU A 152 16.37 48.01 23.94
CA GLU A 152 16.84 49.25 24.52
C GLU A 152 15.70 49.99 25.21
N GLU A 153 14.53 49.96 24.59
CA GLU A 153 13.36 50.61 25.14
C GLU A 153 12.68 49.72 26.18
N LYS A 154 12.69 48.42 25.92
CA LYS A 154 12.09 47.45 26.83
C LYS A 154 13.14 46.44 27.25
N ILE A 155 12.70 45.23 27.59
CA ILE A 155 13.61 44.17 28.01
C ILE A 155 13.25 42.88 27.28
N CYS A 156 13.91 42.66 26.16
CA CYS A 156 13.65 41.47 25.35
C CYS A 156 14.86 40.55 25.32
N SER A 157 14.64 39.28 25.64
CA SER A 157 15.70 38.29 25.64
C SER A 157 15.57 37.44 24.38
N THR A 158 16.61 37.43 23.57
CA THR A 158 16.60 36.66 22.33
C THR A 158 17.39 35.37 22.50
N ALA A 159 16.88 34.31 21.89
CA ALA A 159 17.54 33.01 21.95
C ALA A 159 17.46 32.33 20.58
N VAL A 160 18.55 31.72 20.14
CA VAL A 160 18.59 31.06 18.84
C VAL A 160 18.98 29.59 18.96
N SER A 161 18.50 28.80 18.01
CA SER A 161 18.79 27.37 17.97
C SER A 161 18.71 26.88 16.52
N TYR A 162 19.67 26.07 16.12
CA TYR A 162 19.71 25.55 14.76
C TYR A 162 19.91 24.05 14.78
N LEU A 163 18.88 23.31 14.36
CA LEU A 163 18.93 21.85 14.33
C LEU A 163 18.50 21.33 12.97
N GLU A 164 18.69 20.04 12.74
CA GLU A 164 18.31 19.42 11.48
C GLU A 164 17.55 18.11 11.73
N VAL A 165 16.67 17.77 10.79
CA VAL A 165 15.88 16.55 10.88
C VAL A 165 16.28 15.61 9.75
N TYR A 166 17.25 14.76 10.03
CA TYR A 166 17.75 13.81 9.06
C TYR A 166 17.59 12.39 9.59
N ASN A 167 17.17 11.47 8.72
CA ASN A 167 16.96 10.07 9.11
C ASN A 167 15.92 9.95 10.22
N GLU A 168 14.91 10.80 10.15
CA GLU A 168 13.83 10.83 11.13
C GLU A 168 14.32 11.03 12.56
N GLN A 169 15.39 11.79 12.71
CA GLN A 169 15.95 12.09 14.03
C GLN A 169 16.19 13.58 14.15
N ILE A 170 16.09 14.09 15.36
CA ILE A 170 16.32 15.50 15.62
C ILE A 170 17.68 15.69 16.26
N ARG A 171 18.58 16.32 15.52
CA ARG A 171 19.93 16.56 16.01
C ARG A 171 20.26 18.04 15.93
N ASP A 172 20.84 18.57 17.01
CA ASP A 172 21.21 19.96 17.07
C ASP A 172 22.49 20.19 16.27
N LEU A 173 22.56 21.34 15.61
CA LEU A 173 23.71 21.67 14.79
C LEU A 173 24.67 22.60 15.51
N LEU A 174 24.18 23.23 16.57
CA LEU A 174 24.99 24.15 17.37
C LEU A 174 26.12 23.37 18.04
N VAL A 175 25.77 22.25 18.63
CA VAL A 175 26.73 21.39 19.29
C VAL A 175 26.58 19.97 18.75
N ASN A 176 27.68 19.22 18.73
CA ASN A 176 27.66 17.84 18.26
C ASN A 176 26.87 16.96 19.22
N SER A 177 25.57 16.88 19.01
CA SER A 177 24.70 16.10 19.86
C SER A 177 24.31 14.79 19.20
N GLY A 178 23.43 14.05 19.86
CA GLY A 178 22.95 12.79 19.33
C GLY A 178 21.47 12.85 19.06
N PRO A 179 20.77 11.70 19.12
CA PRO A 179 19.33 11.63 18.88
C PRO A 179 18.55 12.22 20.06
N LEU A 180 17.98 13.39 19.85
CA LEU A 180 17.21 14.05 20.88
C LEU A 180 15.83 13.43 21.00
N ALA A 181 15.46 13.06 22.23
CA ALA A 181 14.17 12.43 22.47
C ALA A 181 13.12 13.48 22.85
N VAL A 182 11.87 13.17 22.59
CA VAL A 182 10.77 14.08 22.89
C VAL A 182 10.34 13.95 24.35
N ARG A 183 10.02 15.07 24.97
CA ARG A 183 9.59 15.11 26.35
C ARG A 183 8.44 16.11 26.50
N GLU A 184 7.21 15.61 26.72
CA GLU A 184 6.07 16.51 26.93
C GLU A 184 6.18 17.26 28.26
N ASP A 185 6.11 18.58 28.19
CA ASP A 185 6.16 19.44 29.37
C ASP A 185 4.80 19.55 30.04
N THR A 186 4.70 20.42 31.04
CA THR A 186 3.46 20.62 31.77
C THR A 186 2.33 21.13 30.86
N GLN A 187 2.69 21.97 29.89
CA GLN A 187 1.71 22.52 28.96
C GLN A 187 1.51 21.57 27.78
N LYS A 188 1.92 20.32 27.97
CA LYS A 188 1.79 19.28 26.96
C LYS A 188 2.65 19.55 25.72
N GLY A 189 3.58 20.50 25.86
CA GLY A 189 4.46 20.84 24.77
C GLY A 189 5.40 19.71 24.48
N VAL A 190 5.29 19.14 23.28
CA VAL A 190 6.14 18.03 22.88
C VAL A 190 7.40 18.54 22.20
N VAL A 191 8.42 18.81 23.00
CA VAL A 191 9.69 19.30 22.49
C VAL A 191 10.78 18.29 22.80
N VAL A 192 11.92 18.42 22.15
CA VAL A 192 13.02 17.51 22.39
C VAL A 192 13.91 18.04 23.50
N HIS A 193 14.31 17.15 24.41
CA HIS A 193 15.16 17.53 25.52
C HIS A 193 16.63 17.52 25.11
N GLY A 194 17.39 18.47 25.65
CA GLY A 194 18.80 18.57 25.32
C GLY A 194 19.03 19.56 24.21
N LEU A 195 18.18 20.59 24.16
CA LEU A 195 18.28 21.61 23.14
C LEU A 195 19.24 22.70 23.58
N THR A 196 20.19 23.02 22.72
CA THR A 196 21.18 24.06 23.00
C THR A 196 20.64 25.43 22.60
N LEU A 197 20.45 26.31 23.58
CA LEU A 197 19.93 27.64 23.33
C LEU A 197 21.03 28.68 23.55
N HIS A 198 21.39 29.38 22.48
CA HIS A 198 22.42 30.40 22.57
C HIS A 198 21.81 31.79 22.46
N GLN A 199 22.44 32.76 23.11
CA GLN A 199 21.96 34.13 23.08
C GLN A 199 22.74 34.93 22.04
N PRO A 200 22.02 35.50 21.05
CA PRO A 200 22.64 36.29 19.98
C PRO A 200 23.24 37.60 20.50
N LYS A 201 24.56 37.66 20.57
CA LYS A 201 25.23 38.86 21.03
C LYS A 201 25.62 39.73 19.84
N SER A 202 25.71 39.11 18.67
CA SER A 202 26.08 39.81 17.45
C SER A 202 25.69 38.99 16.22
N SER A 203 25.66 39.62 15.07
CA SER A 203 25.32 38.96 13.82
C SER A 203 26.45 38.00 13.43
N GLU A 204 27.67 38.40 13.75
CA GLU A 204 28.86 37.61 13.47
C GLU A 204 28.76 36.24 14.16
N GLU A 205 28.29 36.26 15.40
CA GLU A 205 28.11 35.05 16.18
C GLU A 205 27.10 34.13 15.49
N ILE A 206 25.98 34.72 15.07
CA ILE A 206 24.93 33.97 14.40
C ILE A 206 25.47 33.28 13.14
N LEU A 207 26.18 34.05 12.33
CA LEU A 207 26.76 33.53 11.10
C LEU A 207 27.71 32.38 11.38
N HIS A 208 28.46 32.50 12.48
CA HIS A 208 29.40 31.47 12.88
C HIS A 208 28.66 30.19 13.25
N LEU A 209 27.54 30.35 13.93
CA LEU A 209 26.73 29.21 14.34
C LEU A 209 26.13 28.53 13.12
N LEU A 210 25.72 29.34 12.14
CA LEU A 210 25.14 28.82 10.91
C LEU A 210 26.17 28.01 10.13
N ASP A 211 27.39 28.56 10.03
CA ASP A 211 28.46 27.88 9.33
C ASP A 211 28.81 26.57 10.03
N ASN A 212 28.86 26.63 11.35
CA ASN A 212 29.16 25.45 12.16
C ASN A 212 28.10 24.38 11.98
N GLY A 213 26.85 24.82 11.87
CA GLY A 213 25.76 23.89 11.66
C GLY A 213 25.76 23.35 10.24
N ASN A 214 26.08 24.22 9.28
CA ASN A 214 26.11 23.84 7.88
C ASN A 214 27.14 22.73 7.64
N LYS A 215 28.32 22.87 8.24
CA LYS A 215 29.36 21.88 8.10
C LYS A 215 29.16 20.69 9.05
N ASN A 216 28.19 20.81 9.95
CA ASN A 216 27.87 19.74 10.89
C ASN A 216 27.06 18.69 10.15
N ARG A 217 26.34 19.15 9.15
CA ARG A 217 25.51 18.27 8.33
C ARG A 217 26.38 17.55 7.30
N THR A 218 25.81 16.63 6.58
CA THR A 218 26.55 15.90 5.57
C THR A 218 25.91 16.04 4.19
N GLN A 219 26.75 16.16 3.17
CA GLN A 219 26.28 16.28 1.80
C GLN A 219 25.59 14.99 1.39
N HIS A 220 24.61 15.08 0.52
CA HIS A 220 23.88 13.91 0.07
C HIS A 220 24.53 13.31 -1.16
N PRO A 221 25.01 12.07 -1.06
CA PRO A 221 25.67 11.37 -2.17
C PRO A 221 24.65 10.83 -3.18
N THR A 222 23.40 11.21 -3.00
CA THR A 222 22.33 10.78 -3.88
C THR A 222 22.35 11.59 -5.18
N ASP A 223 22.81 10.94 -6.24
CA ASP A 223 22.91 11.54 -7.57
C ASP A 223 24.03 12.59 -7.67
N MET A 224 23.75 13.80 -7.22
CA MET A 224 24.75 14.85 -7.26
C MET A 224 25.15 15.26 -5.86
N ASN A 225 26.45 15.43 -5.63
CA ASN A 225 26.95 15.84 -4.32
C ASN A 225 26.56 17.29 -4.04
N ALA A 226 25.40 17.47 -3.42
CA ALA A 226 24.90 18.79 -3.10
C ALA A 226 24.83 18.99 -1.60
N THR A 227 24.46 20.19 -1.18
CA THR A 227 24.34 20.51 0.24
C THR A 227 23.22 19.70 0.89
N SER A 228 23.09 19.82 2.21
CA SER A 228 22.08 19.07 2.96
C SER A 228 20.67 19.64 2.81
N SER A 229 20.25 19.91 1.58
CA SER A 229 18.91 20.43 1.32
C SER A 229 17.86 19.35 1.49
N ARG A 230 18.27 18.10 1.41
CA ARG A 230 17.34 16.99 1.58
C ARG A 230 17.11 16.72 3.06
N SER A 231 17.86 17.41 3.89
CA SER A 231 17.72 17.29 5.32
C SER A 231 16.94 18.50 5.82
N HIS A 232 15.74 18.25 6.31
CA HIS A 232 14.88 19.31 6.79
C HIS A 232 15.48 20.07 7.95
N ALA A 233 16.08 21.21 7.65
CA ALA A 233 16.68 22.06 8.65
C ALA A 233 15.61 22.83 9.41
N VAL A 234 15.81 22.98 10.71
CA VAL A 234 14.87 23.70 11.54
C VAL A 234 15.57 24.80 12.33
N PHE A 235 15.45 26.03 11.86
CA PHE A 235 16.06 27.16 12.53
C PHE A 235 14.99 27.84 13.38
N GLN A 236 15.15 27.79 14.68
CA GLN A 236 14.18 28.37 15.58
C GLN A 236 14.75 29.49 16.45
N ILE A 237 14.02 30.59 16.51
CA ILE A 237 14.41 31.74 17.32
C ILE A 237 13.33 32.01 18.36
N TYR A 238 13.74 32.21 19.59
CA TYR A 238 12.80 32.46 20.67
C TYR A 238 12.88 33.91 21.12
N LEU A 239 11.72 34.53 21.30
CA LEU A 239 11.66 35.92 21.70
C LEU A 239 10.96 36.08 23.05
N ARG A 240 11.75 36.39 24.08
CA ARG A 240 11.21 36.62 25.41
C ARG A 240 10.83 38.09 25.52
N GLN A 241 9.59 38.40 25.19
CA GLN A 241 9.10 39.77 25.20
C GLN A 241 8.58 40.20 26.57
N GLN A 242 9.33 41.08 27.23
CA GLN A 242 8.95 41.62 28.52
C GLN A 242 9.02 43.15 28.44
N ASP A 243 8.12 43.83 29.13
CA ASP A 243 8.09 45.29 29.10
C ASP A 243 8.65 45.88 30.37
N LYS A 244 9.20 47.08 30.25
CA LYS A 244 9.77 47.80 31.38
C LYS A 244 8.78 48.83 31.90
N THR A 245 7.69 48.99 31.17
CA THR A 245 6.64 49.92 31.55
C THR A 245 5.63 49.23 32.48
N ALA A 246 5.92 47.99 32.82
CA ALA A 246 5.08 47.20 33.69
C ALA A 246 5.90 46.63 34.83
N SER A 247 5.36 45.62 35.51
CA SER A 247 6.05 45.00 36.62
C SER A 247 7.28 44.25 36.11
N ILE A 248 8.31 44.16 36.95
CA ILE A 248 9.52 43.46 36.59
C ILE A 248 9.22 41.96 36.51
N ASN A 249 8.11 41.58 37.15
CA ASN A 249 7.68 40.19 37.18
C ASN A 249 6.42 40.03 36.32
N GLN A 250 6.27 40.91 35.34
CA GLN A 250 5.11 40.88 34.44
C GLN A 250 5.10 39.61 33.61
N ASN A 251 3.90 39.17 33.23
CA ASN A 251 3.74 37.97 32.41
C ASN A 251 4.45 38.14 31.08
N VAL A 252 5.49 37.35 30.87
CA VAL A 252 6.25 37.43 29.65
C VAL A 252 5.67 36.53 28.57
N ARG A 253 5.57 37.05 27.36
CA ARG A 253 5.05 36.28 26.24
C ARG A 253 6.21 35.84 25.36
N ILE A 254 6.29 34.56 25.09
CA ILE A 254 7.37 34.04 24.27
C ILE A 254 6.91 33.73 22.85
N ALA A 255 7.56 34.36 21.89
CA ALA A 255 7.25 34.14 20.49
C ALA A 255 8.28 33.19 19.89
N LYS A 256 7.86 32.42 18.90
CA LYS A 256 8.77 31.46 18.28
C LYS A 256 8.83 31.65 16.77
N MET A 257 10.02 31.96 16.28
CA MET A 257 10.24 32.13 14.86
C MET A 257 10.80 30.83 14.30
N SER A 258 10.00 30.11 13.54
CA SER A 258 10.42 28.83 12.99
C SER A 258 10.66 28.89 11.49
N LEU A 259 11.90 28.59 11.10
CA LEU A 259 12.28 28.57 9.70
C LEU A 259 12.60 27.12 9.35
N ILE A 260 11.73 26.49 8.58
CA ILE A 260 11.92 25.10 8.21
C ILE A 260 12.16 24.91 6.71
N ASP A 261 13.23 24.20 6.40
CA ASP A 261 13.57 23.92 5.01
C ASP A 261 12.79 22.71 4.52
N LEU A 262 12.44 22.69 3.25
CA LEU A 262 11.68 21.58 2.69
C LEU A 262 12.32 21.07 1.41
N ALA A 263 12.69 19.80 1.41
CA ALA A 263 13.31 19.17 0.25
C ALA A 263 12.28 18.82 -0.79
N GLY A 264 12.73 18.29 -1.91
CA GLY A 264 11.83 17.91 -2.97
C GLY A 264 11.57 16.42 -2.96
N SER A 265 10.45 16.02 -3.52
CA SER A 265 10.07 14.61 -3.57
C SER A 265 10.98 13.86 -4.55
N GLU A 266 11.73 12.91 -4.02
CA GLU A 266 12.66 12.14 -4.82
C GLU A 266 11.94 11.34 -5.91
N ARG A 267 12.63 11.19 -7.03
CA ARG A 267 12.09 10.44 -8.15
C ARG A 267 12.64 9.02 -8.07
N ALA A 268 11.94 8.08 -8.66
CA ALA A 268 12.41 6.70 -8.68
C ALA A 268 13.80 6.56 -9.25
N SER A 269 14.07 7.37 -10.28
CA SER A 269 15.35 7.37 -10.95
C SER A 269 16.48 7.83 -10.03
N THR A 270 16.22 8.89 -9.26
CA THR A 270 17.21 9.41 -8.34
C THR A 270 17.35 8.53 -7.11
N SER A 271 16.29 7.79 -6.80
CA SER A 271 16.31 6.89 -5.66
C SER A 271 17.06 5.61 -5.99
N GLY A 272 16.57 4.87 -6.98
CA GLY A 272 17.21 3.63 -7.36
C GLY A 272 17.00 2.54 -6.33
N ALA A 273 18.06 1.83 -6.00
CA ALA A 273 18.00 0.75 -5.01
C ALA A 273 19.24 0.76 -4.14
N LYS A 274 19.93 1.89 -4.12
CA LYS A 274 21.15 2.03 -3.33
C LYS A 274 20.85 2.28 -1.86
N GLY A 275 21.86 2.07 -1.01
CA GLY A 275 21.71 2.24 0.42
C GLY A 275 21.21 3.61 0.82
N THR A 276 21.71 4.65 0.16
CA THR A 276 21.30 6.02 0.44
C THR A 276 19.78 6.18 0.37
N ARG A 277 19.19 5.66 -0.69
CA ARG A 277 17.75 5.76 -0.86
C ARG A 277 17.01 4.83 0.10
N PHE A 278 17.68 3.82 0.60
CA PHE A 278 17.07 2.87 1.51
C PHE A 278 16.90 3.43 2.91
N VAL A 279 18.00 3.78 3.55
CA VAL A 279 17.95 4.30 4.91
C VAL A 279 17.62 5.79 4.97
N GLU A 280 18.16 6.55 4.04
CA GLU A 280 17.94 8.00 3.99
C GLU A 280 16.75 8.36 3.12
N GLY A 281 16.79 7.92 1.86
CA GLY A 281 15.72 8.23 0.92
C GLY A 281 14.33 7.88 1.44
N THR A 282 14.12 6.63 1.80
CA THR A 282 12.82 6.18 2.31
C THR A 282 12.43 6.95 3.57
N ASN A 283 13.43 7.33 4.37
CA ASN A 283 13.17 8.06 5.60
C ASN A 283 12.66 9.46 5.29
N ILE A 284 13.39 10.19 4.45
CA ILE A 284 13.03 11.54 4.07
C ILE A 284 11.69 11.53 3.33
N ASN A 285 11.53 10.63 2.36
CA ASN A 285 10.34 10.48 1.54
C ASN A 285 9.12 10.05 2.38
N ARG A 286 9.36 9.35 3.50
CA ARG A 286 8.31 8.98 4.43
C ARG A 286 7.88 10.21 5.23
N SER A 287 8.87 10.96 5.71
CA SER A 287 8.60 12.17 6.47
C SER A 287 7.90 13.18 5.56
N LEU A 288 8.33 13.23 4.30
CA LEU A 288 7.74 14.13 3.31
C LEU A 288 6.26 13.82 3.13
N LEU A 289 5.94 12.54 3.01
CA LEU A 289 4.56 12.13 2.93
C LEU A 289 3.78 12.59 4.15
N ALA A 290 4.36 12.36 5.32
CA ALA A 290 3.73 12.72 6.57
C ALA A 290 3.53 14.22 6.68
N LEU A 291 4.59 14.97 6.35
CA LEU A 291 4.54 16.43 6.39
C LEU A 291 3.47 16.95 5.44
N GLY A 292 3.49 16.44 4.21
CA GLY A 292 2.52 16.85 3.21
C GLY A 292 1.11 16.50 3.63
N ASN A 293 0.96 15.32 4.22
CA ASN A 293 -0.34 14.86 4.70
C ASN A 293 -0.84 15.80 5.79
N VAL A 294 0.06 16.15 6.70
CA VAL A 294 -0.28 17.06 7.78
C VAL A 294 -0.59 18.47 7.25
N ILE A 295 0.18 18.91 6.26
CA ILE A 295 -0.04 20.23 5.67
C ILE A 295 -1.43 20.30 5.02
N ASN A 296 -1.77 19.26 4.28
CA ASN A 296 -3.06 19.19 3.62
C ASN A 296 -4.17 19.10 4.66
N ALA A 297 -3.94 18.31 5.70
CA ALA A 297 -4.91 18.14 6.77
C ALA A 297 -5.02 19.41 7.61
N LEU A 298 -3.95 20.20 7.64
CA LEU A 298 -3.93 21.44 8.39
C LEU A 298 -4.89 22.45 7.77
N ALA A 299 -4.92 22.48 6.45
CA ALA A 299 -5.82 23.39 5.72
C ALA A 299 -7.26 23.02 6.02
N ASP A 300 -7.47 21.74 6.27
CA ASP A 300 -8.79 21.23 6.59
C ASP A 300 -9.10 21.49 8.06
N SER A 301 -8.04 21.43 8.87
CA SER A 301 -8.15 21.66 10.30
C SER A 301 -8.47 23.13 10.59
N LYS A 302 -8.34 23.97 9.56
CA LYS A 302 -8.66 25.38 9.69
C LYS A 302 -10.15 25.52 9.96
N ARG A 303 -10.92 24.59 9.41
CA ARG A 303 -12.36 24.57 9.60
C ARG A 303 -12.69 23.65 10.78
N LYS A 304 -11.96 22.55 10.88
CA LYS A 304 -12.14 21.59 11.95
C LYS A 304 -11.38 22.05 13.21
N ASN A 305 -10.89 21.11 14.01
CA ASN A 305 -10.17 21.46 15.22
C ASN A 305 -8.96 20.56 15.48
N GLN A 306 -9.21 19.35 15.94
CA GLN A 306 -8.13 18.40 16.25
C GLN A 306 -7.99 17.37 15.12
N HIS A 307 -8.35 17.78 13.92
CA HIS A 307 -8.29 16.89 12.75
C HIS A 307 -6.84 16.52 12.40
N ILE A 308 -5.97 17.52 12.38
CA ILE A 308 -4.55 17.30 12.06
C ILE A 308 -3.92 16.23 12.94
N PRO A 309 -3.38 15.17 12.31
CA PRO A 309 -2.74 14.05 13.01
C PRO A 309 -1.31 14.38 13.44
N TYR A 310 -1.14 14.75 14.70
CA TYR A 310 0.17 15.11 15.24
C TYR A 310 1.02 13.85 15.45
N ARG A 311 0.43 12.69 15.73
CA ARG A 311 1.20 11.45 15.85
C ARG A 311 1.45 10.76 14.52
N ASN A 312 1.20 11.46 13.41
CA ASN A 312 1.54 10.92 12.09
C ASN A 312 3.06 10.95 11.86
N SER A 313 3.73 11.85 12.58
CA SER A 313 5.18 11.99 12.47
C SER A 313 5.71 12.67 13.73
N LYS A 314 6.99 13.00 13.74
CA LYS A 314 7.60 13.64 14.89
C LYS A 314 7.64 15.15 14.74
N LEU A 315 8.19 15.61 13.62
CA LEU A 315 8.31 17.03 13.36
C LEU A 315 6.93 17.67 13.24
N THR A 316 5.96 16.92 12.74
CA THR A 316 4.60 17.42 12.58
C THR A 316 3.96 17.71 13.93
N ARG A 317 4.44 17.01 14.96
CA ARG A 317 3.93 17.19 16.31
C ARG A 317 4.36 18.55 16.85
N LEU A 318 5.58 18.94 16.48
CA LEU A 318 6.14 20.22 16.91
C LEU A 318 5.52 21.35 16.09
N LEU A 319 4.98 21.01 14.93
CA LEU A 319 4.37 22.00 14.06
C LEU A 319 3.01 22.45 14.60
N LYS A 320 2.53 21.76 15.63
CA LYS A 320 1.26 22.11 16.26
C LYS A 320 1.39 23.45 16.96
N ASP A 321 2.61 23.78 17.35
CA ASP A 321 2.90 25.03 18.05
C ASP A 321 2.99 26.19 17.07
N SER A 322 3.66 25.97 15.96
CA SER A 322 3.88 26.99 14.95
C SER A 322 2.71 27.11 13.96
N LEU A 323 2.56 26.10 13.12
CA LEU A 323 1.52 26.10 12.09
C LEU A 323 0.14 25.83 12.69
N GLY A 324 0.13 25.31 13.91
CA GLY A 324 -1.12 25.01 14.57
C GLY A 324 -1.65 26.20 15.37
N GLY A 325 -2.71 26.80 14.87
CA GLY A 325 -3.31 27.93 15.54
C GLY A 325 -3.63 29.06 14.58
N ASN A 326 -4.01 30.21 15.11
CA ASN A 326 -4.32 31.36 14.28
C ASN A 326 -3.09 32.24 14.08
N CYS A 327 -1.93 31.65 14.30
CA CYS A 327 -0.67 32.35 14.14
C CYS A 327 -0.40 32.67 12.68
N GLN A 328 0.46 33.65 12.43
CA GLN A 328 0.78 34.07 11.08
C GLN A 328 1.73 33.08 10.42
N THR A 329 1.25 32.38 9.42
CA THR A 329 2.04 31.41 8.69
C THR A 329 2.21 31.84 7.23
N ILE A 330 3.41 31.67 6.70
CA ILE A 330 3.68 32.04 5.32
C ILE A 330 4.28 30.85 4.56
N MET A 331 4.04 30.81 3.26
CA MET A 331 4.54 29.72 2.44
C MET A 331 5.27 30.28 1.22
N ILE A 332 6.58 30.09 1.18
CA ILE A 332 7.39 30.56 0.06
C ILE A 332 7.59 29.43 -0.95
N ALA A 333 6.90 29.51 -2.07
CA ALA A 333 6.99 28.49 -3.09
C ALA A 333 7.98 28.92 -4.18
N ALA A 334 9.13 28.27 -4.22
CA ALA A 334 10.13 28.57 -5.22
C ALA A 334 9.87 27.73 -6.46
N VAL A 335 9.71 28.39 -7.59
CA VAL A 335 9.44 27.68 -8.84
C VAL A 335 10.47 28.04 -9.90
N SER A 336 10.53 27.23 -10.95
CA SER A 336 11.45 27.45 -12.04
C SER A 336 10.78 27.21 -13.38
N PRO A 337 11.03 28.09 -14.36
CA PRO A 337 10.44 27.97 -15.70
C PRO A 337 11.16 26.93 -16.56
N SER A 338 12.30 26.46 -16.06
CA SER A 338 13.10 25.46 -16.76
C SER A 338 12.36 24.16 -16.97
N SER A 339 12.46 23.62 -18.18
CA SER A 339 11.81 22.37 -18.55
C SER A 339 12.36 21.20 -17.74
N VAL A 340 13.55 21.37 -17.16
CA VAL A 340 14.18 20.33 -16.36
C VAL A 340 13.36 20.07 -15.10
N PHE A 341 12.69 21.10 -14.63
CA PHE A 341 11.87 21.01 -13.44
C PHE A 341 10.39 21.00 -13.79
N TYR A 342 10.06 20.41 -14.93
CA TYR A 342 8.68 20.33 -15.38
C TYR A 342 7.82 19.56 -14.38
N ASP A 343 8.21 18.32 -14.12
CA ASP A 343 7.48 17.47 -13.19
C ASP A 343 7.65 17.95 -11.75
N ASP A 344 8.81 18.54 -11.48
CA ASP A 344 9.12 19.04 -10.15
C ASP A 344 8.22 20.20 -9.75
N THR A 345 8.24 21.25 -10.56
CA THR A 345 7.43 22.44 -10.29
C THR A 345 5.95 22.07 -10.25
N TYR A 346 5.49 21.23 -11.19
CA TYR A 346 4.10 20.78 -11.25
C TYR A 346 3.66 20.05 -9.96
N ASN A 347 4.53 19.17 -9.46
CA ASN A 347 4.36 18.48 -8.17
C ASN A 347 4.22 19.45 -6.98
N THR A 348 5.24 20.27 -6.71
CA THR A 348 5.23 21.17 -5.55
C THR A 348 4.13 22.22 -5.66
N LEU A 349 4.01 22.84 -6.83
CA LEU A 349 3.00 23.86 -7.05
C LEU A 349 1.59 23.31 -6.87
N LYS A 350 1.38 22.08 -7.35
CA LYS A 350 0.08 21.45 -7.23
C LYS A 350 -0.20 21.05 -5.80
N TYR A 351 0.82 20.61 -5.08
CA TYR A 351 0.66 20.22 -3.70
C TYR A 351 0.28 21.37 -2.81
N ALA A 352 0.89 22.51 -3.13
CA ALA A 352 0.61 23.73 -2.39
C ALA A 352 -0.79 24.22 -2.72
N ASN A 353 -1.16 24.10 -4.00
CA ASN A 353 -2.48 24.51 -4.46
C ASN A 353 -3.56 23.61 -3.91
N ARG A 354 -3.34 22.29 -3.84
CA ARG A 354 -4.31 21.31 -3.35
C ARG A 354 -4.78 21.69 -1.97
N ALA A 355 -3.89 22.19 -1.11
CA ALA A 355 -4.27 22.56 0.25
C ALA A 355 -5.20 23.77 0.28
N LYS A 356 -4.97 24.72 -0.61
CA LYS A 356 -5.79 25.92 -0.67
C LYS A 356 -7.06 25.68 -1.50
N ASP A 357 -7.00 24.70 -2.38
CA ASP A 357 -8.13 24.38 -3.24
C ASP A 357 -9.20 23.59 -2.50
N ILE A 358 -8.79 22.72 -1.59
CA ILE A 358 -9.74 21.92 -0.84
C ILE A 358 -10.55 22.75 0.14
N LYS A 359 -11.87 22.60 0.09
CA LYS A 359 -12.77 23.31 0.96
C LYS A 359 -14.08 22.56 1.06
N SER A 360 -14.18 21.69 2.06
CA SER A 360 -15.39 20.91 2.28
C SER A 360 -15.61 20.64 3.76
N ARG B 2 4.66 -11.51 -38.62
CA ARG B 2 3.90 -12.78 -38.63
C ARG B 2 3.53 -13.22 -37.22
N GLU B 3 4.50 -13.47 -36.33
CA GLU B 3 4.18 -13.93 -34.97
C GLU B 3 3.75 -12.80 -34.05
N CYS B 4 3.32 -13.17 -32.85
CA CYS B 4 3.04 -12.29 -31.73
C CYS B 4 3.50 -13.02 -30.46
N ILE B 5 4.57 -12.52 -29.82
CA ILE B 5 4.97 -13.00 -28.48
C ILE B 5 3.81 -12.78 -27.52
N SER B 6 3.85 -13.37 -26.33
CA SER B 6 3.00 -12.97 -25.21
C SER B 6 3.78 -12.85 -23.90
N ILE B 7 3.33 -11.93 -23.04
CA ILE B 7 3.95 -11.68 -21.73
C ILE B 7 2.88 -11.67 -20.64
N HIS B 8 2.74 -12.82 -20.00
CA HIS B 8 1.77 -13.07 -18.95
C HIS B 8 2.33 -12.61 -17.61
N VAL B 9 1.84 -11.47 -17.12
CA VAL B 9 2.33 -10.81 -15.91
C VAL B 9 1.31 -10.79 -14.79
N GLY B 10 1.81 -10.97 -13.57
CA GLY B 10 1.00 -11.03 -12.38
C GLY B 10 0.38 -12.42 -12.26
N GLN B 11 0.06 -12.83 -11.04
CA GLN B 11 -0.53 -14.14 -10.81
C GLN B 11 -1.70 -14.39 -11.74
N ALA B 12 -2.69 -13.50 -11.74
CA ALA B 12 -3.88 -13.63 -12.57
C ALA B 12 -3.59 -13.65 -14.08
N GLY B 13 -2.71 -12.77 -14.58
CA GLY B 13 -2.17 -12.79 -15.96
C GLY B 13 -1.44 -14.09 -16.33
N VAL B 14 -0.98 -14.85 -15.33
CA VAL B 14 -0.39 -16.19 -15.45
C VAL B 14 -1.44 -17.31 -15.32
N GLN B 15 -2.50 -17.17 -14.51
CA GLN B 15 -3.59 -18.16 -14.41
C GLN B 15 -4.45 -18.20 -15.69
N ILE B 16 -4.84 -17.01 -16.17
CA ILE B 16 -5.41 -16.79 -17.51
C ILE B 16 -4.41 -17.24 -18.59
N GLY B 17 -3.11 -17.07 -18.33
CA GLY B 17 -2.04 -17.44 -19.24
C GLY B 17 -2.00 -18.93 -19.45
N ASN B 18 -1.96 -19.70 -18.37
CA ASN B 18 -2.05 -21.17 -18.36
C ASN B 18 -3.31 -21.68 -19.06
N ALA B 19 -4.43 -20.96 -18.96
CA ALA B 19 -5.69 -21.32 -19.60
C ALA B 19 -5.80 -21.00 -21.10
N CYS B 20 -5.45 -19.78 -21.52
CA CYS B 20 -5.27 -19.44 -22.94
C CYS B 20 -4.22 -20.37 -23.59
N TRP B 21 -3.16 -20.70 -22.85
CA TRP B 21 -2.12 -21.62 -23.30
C TRP B 21 -2.57 -23.09 -23.35
N GLU B 22 -3.53 -23.47 -22.51
CA GLU B 22 -4.15 -24.79 -22.53
C GLU B 22 -5.01 -24.96 -23.78
N LEU B 23 -5.92 -24.01 -24.03
CA LEU B 23 -6.82 -24.05 -25.18
C LEU B 23 -6.08 -24.12 -26.52
N TYR B 24 -4.90 -23.50 -26.59
CA TYR B 24 -4.04 -23.52 -27.77
C TYR B 24 -3.62 -24.92 -28.20
N CYS B 25 -2.84 -25.62 -27.37
CA CYS B 25 -2.37 -26.95 -27.75
C CYS B 25 -3.53 -27.94 -28.01
N LEU B 26 -4.65 -27.71 -27.32
CA LEU B 26 -5.87 -28.49 -27.38
C LEU B 26 -6.55 -28.41 -28.77
N GLU B 27 -6.42 -27.27 -29.46
CA GLU B 27 -6.91 -27.05 -30.83
C GLU B 27 -5.81 -27.15 -31.89
N HIS B 28 -4.59 -27.55 -31.51
CA HIS B 28 -3.44 -27.69 -32.41
C HIS B 28 -2.81 -29.09 -32.37
N GLY B 29 -3.41 -30.04 -31.64
CA GLY B 29 -2.97 -31.44 -31.55
C GLY B 29 -1.58 -31.61 -30.92
N ILE B 30 -1.14 -30.66 -30.09
CA ILE B 30 0.18 -30.69 -29.43
C ILE B 30 -0.03 -31.02 -27.94
N GLN B 31 0.01 -32.30 -27.61
CA GLN B 31 -0.17 -32.81 -26.23
C GLN B 31 0.91 -32.25 -25.24
N PRO B 32 0.86 -32.56 -23.91
CA PRO B 32 1.75 -32.01 -22.87
C PRO B 32 3.20 -31.73 -23.27
N ASP B 33 3.84 -32.70 -23.92
CA ASP B 33 5.20 -32.64 -24.43
C ASP B 33 5.17 -32.82 -25.95
N GLY B 34 5.19 -31.72 -26.70
CA GLY B 34 5.34 -31.75 -28.15
C GLY B 34 6.73 -31.26 -28.56
N HIS B 61 5.47 -28.63 -29.09
CA HIS B 61 6.66 -28.02 -29.66
C HIS B 61 7.42 -27.18 -28.62
N VAL B 62 7.26 -25.86 -28.69
CA VAL B 62 7.84 -24.82 -27.84
C VAL B 62 6.82 -23.65 -27.84
N PRO B 63 6.54 -23.02 -26.69
CA PRO B 63 5.71 -21.84 -26.57
C PRO B 63 6.39 -20.62 -27.18
N ARG B 64 5.73 -19.46 -27.09
CA ARG B 64 6.20 -18.24 -27.76
C ARG B 64 6.03 -17.02 -26.86
N ALA B 65 6.16 -17.23 -25.56
CA ALA B 65 5.72 -16.31 -24.52
C ALA B 65 6.63 -16.35 -23.30
N VAL B 66 6.33 -15.53 -22.30
CA VAL B 66 7.00 -15.54 -21.00
C VAL B 66 5.98 -15.33 -19.88
N PHE B 67 6.41 -15.63 -18.66
CA PHE B 67 5.62 -15.50 -17.45
C PHE B 67 6.40 -14.71 -16.41
N VAL B 68 5.76 -13.73 -15.79
CA VAL B 68 6.40 -12.83 -14.83
C VAL B 68 5.56 -12.70 -13.57
N ASP B 69 6.20 -12.91 -12.42
CA ASP B 69 5.61 -12.65 -11.11
C ASP B 69 6.69 -12.41 -10.05
N LEU B 70 6.35 -11.59 -9.06
CA LEU B 70 7.17 -11.32 -7.87
C LEU B 70 6.69 -12.19 -6.68
N GLU B 71 5.86 -13.18 -6.97
CA GLU B 71 5.52 -14.27 -6.07
C GLU B 71 5.90 -15.62 -6.70
N PRO B 72 6.89 -16.35 -6.16
CA PRO B 72 7.37 -17.57 -6.79
C PRO B 72 6.29 -18.66 -6.88
N THR B 73 5.49 -18.80 -5.80
CA THR B 73 4.51 -19.90 -5.63
C THR B 73 3.52 -19.99 -6.79
N VAL B 74 3.22 -18.89 -7.49
CA VAL B 74 2.28 -18.92 -8.61
C VAL B 74 2.90 -19.39 -9.91
N ILE B 75 4.02 -18.81 -10.34
CA ILE B 75 4.72 -19.32 -11.54
C ILE B 75 5.18 -20.77 -11.30
N ASP B 76 5.41 -21.11 -10.03
CA ASP B 76 5.59 -22.48 -9.57
C ASP B 76 4.40 -23.41 -9.86
N GLU B 77 3.16 -22.90 -9.96
CA GLU B 77 2.01 -23.71 -10.41
C GLU B 77 2.10 -24.12 -11.89
N VAL B 78 2.79 -23.32 -12.71
CA VAL B 78 3.14 -23.66 -14.10
C VAL B 78 4.39 -24.58 -14.16
N ARG B 79 5.23 -24.55 -13.12
CA ARG B 79 6.41 -25.44 -12.94
C ARG B 79 6.10 -26.78 -12.26
N THR B 80 4.92 -26.90 -11.63
CA THR B 80 4.47 -28.08 -10.87
C THR B 80 3.28 -28.75 -11.53
N GLY B 81 2.23 -27.97 -11.82
CA GLY B 81 0.97 -28.44 -12.36
C GLY B 81 1.04 -28.83 -13.84
N THR B 82 -0.13 -28.88 -14.48
CA THR B 82 -0.27 -29.26 -15.89
C THR B 82 0.56 -28.32 -16.79
N TYR B 83 0.87 -28.75 -18.02
CA TYR B 83 1.67 -27.96 -18.97
C TYR B 83 3.09 -27.69 -18.43
N ARG B 84 3.64 -28.64 -17.67
CA ARG B 84 4.86 -28.43 -16.88
C ARG B 84 6.12 -28.29 -17.72
N GLN B 85 6.32 -29.26 -18.62
CA GLN B 85 7.48 -29.36 -19.52
C GLN B 85 7.21 -28.75 -20.90
N LEU B 86 6.02 -28.19 -21.13
CA LEU B 86 5.80 -27.42 -22.34
C LEU B 86 6.54 -26.09 -22.32
N PHE B 87 7.12 -25.65 -21.20
CA PHE B 87 7.83 -24.37 -21.12
C PHE B 87 9.30 -24.57 -20.85
N HIS B 88 10.08 -23.58 -21.27
CA HIS B 88 11.46 -23.45 -20.87
C HIS B 88 11.49 -22.76 -19.50
N PRO B 89 12.30 -23.23 -18.53
CA PRO B 89 12.58 -22.49 -17.27
C PRO B 89 13.18 -21.08 -17.49
N GLU B 90 13.49 -20.74 -18.75
CA GLU B 90 14.01 -19.47 -19.19
C GLU B 90 12.91 -18.44 -19.49
N GLN B 91 11.74 -18.88 -19.96
CA GLN B 91 10.53 -18.06 -20.15
C GLN B 91 9.62 -18.02 -18.91
N LEU B 92 10.11 -18.46 -17.75
CA LEU B 92 9.41 -18.43 -16.47
C LEU B 92 10.21 -17.58 -15.48
N ILE B 93 10.03 -16.25 -15.54
CA ILE B 93 10.66 -15.29 -14.64
C ILE B 93 9.90 -15.25 -13.32
N THR B 94 10.67 -15.23 -12.23
CA THR B 94 10.17 -15.12 -10.87
C THR B 94 11.10 -14.22 -10.06
N GLY B 95 10.53 -13.41 -9.17
CA GLY B 95 11.26 -12.72 -8.12
C GLY B 95 10.84 -13.28 -6.76
N LYS B 96 11.63 -14.20 -6.19
CA LYS B 96 11.35 -14.94 -4.93
C LYS B 96 10.86 -14.08 -3.74
N GLU B 97 11.25 -12.81 -3.80
CA GLU B 97 10.93 -11.68 -2.93
C GLU B 97 9.40 -11.53 -2.74
N ASP B 98 8.83 -10.36 -3.03
CA ASP B 98 7.50 -10.02 -2.57
C ASP B 98 6.62 -9.33 -3.60
N ALA B 99 5.40 -9.85 -3.74
CA ALA B 99 4.45 -9.35 -4.71
C ALA B 99 3.97 -7.95 -4.39
N ALA B 100 3.41 -7.81 -3.18
CA ALA B 100 2.77 -6.62 -2.66
C ALA B 100 1.58 -6.17 -3.52
N ASN B 101 0.37 -6.01 -2.99
CA ASN B 101 -0.74 -5.45 -3.77
C ASN B 101 -0.66 -3.93 -3.97
N ASN B 102 0.51 -3.43 -4.32
CA ASN B 102 0.72 -2.02 -4.56
C ASN B 102 1.62 -1.81 -5.79
N TYR B 103 1.06 -1.07 -6.75
CA TYR B 103 1.66 -0.54 -7.97
C TYR B 103 3.11 -0.09 -7.77
N ALA B 104 3.34 0.89 -6.89
CA ALA B 104 4.65 1.51 -6.66
C ALA B 104 5.77 0.52 -6.49
N ARG B 105 5.62 -0.36 -5.51
CA ARG B 105 6.56 -1.41 -5.20
C ARG B 105 6.80 -2.26 -6.45
N GLY B 106 5.72 -2.78 -7.03
CA GLY B 106 5.78 -3.62 -8.23
C GLY B 106 6.25 -2.93 -9.52
N HIS B 107 6.16 -1.59 -9.65
CA HIS B 107 6.70 -0.81 -10.78
C HIS B 107 8.12 -0.34 -10.50
N TYR B 108 8.22 0.53 -9.52
CA TYR B 108 9.39 1.13 -8.91
C TYR B 108 10.08 0.02 -8.10
N THR B 109 10.48 0.35 -6.87
CA THR B 109 11.24 -0.47 -5.91
C THR B 109 11.60 -1.90 -6.37
N ILE B 110 10.72 -2.88 -6.21
CA ILE B 110 11.05 -4.29 -6.42
C ILE B 110 11.00 -4.68 -7.89
N GLY B 111 9.87 -4.44 -8.56
CA GLY B 111 9.66 -4.94 -9.92
C GLY B 111 10.67 -4.39 -10.92
N LYS B 112 11.34 -3.29 -10.54
CA LYS B 112 12.56 -2.80 -11.20
C LYS B 112 13.66 -3.85 -11.30
N GLU B 113 14.07 -4.51 -10.22
CA GLU B 113 15.19 -5.47 -10.24
C GLU B 113 15.03 -6.57 -11.29
N ILE B 114 13.79 -6.98 -11.55
CA ILE B 114 13.49 -8.09 -12.45
C ILE B 114 13.41 -7.64 -13.91
N ILE B 115 12.96 -6.41 -14.19
CA ILE B 115 12.67 -5.91 -15.54
C ILE B 115 13.76 -6.22 -16.57
N ASP B 116 15.04 -5.97 -16.27
CA ASP B 116 16.16 -6.21 -17.19
C ASP B 116 16.18 -7.65 -17.72
N LEU B 117 16.10 -8.60 -16.77
CA LEU B 117 15.99 -10.04 -17.01
C LEU B 117 14.74 -10.42 -17.82
N VAL B 118 13.62 -9.74 -17.56
CA VAL B 118 12.34 -9.95 -18.26
C VAL B 118 12.45 -9.51 -19.71
N LEU B 119 12.89 -8.26 -19.91
CA LEU B 119 13.20 -7.69 -21.22
C LEU B 119 14.11 -8.63 -21.99
N ASP B 120 15.15 -9.13 -21.34
CA ASP B 120 16.13 -10.00 -21.98
C ASP B 120 15.44 -11.19 -22.64
N ARG B 121 14.40 -11.78 -22.03
CA ARG B 121 13.58 -12.81 -22.71
C ARG B 121 12.77 -12.26 -23.86
N ILE B 122 12.02 -11.18 -23.71
CA ILE B 122 11.25 -10.58 -24.82
C ILE B 122 12.11 -9.88 -25.86
N ARG B 123 13.44 -9.98 -25.72
CA ARG B 123 14.49 -9.61 -26.69
C ARG B 123 15.25 -10.83 -27.23
N LYS B 124 15.32 -11.93 -26.49
CA LYS B 124 15.86 -13.26 -26.90
C LYS B 124 14.85 -14.08 -27.70
N LEU B 125 13.59 -14.09 -27.27
CA LEU B 125 12.43 -14.69 -27.93
C LEU B 125 12.00 -13.85 -29.15
N ALA B 126 12.19 -12.52 -29.10
CA ALA B 126 11.90 -11.61 -30.21
C ALA B 126 12.93 -11.62 -31.34
N ASP B 127 14.14 -12.12 -31.07
CA ASP B 127 15.21 -12.25 -32.07
C ASP B 127 15.10 -13.57 -32.84
N GLN B 128 14.88 -14.67 -32.11
CA GLN B 128 14.79 -16.03 -32.64
C GLN B 128 13.76 -16.19 -33.78
N CYS B 129 12.64 -15.47 -33.69
CA CYS B 129 11.53 -15.57 -34.64
C CYS B 129 11.87 -15.03 -36.05
N THR B 130 10.84 -14.91 -36.88
CA THR B 130 10.95 -14.36 -38.24
C THR B 130 9.95 -13.22 -38.42
N GLY B 131 10.43 -11.98 -38.46
CA GLY B 131 9.62 -10.78 -38.71
C GLY B 131 8.29 -10.76 -37.94
N LEU B 132 8.36 -10.68 -36.60
CA LEU B 132 7.18 -10.64 -35.72
C LEU B 132 6.31 -9.40 -35.96
N GLN B 133 5.14 -9.39 -35.32
CA GLN B 133 4.18 -8.29 -35.34
C GLN B 133 4.02 -7.58 -34.00
N GLY B 134 4.24 -8.23 -32.86
CA GLY B 134 4.02 -7.59 -31.56
C GLY B 134 4.08 -8.53 -30.36
N PHE B 135 3.52 -8.09 -29.24
CA PHE B 135 3.44 -8.83 -27.98
C PHE B 135 2.02 -8.71 -27.40
N SER B 136 1.28 -9.83 -27.32
CA SER B 136 0.01 -9.94 -26.62
C SER B 136 0.24 -10.06 -25.10
N VAL B 137 0.25 -8.91 -24.44
CA VAL B 137 0.49 -8.82 -22.99
C VAL B 137 -0.73 -9.36 -22.24
N PHE B 138 -0.56 -10.08 -21.14
CA PHE B 138 -1.67 -10.49 -20.27
C PHE B 138 -1.44 -10.04 -18.84
N HIS B 139 -2.22 -9.08 -18.37
CA HIS B 139 -2.11 -8.53 -17.02
C HIS B 139 -3.47 -8.30 -16.37
N SER B 140 -3.43 -8.02 -15.07
CA SER B 140 -4.64 -7.90 -14.24
C SER B 140 -4.64 -6.58 -13.49
N PHE B 141 -4.66 -5.48 -14.26
CA PHE B 141 -4.92 -4.08 -13.87
C PHE B 141 -4.80 -3.76 -12.35
N GLY B 142 -5.70 -4.23 -11.50
CA GLY B 142 -5.70 -3.97 -10.05
C GLY B 142 -4.83 -4.92 -9.20
N GLY B 143 -3.63 -5.28 -9.65
CA GLY B 143 -2.69 -6.10 -8.87
C GLY B 143 -1.48 -5.31 -8.35
N GLY B 144 -0.41 -6.00 -7.96
CA GLY B 144 0.90 -5.39 -7.72
C GLY B 144 1.90 -5.66 -8.83
N THR B 145 2.14 -6.95 -9.07
CA THR B 145 2.90 -7.40 -10.24
C THR B 145 2.11 -7.22 -11.54
N GLY B 146 0.78 -7.30 -11.52
CA GLY B 146 -0.01 -7.11 -12.74
C GLY B 146 -0.21 -5.64 -13.11
N SER B 147 -0.24 -4.74 -12.12
CA SER B 147 -0.27 -3.30 -12.38
C SER B 147 1.14 -2.79 -12.66
N GLY B 148 1.93 -2.71 -11.59
CA GLY B 148 3.12 -1.90 -11.50
C GLY B 148 4.23 -2.38 -12.39
N PHE B 149 4.55 -3.67 -12.34
CA PHE B 149 5.58 -4.19 -13.22
C PHE B 149 5.23 -3.98 -14.69
N THR B 150 4.04 -4.35 -15.15
CA THR B 150 3.71 -4.31 -16.58
C THR B 150 3.75 -2.91 -17.15
N SER B 151 3.37 -1.96 -16.32
CA SER B 151 3.47 -0.54 -16.60
C SER B 151 4.84 -0.18 -17.15
N LEU B 152 5.93 -0.57 -16.44
CA LEU B 152 7.29 -0.38 -16.95
C LEU B 152 7.74 -1.38 -18.03
N LEU B 153 7.11 -2.55 -18.11
CA LEU B 153 7.43 -3.56 -19.11
C LEU B 153 6.99 -3.08 -20.50
N MET B 154 5.69 -2.80 -20.65
CA MET B 154 5.11 -2.06 -21.77
C MET B 154 5.82 -0.73 -22.02
N GLU B 155 6.32 -0.09 -20.96
CA GLU B 155 7.09 1.16 -21.07
C GLU B 155 8.38 0.97 -21.88
N ARG B 156 9.18 0.02 -21.39
CA ARG B 156 10.42 -0.39 -22.03
C ARG B 156 10.22 -1.04 -23.41
N LEU B 157 9.04 -1.59 -23.71
CA LEU B 157 8.71 -2.12 -25.05
C LEU B 157 8.46 -1.04 -26.09
N SER B 158 7.66 -0.03 -25.77
CA SER B 158 7.27 1.03 -26.70
C SER B 158 8.47 1.83 -27.21
N VAL B 159 9.57 1.78 -26.46
CA VAL B 159 10.85 2.37 -26.85
C VAL B 159 11.73 1.39 -27.64
N ASP B 160 11.88 0.14 -27.19
CA ASP B 160 12.76 -0.86 -27.84
C ASP B 160 12.15 -1.40 -29.16
N TYR B 161 10.83 -1.31 -29.29
CA TYR B 161 10.05 -1.80 -30.43
C TYR B 161 8.84 -0.93 -30.77
N GLY B 162 9.01 0.40 -30.79
CA GLY B 162 7.90 1.32 -31.16
C GLY B 162 7.27 1.02 -32.53
N LYS B 163 8.02 0.36 -33.41
CA LYS B 163 7.65 -0.17 -34.74
C LYS B 163 6.78 -1.46 -34.76
N LYS B 164 6.06 -1.80 -33.69
CA LYS B 164 5.30 -3.06 -33.58
C LYS B 164 3.93 -2.81 -32.94
N SER B 165 3.16 -3.88 -32.87
CA SER B 165 1.90 -3.97 -32.14
C SER B 165 2.12 -4.24 -30.64
N LYS B 166 1.37 -3.55 -29.79
CA LYS B 166 1.39 -3.69 -28.32
C LYS B 166 -0.03 -3.90 -27.80
N LEU B 167 -0.60 -5.07 -28.12
CA LEU B 167 -1.99 -5.36 -27.73
C LEU B 167 -2.01 -5.97 -26.34
N GLU B 168 -2.36 -5.18 -25.32
CA GLU B 168 -2.47 -5.69 -23.95
C GLU B 168 -3.87 -6.21 -23.66
N PHE B 169 -3.96 -7.46 -23.23
CA PHE B 169 -5.19 -8.08 -22.79
C PHE B 169 -5.30 -7.96 -21.27
N SER B 170 -6.10 -6.99 -20.81
CA SER B 170 -6.34 -6.73 -19.39
C SER B 170 -7.57 -7.43 -18.84
N ILE B 171 -7.49 -7.67 -17.53
CA ILE B 171 -8.61 -8.04 -16.66
C ILE B 171 -8.85 -6.90 -15.70
N TYR B 172 -9.56 -5.88 -16.18
CA TYR B 172 -9.85 -4.71 -15.36
C TYR B 172 -10.71 -5.11 -14.13
N PRO B 173 -10.48 -4.45 -12.97
CA PRO B 173 -11.33 -4.42 -11.77
C PRO B 173 -12.84 -4.67 -11.93
N ALA B 174 -13.34 -5.62 -11.16
CA ALA B 174 -14.78 -5.80 -11.04
C ALA B 174 -15.49 -4.52 -10.49
N PRO B 175 -16.61 -4.12 -11.11
CA PRO B 175 -17.35 -2.87 -10.89
C PRO B 175 -17.84 -2.71 -9.43
N GLN B 176 -18.16 -3.81 -8.76
CA GLN B 176 -18.55 -3.85 -7.34
C GLN B 176 -17.84 -4.95 -6.55
N VAL B 177 -17.35 -5.98 -7.22
CA VAL B 177 -16.78 -7.18 -6.62
C VAL B 177 -15.25 -7.17 -6.73
N SER B 178 -14.65 -6.00 -6.45
CA SER B 178 -13.20 -5.90 -6.40
C SER B 178 -12.63 -6.77 -5.27
N THR B 179 -11.33 -7.04 -5.31
CA THR B 179 -10.67 -7.87 -4.29
C THR B 179 -9.74 -7.06 -3.39
N ALA B 180 -8.62 -6.59 -3.99
CA ALA B 180 -7.71 -5.70 -3.28
C ALA B 180 -8.46 -4.47 -2.78
N VAL B 181 -8.12 -4.04 -1.57
CA VAL B 181 -8.72 -2.88 -0.91
C VAL B 181 -8.34 -1.60 -1.66
N VAL B 182 -7.12 -1.62 -2.21
CA VAL B 182 -6.51 -0.52 -2.95
C VAL B 182 -6.79 -0.54 -4.44
N GLU B 183 -7.16 -1.68 -5.05
CA GLU B 183 -7.46 -1.92 -6.48
C GLU B 183 -7.41 -0.68 -7.41
N PRO B 184 -8.30 0.34 -7.29
CA PRO B 184 -8.23 1.61 -8.03
C PRO B 184 -6.86 2.33 -8.02
N TYR B 185 -6.15 2.43 -6.90
CA TYR B 185 -4.76 2.93 -6.88
C TYR B 185 -3.87 2.16 -7.85
N ASN B 186 -3.96 0.84 -7.85
CA ASN B 186 -3.21 0.02 -8.80
C ASN B 186 -3.66 0.20 -10.25
N SER B 187 -4.96 0.44 -10.51
CA SER B 187 -5.50 0.43 -11.88
C SER B 187 -5.63 1.81 -12.55
N ILE B 188 -5.70 2.90 -11.78
CA ILE B 188 -5.45 4.27 -12.28
C ILE B 188 -3.97 4.50 -12.57
N LEU B 189 -3.09 3.67 -12.00
CA LEU B 189 -1.66 3.78 -12.25
C LEU B 189 -1.16 2.86 -13.36
N THR B 190 -1.79 1.70 -13.60
CA THR B 190 -1.47 0.93 -14.83
C THR B 190 -2.02 1.60 -16.07
N THR B 191 -3.17 2.27 -15.97
CA THR B 191 -3.77 2.88 -17.16
C THR B 191 -2.94 4.05 -17.66
N HIS B 192 -2.49 4.97 -16.79
CA HIS B 192 -1.80 6.21 -17.17
C HIS B 192 -0.41 5.97 -17.78
N THR B 193 0.28 4.97 -17.23
CA THR B 193 1.65 4.63 -17.60
C THR B 193 1.70 3.78 -18.87
N THR B 194 0.68 2.95 -19.10
CA THR B 194 0.57 2.09 -20.28
C THR B 194 -0.15 2.79 -21.43
N LEU B 195 -0.91 3.84 -21.14
CA LEU B 195 -1.78 4.51 -22.09
C LEU B 195 -1.03 5.04 -23.31
N GLU B 196 0.15 5.59 -23.02
CA GLU B 196 1.02 6.25 -23.98
C GLU B 196 1.97 5.25 -24.67
N HIS B 197 1.69 3.95 -24.50
CA HIS B 197 2.57 2.82 -24.78
C HIS B 197 1.84 1.65 -25.46
N SER B 198 0.57 1.39 -25.13
CA SER B 198 -0.20 0.36 -25.81
C SER B 198 -0.68 0.78 -27.19
N ASP B 199 -1.02 -0.23 -27.99
CA ASP B 199 -1.66 -0.04 -29.28
C ASP B 199 -3.16 -0.31 -29.26
N CYS B 200 -3.60 -1.39 -28.61
CA CYS B 200 -5.04 -1.67 -28.42
C CYS B 200 -5.21 -2.55 -27.18
N ALA B 201 -5.87 -2.05 -26.14
CA ALA B 201 -5.99 -2.76 -24.88
C ALA B 201 -7.31 -3.56 -24.82
N PHE B 202 -7.30 -4.86 -25.10
CA PHE B 202 -8.50 -5.66 -24.82
C PHE B 202 -8.84 -5.65 -23.36
N MET B 203 -10.13 -5.67 -23.08
CA MET B 203 -10.63 -5.70 -21.71
C MET B 203 -11.67 -6.78 -21.53
N VAL B 204 -11.56 -7.40 -20.36
CA VAL B 204 -12.43 -8.45 -19.87
C VAL B 204 -12.63 -8.21 -18.37
N ASP B 205 -13.83 -7.86 -17.97
CA ASP B 205 -14.20 -7.68 -16.57
C ASP B 205 -14.52 -9.02 -15.90
N ASN B 206 -13.84 -9.27 -14.80
CA ASN B 206 -13.98 -10.48 -14.00
C ASN B 206 -15.43 -10.74 -13.52
N GLU B 207 -16.14 -9.72 -13.00
CA GLU B 207 -17.53 -9.90 -12.54
C GLU B 207 -18.52 -10.06 -13.68
N ALA B 208 -18.46 -9.22 -14.72
CA ALA B 208 -19.42 -9.36 -15.83
C ALA B 208 -19.24 -10.64 -16.64
N ILE B 209 -18.16 -11.38 -16.39
CA ILE B 209 -18.06 -12.78 -16.78
C ILE B 209 -18.89 -13.69 -15.89
N TYR B 210 -18.83 -13.55 -14.56
CA TYR B 210 -19.64 -14.38 -13.65
C TYR B 210 -21.13 -14.31 -13.96
N ASP B 211 -21.63 -13.17 -14.43
CA ASP B 211 -22.99 -13.07 -14.94
C ASP B 211 -23.25 -13.99 -16.13
N ILE B 212 -22.30 -14.17 -17.04
CA ILE B 212 -22.34 -15.16 -18.14
C ILE B 212 -22.33 -16.59 -17.58
N CYS B 213 -21.53 -16.86 -16.56
CA CYS B 213 -21.48 -18.18 -15.90
C CYS B 213 -22.79 -18.51 -15.17
N ARG B 214 -23.49 -17.50 -14.64
CA ARG B 214 -24.76 -17.65 -13.91
C ARG B 214 -25.95 -17.72 -14.86
N ARG B 215 -26.04 -16.75 -15.78
CA ARG B 215 -27.19 -16.50 -16.66
C ARG B 215 -27.14 -17.30 -17.96
N ASN B 216 -25.96 -17.50 -18.53
CA ASN B 216 -25.77 -18.04 -19.89
C ASN B 216 -25.07 -19.41 -19.89
N LEU B 217 -25.01 -20.09 -18.74
CA LEU B 217 -24.25 -21.33 -18.57
C LEU B 217 -24.73 -22.13 -17.34
N ASP B 218 -25.35 -21.43 -16.38
CA ASP B 218 -25.97 -21.93 -15.16
C ASP B 218 -25.02 -22.72 -14.25
N ILE B 219 -24.31 -21.97 -13.41
CA ILE B 219 -23.35 -22.50 -12.43
C ILE B 219 -23.03 -21.41 -11.40
N GLU B 220 -23.36 -21.70 -10.14
CA GLU B 220 -22.93 -20.89 -8.97
C GLU B 220 -21.61 -21.40 -8.36
N ARG B 221 -21.01 -22.39 -9.04
CA ARG B 221 -19.65 -22.90 -8.86
C ARG B 221 -18.62 -22.41 -9.92
N PRO B 222 -18.52 -21.13 -10.35
CA PRO B 222 -17.43 -20.72 -11.24
C PRO B 222 -16.12 -20.60 -10.43
N THR B 223 -15.24 -21.60 -10.54
CA THR B 223 -13.85 -21.44 -10.10
C THR B 223 -13.15 -20.40 -10.99
N TYR B 224 -12.05 -19.79 -10.54
CA TYR B 224 -11.22 -18.95 -11.41
C TYR B 224 -10.73 -19.67 -12.67
N THR B 225 -10.48 -20.97 -12.50
CA THR B 225 -10.15 -21.89 -13.60
C THR B 225 -11.14 -21.87 -14.75
N ASN B 226 -12.39 -21.38 -14.59
CA ASN B 226 -13.44 -21.28 -15.62
C ASN B 226 -13.47 -19.95 -16.37
N LEU B 227 -13.39 -18.83 -15.65
CA LEU B 227 -13.23 -17.52 -16.28
C LEU B 227 -11.99 -17.51 -17.16
N ASN B 228 -10.94 -18.16 -16.68
CA ASN B 228 -9.73 -18.39 -17.46
C ASN B 228 -9.95 -19.25 -18.72
N ARG B 229 -10.85 -20.25 -18.72
CA ARG B 229 -11.27 -20.99 -19.95
C ARG B 229 -12.02 -20.09 -20.92
N LEU B 230 -12.79 -19.14 -20.40
CA LEU B 230 -13.62 -18.25 -21.19
C LEU B 230 -12.82 -17.12 -21.85
N ILE B 231 -11.87 -16.52 -21.12
CA ILE B 231 -10.86 -15.65 -21.73
C ILE B 231 -9.90 -16.47 -22.58
N GLY B 232 -9.62 -17.68 -22.14
CA GLY B 232 -8.91 -18.68 -22.92
C GLY B 232 -9.57 -18.93 -24.28
N GLN B 233 -10.90 -18.77 -24.37
CA GLN B 233 -11.71 -18.93 -25.58
C GLN B 233 -11.76 -17.69 -26.48
N ILE B 234 -12.20 -16.55 -25.93
CA ILE B 234 -12.16 -15.28 -26.67
C ILE B 234 -10.75 -15.01 -27.19
N VAL B 235 -9.70 -15.23 -26.41
CA VAL B 235 -8.32 -14.97 -26.81
C VAL B 235 -7.87 -15.87 -27.96
N SER B 236 -8.30 -17.14 -27.95
CA SER B 236 -8.08 -18.08 -29.06
C SER B 236 -8.58 -17.57 -30.39
N SER B 237 -9.67 -16.84 -30.31
CA SER B 237 -10.24 -16.20 -31.47
C SER B 237 -9.42 -15.01 -32.00
N ILE B 238 -8.69 -14.33 -31.10
CA ILE B 238 -7.84 -13.19 -31.40
C ILE B 238 -6.58 -13.64 -32.13
N THR B 239 -5.64 -14.25 -31.40
CA THR B 239 -4.36 -14.65 -31.99
C THR B 239 -4.53 -15.96 -32.75
N ALA B 240 -4.70 -17.07 -32.03
CA ALA B 240 -4.64 -18.45 -32.51
C ALA B 240 -5.23 -18.65 -33.91
N SER B 241 -6.55 -18.51 -34.03
CA SER B 241 -7.30 -18.80 -35.26
C SER B 241 -7.21 -17.73 -36.33
N LEU B 242 -6.76 -16.53 -35.99
CA LEU B 242 -6.74 -15.41 -36.92
C LEU B 242 -5.40 -15.18 -37.60
N ARG B 243 -4.33 -15.50 -36.84
CA ARG B 243 -2.99 -15.76 -37.38
C ARG B 243 -2.94 -17.02 -38.24
N PHE B 244 -3.94 -17.89 -38.07
CA PHE B 244 -4.26 -19.01 -38.94
C PHE B 244 -5.10 -18.51 -40.13
N ASP B 245 -4.70 -18.92 -41.34
CA ASP B 245 -5.45 -18.84 -42.58
C ASP B 245 -6.98 -18.97 -42.45
N GLY B 246 -7.68 -18.34 -43.39
CA GLY B 246 -9.13 -18.28 -43.42
C GLY B 246 -9.64 -17.55 -44.66
N ALA B 247 -10.96 -17.49 -44.79
CA ALA B 247 -11.59 -16.81 -45.92
C ALA B 247 -11.56 -15.27 -45.82
N LEU B 248 -11.18 -14.70 -44.67
CA LEU B 248 -11.08 -13.26 -44.47
C LEU B 248 -10.12 -12.88 -43.33
N ASN B 249 -8.87 -13.37 -43.42
CA ASN B 249 -7.77 -13.13 -42.49
C ASN B 249 -7.70 -11.69 -41.96
N VAL B 250 -7.21 -11.54 -40.72
CA VAL B 250 -7.10 -10.25 -40.02
C VAL B 250 -5.82 -10.23 -39.16
N ASP B 251 -4.68 -9.82 -39.73
CA ASP B 251 -3.46 -9.50 -38.97
C ASP B 251 -3.74 -8.71 -37.64
N LEU B 252 -2.83 -8.70 -36.67
CA LEU B 252 -2.90 -7.92 -35.44
C LEU B 252 -2.83 -6.42 -35.72
N THR B 253 -1.98 -5.99 -36.68
CA THR B 253 -2.00 -4.60 -37.14
C THR B 253 -3.39 -4.21 -37.63
N GLU B 254 -4.13 -5.12 -38.29
CA GLU B 254 -5.50 -4.82 -38.73
C GLU B 254 -6.41 -4.40 -37.59
N PHE B 255 -6.27 -4.99 -36.39
CA PHE B 255 -7.01 -4.60 -35.19
C PHE B 255 -6.79 -3.13 -34.92
N GLN B 256 -5.64 -2.74 -34.40
CA GLN B 256 -5.38 -1.37 -33.99
C GLN B 256 -5.73 -0.35 -35.09
N THR B 257 -5.53 -0.71 -36.37
CA THR B 257 -5.98 0.12 -37.49
C THR B 257 -7.51 0.25 -37.57
N ASN B 258 -8.22 -0.88 -37.69
CA ASN B 258 -9.68 -0.93 -37.80
C ASN B 258 -10.43 -0.74 -36.47
N LEU B 259 -9.73 -0.66 -35.32
CA LEU B 259 -10.31 -0.64 -33.97
C LEU B 259 -10.02 0.60 -33.16
N VAL B 260 -8.85 1.22 -33.29
CA VAL B 260 -8.56 2.45 -32.54
C VAL B 260 -8.81 3.65 -33.46
N PRO B 261 -9.73 4.55 -33.09
CA PRO B 261 -9.91 5.78 -33.83
C PRO B 261 -8.84 6.81 -33.43
N TYR B 262 -8.29 6.73 -32.21
CA TYR B 262 -7.36 7.72 -31.66
C TYR B 262 -6.22 7.11 -30.83
N PRO B 263 -5.05 7.79 -30.76
CA PRO B 263 -3.77 7.33 -30.18
C PRO B 263 -3.73 6.92 -28.72
N ARG B 264 -4.65 7.39 -27.87
CA ARG B 264 -4.84 6.74 -26.55
C ARG B 264 -4.90 5.24 -26.84
N GLY B 265 -4.27 4.38 -26.03
CA GLY B 265 -4.18 2.91 -26.23
C GLY B 265 -5.51 2.14 -26.15
N HIS B 266 -6.59 2.77 -26.65
CA HIS B 266 -8.01 2.49 -26.65
C HIS B 266 -8.35 1.04 -26.47
N PHE B 267 -9.44 0.87 -25.73
CA PHE B 267 -9.66 -0.31 -24.96
C PHE B 267 -10.97 -0.94 -25.41
N PRO B 268 -10.95 -1.71 -26.51
CA PRO B 268 -12.11 -2.48 -26.88
C PRO B 268 -12.44 -3.54 -25.84
N LEU B 269 -13.67 -4.02 -25.93
CA LEU B 269 -14.26 -4.99 -25.01
C LEU B 269 -14.31 -6.31 -25.71
N ALA B 270 -14.08 -7.40 -25.01
CA ALA B 270 -14.18 -8.70 -25.61
C ALA B 270 -15.57 -9.32 -25.39
N THR B 271 -16.12 -9.98 -26.40
CA THR B 271 -17.43 -10.65 -26.33
C THR B 271 -17.32 -11.95 -27.11
N TYR B 272 -17.98 -13.01 -26.65
CA TYR B 272 -18.10 -14.28 -27.37
C TYR B 272 -19.59 -14.58 -27.61
N ALA B 273 -19.95 -15.38 -28.60
CA ALA B 273 -21.37 -15.59 -28.95
C ALA B 273 -21.96 -16.91 -28.45
N PRO B 274 -21.51 -18.09 -28.93
CA PRO B 274 -22.08 -19.36 -28.48
C PRO B 274 -21.47 -19.75 -27.13
N VAL B 275 -21.83 -18.99 -26.11
CA VAL B 275 -21.54 -19.25 -24.71
C VAL B 275 -22.57 -20.19 -24.07
N ILE B 276 -23.19 -21.05 -24.87
CA ILE B 276 -24.18 -22.02 -24.40
C ILE B 276 -23.55 -23.11 -23.52
N SER B 277 -24.33 -23.68 -22.60
CA SER B 277 -23.96 -24.79 -21.69
C SER B 277 -23.89 -26.16 -22.36
N ALA B 278 -22.82 -26.91 -22.13
CA ALA B 278 -22.61 -28.25 -22.69
C ALA B 278 -23.37 -29.40 -22.01
N GLU B 279 -24.53 -29.10 -21.42
CA GLU B 279 -25.29 -30.06 -20.61
C GLU B 279 -26.78 -29.73 -20.61
N LYS B 280 -27.10 -28.47 -20.26
CA LYS B 280 -28.46 -27.96 -20.03
C LYS B 280 -29.29 -27.92 -21.32
N ALA B 281 -29.49 -26.70 -21.84
CA ALA B 281 -30.22 -26.47 -23.07
C ALA B 281 -29.42 -27.03 -24.22
N TYR B 282 -30.07 -27.32 -25.35
CA TYR B 282 -29.37 -27.64 -26.59
C TYR B 282 -30.19 -27.25 -27.81
N HIS B 283 -29.93 -26.01 -28.23
CA HIS B 283 -30.29 -25.47 -29.54
C HIS B 283 -29.07 -25.36 -30.48
N GLU B 284 -27.84 -25.48 -29.96
CA GLU B 284 -26.48 -25.44 -30.58
C GLU B 284 -26.39 -24.87 -32.02
N GLN B 285 -26.97 -25.61 -32.99
CA GLN B 285 -27.37 -25.18 -34.33
C GLN B 285 -28.15 -23.87 -34.33
N LEU B 286 -27.37 -22.82 -34.15
CA LEU B 286 -27.81 -21.45 -33.99
C LEU B 286 -27.09 -20.69 -35.10
N SER B 287 -27.65 -20.79 -36.32
CA SER B 287 -27.07 -20.17 -37.50
C SER B 287 -26.61 -18.72 -37.23
N VAL B 288 -25.71 -18.24 -38.09
CA VAL B 288 -25.04 -16.94 -37.97
C VAL B 288 -25.96 -15.80 -37.50
N ALA B 289 -27.12 -15.69 -38.15
CA ALA B 289 -28.16 -14.71 -37.89
C ALA B 289 -28.55 -14.57 -36.40
N GLU B 290 -28.35 -15.62 -35.61
CA GLU B 290 -28.59 -15.66 -34.17
C GLU B 290 -27.34 -15.33 -33.34
N ILE B 291 -26.22 -16.03 -33.56
CA ILE B 291 -24.98 -15.82 -32.79
C ILE B 291 -24.46 -14.39 -32.88
N THR B 292 -24.68 -13.71 -34.01
CA THR B 292 -24.26 -12.31 -34.17
C THR B 292 -25.13 -11.36 -33.35
N ASN B 293 -26.43 -11.61 -33.31
CA ASN B 293 -27.36 -10.84 -32.48
C ASN B 293 -27.08 -11.02 -30.98
N ALA B 294 -26.65 -12.23 -30.59
CA ALA B 294 -26.24 -12.59 -29.22
C ALA B 294 -24.94 -11.90 -28.73
N CYS B 295 -24.24 -11.17 -29.59
CA CYS B 295 -23.09 -10.37 -29.17
C CYS B 295 -23.45 -8.98 -28.64
N PHE B 296 -24.47 -8.32 -29.23
CA PHE B 296 -24.81 -6.93 -28.88
C PHE B 296 -25.80 -6.82 -27.72
N GLU B 297 -26.50 -7.90 -27.38
CA GLU B 297 -27.17 -7.94 -26.08
C GLU B 297 -26.12 -7.78 -24.94
N PRO B 298 -26.33 -6.85 -24.00
CA PRO B 298 -25.33 -6.51 -22.97
C PRO B 298 -25.00 -7.65 -22.01
N ALA B 299 -25.85 -8.67 -21.92
CA ALA B 299 -25.69 -9.76 -20.97
C ALA B 299 -24.69 -10.86 -21.42
N ASN B 300 -23.70 -10.51 -22.25
CA ASN B 300 -22.88 -11.51 -22.95
C ASN B 300 -21.45 -11.07 -23.34
N GLN B 301 -20.94 -10.01 -22.70
CA GLN B 301 -19.82 -9.22 -23.24
C GLN B 301 -18.62 -9.11 -22.31
N MET B 302 -18.52 -10.00 -21.31
CA MET B 302 -17.34 -10.13 -20.44
C MET B 302 -16.88 -8.78 -19.86
N VAL B 303 -17.81 -7.85 -19.65
CA VAL B 303 -17.53 -6.47 -19.27
C VAL B 303 -18.79 -5.82 -18.68
N LYS B 304 -18.69 -5.23 -17.47
CA LYS B 304 -19.80 -4.49 -16.84
C LYS B 304 -19.88 -3.06 -17.40
N CYS B 305 -19.79 -3.02 -18.71
CA CYS B 305 -19.93 -1.81 -19.49
C CYS B 305 -21.13 -1.97 -20.43
N ASP B 306 -22.21 -2.55 -19.89
CA ASP B 306 -23.54 -2.61 -20.51
C ASP B 306 -23.71 -1.34 -21.38
N PRO B 307 -24.02 -1.40 -22.70
CA PRO B 307 -24.13 -0.24 -23.60
C PRO B 307 -25.27 0.72 -23.20
N ARG B 308 -25.10 1.34 -22.03
CA ARG B 308 -26.00 2.21 -21.27
C ARG B 308 -26.30 3.51 -22.03
N HIS B 309 -25.39 3.85 -22.93
CA HIS B 309 -25.41 4.97 -23.87
C HIS B 309 -24.28 4.86 -24.90
N GLY B 310 -23.23 4.12 -24.53
CA GLY B 310 -21.98 4.03 -25.24
C GLY B 310 -22.14 3.55 -26.67
N LYS B 311 -21.95 4.48 -27.59
CA LYS B 311 -21.99 4.22 -29.02
C LYS B 311 -20.79 3.38 -29.40
N TYR B 312 -21.01 2.26 -30.06
CA TYR B 312 -19.93 1.57 -30.76
C TYR B 312 -19.31 2.50 -31.79
N MET B 313 -17.99 2.42 -31.94
CA MET B 313 -17.24 3.24 -32.90
C MET B 313 -16.44 2.42 -33.91
N ALA B 314 -16.27 1.13 -33.63
CA ALA B 314 -15.58 0.18 -34.47
C ALA B 314 -15.70 -1.19 -33.81
N CYS B 315 -16.09 -2.19 -34.58
CA CYS B 315 -16.23 -3.55 -34.10
C CYS B 315 -15.50 -4.50 -35.04
N CYS B 316 -14.66 -5.39 -34.52
CA CYS B 316 -14.03 -6.44 -35.31
C CYS B 316 -14.68 -7.77 -34.97
N LEU B 317 -15.76 -8.05 -35.69
CA LEU B 317 -16.41 -9.35 -35.61
C LEU B 317 -15.52 -10.41 -36.22
N LEU B 318 -14.84 -11.13 -35.35
CA LEU B 318 -14.18 -12.37 -35.70
C LEU B 318 -15.20 -13.51 -35.62
N TYR B 319 -15.40 -14.15 -36.77
CA TYR B 319 -16.12 -15.39 -36.92
C TYR B 319 -15.12 -16.52 -37.12
N ARG B 320 -15.54 -17.73 -36.78
CA ARG B 320 -14.80 -18.97 -36.97
C ARG B 320 -15.79 -20.11 -37.15
N GLY B 321 -15.41 -21.18 -37.85
CA GLY B 321 -16.32 -22.26 -38.21
C GLY B 321 -17.03 -22.03 -39.55
N ASP B 322 -18.11 -22.80 -39.76
CA ASP B 322 -18.88 -22.76 -41.00
C ASP B 322 -19.76 -21.50 -41.10
N VAL B 323 -19.27 -20.53 -41.88
CA VAL B 323 -19.90 -19.22 -42.03
C VAL B 323 -19.82 -18.76 -43.48
N VAL B 324 -20.97 -18.57 -44.11
CA VAL B 324 -21.03 -18.01 -45.46
C VAL B 324 -20.81 -16.49 -45.38
N PRO B 325 -19.89 -15.90 -46.18
CA PRO B 325 -19.68 -14.45 -46.20
C PRO B 325 -20.93 -13.60 -46.47
N LYS B 326 -21.92 -14.13 -47.21
CA LYS B 326 -23.24 -13.50 -47.39
C LYS B 326 -24.11 -13.53 -46.13
N ASP B 327 -24.14 -14.64 -45.38
CA ASP B 327 -24.78 -14.72 -44.07
C ASP B 327 -24.26 -13.61 -43.15
N VAL B 328 -22.96 -13.28 -43.23
CA VAL B 328 -22.36 -12.19 -42.45
C VAL B 328 -22.67 -10.82 -43.02
N ASN B 329 -22.48 -10.64 -44.34
CA ASN B 329 -22.81 -9.46 -45.14
C ASN B 329 -24.34 -9.33 -45.38
N ALA B 330 -25.11 -9.61 -44.34
CA ALA B 330 -26.56 -9.65 -44.24
C ALA B 330 -26.99 -9.69 -42.76
N ALA B 331 -26.39 -10.59 -41.97
CA ALA B 331 -26.51 -10.63 -40.53
C ALA B 331 -25.92 -9.40 -39.88
N ILE B 332 -24.94 -8.72 -40.46
CA ILE B 332 -24.46 -7.39 -40.04
C ILE B 332 -25.30 -6.26 -40.64
N ALA B 333 -25.78 -6.41 -41.88
CA ALA B 333 -26.62 -5.41 -42.53
C ALA B 333 -27.92 -5.17 -41.75
N THR B 334 -28.54 -6.24 -41.22
CA THR B 334 -29.71 -6.16 -40.33
C THR B 334 -29.40 -5.34 -39.07
N ILE B 335 -28.19 -5.50 -38.52
CA ILE B 335 -27.74 -4.84 -37.30
C ILE B 335 -27.44 -3.37 -37.57
N LYS B 336 -26.82 -3.04 -38.70
CA LYS B 336 -26.54 -1.65 -39.08
C LYS B 336 -27.81 -0.80 -39.17
N THR B 337 -28.97 -1.46 -39.33
CA THR B 337 -30.29 -0.84 -39.42
C THR B 337 -31.20 -1.12 -38.22
N LYS B 338 -30.66 -1.62 -37.09
CA LYS B 338 -31.43 -1.75 -35.83
C LYS B 338 -31.62 -0.43 -35.08
N ARG B 339 -30.74 0.55 -35.32
CA ARG B 339 -30.67 1.93 -34.78
C ARG B 339 -30.60 2.11 -33.25
N THR B 340 -31.21 1.23 -32.49
CA THR B 340 -31.08 1.11 -31.02
C THR B 340 -29.67 0.63 -30.62
N ILE B 341 -28.87 0.19 -31.59
CA ILE B 341 -27.43 -0.09 -31.49
C ILE B 341 -26.53 1.15 -31.82
N GLN B 342 -27.13 2.30 -32.10
CA GLN B 342 -26.48 3.58 -32.45
C GLN B 342 -24.93 3.59 -32.45
N PHE B 343 -24.36 3.43 -33.65
CA PHE B 343 -22.94 3.71 -33.89
C PHE B 343 -22.66 5.21 -33.78
N VAL B 344 -21.39 5.57 -33.67
CA VAL B 344 -20.95 6.98 -33.74
C VAL B 344 -21.27 7.63 -35.08
N ASP B 345 -21.40 8.95 -35.07
CA ASP B 345 -21.70 9.81 -36.21
C ASP B 345 -20.59 9.84 -37.26
N TRP B 346 -19.36 10.19 -36.84
CA TRP B 346 -18.18 10.25 -37.73
C TRP B 346 -17.75 8.89 -38.28
N CYS B 347 -18.39 7.78 -37.86
CA CYS B 347 -18.16 6.44 -38.36
C CYS B 347 -19.31 5.95 -39.29
N PRO B 348 -19.13 5.95 -40.62
CA PRO B 348 -20.12 5.43 -41.57
C PRO B 348 -20.32 3.92 -41.37
N THR B 349 -19.23 3.17 -41.49
CA THR B 349 -19.18 1.71 -41.36
C THR B 349 -18.00 1.35 -40.47
N GLY B 350 -18.26 0.70 -39.33
CA GLY B 350 -17.27 0.33 -38.34
C GLY B 350 -17.38 -1.15 -37.99
N PHE B 351 -17.31 -2.00 -39.03
CA PHE B 351 -17.56 -3.43 -38.96
C PHE B 351 -16.46 -4.18 -39.72
N LYS B 352 -15.35 -4.49 -39.02
CA LYS B 352 -14.31 -5.37 -39.54
C LYS B 352 -14.81 -6.82 -39.42
N VAL B 353 -15.27 -7.37 -40.54
CA VAL B 353 -15.57 -8.80 -40.64
C VAL B 353 -14.26 -9.57 -40.76
N GLY B 354 -13.95 -10.41 -39.78
CA GLY B 354 -12.91 -11.43 -39.89
C GLY B 354 -13.53 -12.82 -39.91
N ILE B 355 -13.21 -13.62 -40.92
CA ILE B 355 -13.70 -14.99 -41.07
C ILE B 355 -12.50 -15.94 -41.06
N ASN B 356 -12.54 -16.87 -40.11
CA ASN B 356 -11.66 -18.02 -40.01
C ASN B 356 -12.40 -19.30 -40.41
N TYR B 357 -11.65 -20.36 -40.72
CA TYR B 357 -12.24 -21.64 -41.13
C TYR B 357 -12.55 -22.55 -39.95
N GLU B 358 -11.52 -22.98 -39.23
CA GLU B 358 -11.66 -23.98 -38.17
C GLU B 358 -12.68 -23.51 -37.11
N PRO B 359 -13.71 -24.34 -36.80
CA PRO B 359 -14.64 -24.01 -35.75
C PRO B 359 -13.93 -23.83 -34.40
N PRO B 360 -14.61 -23.29 -33.38
CA PRO B 360 -14.03 -23.24 -32.04
C PRO B 360 -13.66 -24.63 -31.54
N THR B 361 -12.91 -24.70 -30.44
CA THR B 361 -12.47 -25.98 -29.88
C THR B 361 -12.59 -25.93 -28.38
N VAL B 362 -13.69 -26.48 -27.88
CA VAL B 362 -13.99 -26.49 -26.47
C VAL B 362 -13.14 -27.51 -25.71
N VAL B 363 -12.89 -27.21 -24.44
CA VAL B 363 -12.33 -28.12 -23.43
C VAL B 363 -13.09 -29.46 -23.41
N PRO B 364 -12.40 -30.62 -23.38
CA PRO B 364 -13.01 -31.94 -23.54
C PRO B 364 -14.25 -32.24 -22.68
N GLY B 365 -14.28 -31.69 -21.45
CA GLY B 365 -15.38 -31.82 -20.51
C GLY B 365 -15.37 -30.71 -19.44
N GLY B 366 -15.12 -29.46 -19.87
CA GLY B 366 -15.36 -28.30 -18.99
C GLY B 366 -16.86 -28.09 -18.77
N ASP B 367 -17.41 -27.00 -19.34
CA ASP B 367 -18.85 -26.67 -19.31
C ASP B 367 -19.31 -25.94 -20.59
N LEU B 368 -18.38 -25.60 -21.49
CA LEU B 368 -18.63 -24.81 -22.70
C LEU B 368 -19.37 -25.69 -23.72
N ALA B 369 -20.37 -25.18 -24.44
CA ALA B 369 -21.24 -25.98 -25.31
C ALA B 369 -20.55 -26.95 -26.28
N LYS B 370 -19.65 -26.38 -27.08
CA LYS B 370 -19.14 -26.90 -28.36
C LYS B 370 -20.13 -26.76 -29.52
N VAL B 371 -20.07 -25.57 -30.12
CA VAL B 371 -20.76 -25.26 -31.39
C VAL B 371 -19.81 -25.42 -32.59
N GLN B 372 -20.35 -25.36 -33.81
CA GLN B 372 -19.61 -25.41 -35.09
C GLN B 372 -19.36 -24.05 -35.73
N ARG B 373 -19.56 -22.99 -34.95
CA ARG B 373 -19.31 -21.60 -35.33
C ARG B 373 -19.30 -20.73 -34.08
N ALA B 374 -18.63 -19.59 -34.11
CA ALA B 374 -18.69 -18.59 -33.04
C ALA B 374 -18.42 -17.18 -33.55
N VAL B 375 -18.81 -16.20 -32.72
CA VAL B 375 -18.54 -14.77 -32.93
C VAL B 375 -17.88 -14.21 -31.68
N CYS B 376 -16.61 -13.91 -31.84
CA CYS B 376 -15.76 -13.26 -30.87
C CYS B 376 -15.62 -11.79 -31.27
N MET B 377 -16.72 -11.07 -31.13
CA MET B 377 -16.70 -9.64 -31.43
C MET B 377 -16.02 -8.89 -30.32
N LEU B 378 -15.29 -7.87 -30.73
CA LEU B 378 -14.66 -6.92 -29.86
C LEU B 378 -14.81 -5.54 -30.45
N SER B 379 -14.85 -4.52 -29.60
CA SER B 379 -15.19 -3.19 -30.07
C SER B 379 -14.81 -2.11 -29.09
N ASN B 380 -14.40 -0.97 -29.61
CA ASN B 380 -14.39 0.25 -28.83
C ASN B 380 -15.83 0.78 -28.76
N THR B 381 -16.26 1.10 -27.54
CA THR B 381 -17.56 1.69 -27.26
C THR B 381 -17.31 2.94 -26.42
N THR B 382 -18.13 3.97 -26.63
CA THR B 382 -18.22 5.13 -25.71
C THR B 382 -18.76 4.71 -24.34
N ALA B 383 -19.10 3.43 -24.15
CA ALA B 383 -19.67 2.91 -22.92
C ALA B 383 -18.64 2.98 -21.80
N ILE B 384 -17.35 2.76 -22.10
CA ILE B 384 -16.29 2.76 -21.08
C ILE B 384 -16.03 4.14 -20.46
N ALA B 385 -16.65 5.20 -21.03
CA ALA B 385 -16.89 6.44 -20.31
C ALA B 385 -17.46 6.21 -18.89
N GLU B 386 -18.39 5.24 -18.73
CA GLU B 386 -18.85 4.72 -17.43
C GLU B 386 -17.77 4.00 -16.64
N ALA B 387 -17.32 2.85 -17.16
CA ALA B 387 -16.42 1.96 -16.46
C ALA B 387 -15.21 2.76 -15.90
N TRP B 388 -14.57 3.60 -16.73
CA TRP B 388 -13.50 4.49 -16.28
C TRP B 388 -13.94 5.48 -15.21
N ALA B 389 -15.08 6.17 -15.40
CA ALA B 389 -15.64 7.07 -14.39
C ALA B 389 -15.84 6.40 -13.02
N ARG B 390 -16.47 5.22 -13.00
CA ARG B 390 -16.76 4.46 -11.76
C ARG B 390 -15.52 3.93 -11.06
N LEU B 391 -14.44 3.72 -11.81
CA LEU B 391 -13.13 3.29 -11.32
C LEU B 391 -12.25 4.46 -10.86
N ASP B 392 -12.42 5.62 -11.48
CA ASP B 392 -11.76 6.88 -11.14
C ASP B 392 -12.34 7.47 -9.85
N HIS B 393 -13.67 7.49 -9.73
CA HIS B 393 -14.36 7.98 -8.53
C HIS B 393 -13.97 7.22 -7.25
N LYS B 394 -13.81 5.89 -7.37
CA LYS B 394 -13.19 5.00 -6.38
C LYS B 394 -11.87 5.53 -5.84
N PHE B 395 -10.91 5.78 -6.73
CA PHE B 395 -9.57 6.29 -6.44
C PHE B 395 -9.63 7.57 -5.61
N ASP B 396 -10.43 8.53 -6.05
CA ASP B 396 -10.57 9.83 -5.40
C ASP B 396 -11.02 9.68 -3.95
N LEU B 397 -12.00 8.83 -3.65
CA LEU B 397 -12.51 8.67 -2.28
C LEU B 397 -11.45 8.28 -1.25
N MET B 398 -10.51 7.42 -1.64
CA MET B 398 -9.37 7.04 -0.82
C MET B 398 -8.24 8.08 -0.87
N TYR B 399 -7.89 8.60 -2.06
CA TYR B 399 -6.82 9.60 -2.23
C TYR B 399 -7.13 10.93 -1.54
N ALA B 400 -8.42 11.27 -1.47
CA ALA B 400 -9.01 12.34 -0.68
C ALA B 400 -8.71 12.22 0.81
N LYS B 401 -8.39 11.02 1.28
CA LYS B 401 -7.94 10.75 2.65
C LYS B 401 -6.53 10.20 2.71
N ARG B 402 -5.83 10.09 1.58
CA ARG B 402 -4.54 9.40 1.44
C ARG B 402 -4.63 7.89 1.63
N ALA B 403 -5.60 7.32 2.37
CA ALA B 403 -5.70 5.89 2.67
C ALA B 403 -4.31 5.20 2.72
N PHE B 404 -4.15 4.16 1.89
CA PHE B 404 -2.93 3.36 1.73
C PHE B 404 -1.79 4.07 0.96
N VAL B 405 -1.74 5.41 0.88
CA VAL B 405 -0.71 6.13 0.12
C VAL B 405 0.70 5.94 0.71
N HIS B 406 0.84 5.78 2.04
CA HIS B 406 2.18 5.58 2.66
C HIS B 406 2.85 4.28 2.24
N TRP B 407 2.04 3.31 1.78
CA TRP B 407 2.52 2.09 1.15
C TRP B 407 3.15 2.21 -0.22
N TYR B 408 2.95 3.32 -0.90
CA TYR B 408 3.57 3.57 -2.20
C TYR B 408 4.68 4.60 -2.10
N VAL B 409 4.54 5.58 -1.21
CA VAL B 409 5.55 6.64 -1.09
C VAL B 409 6.83 6.10 -0.45
N GLY B 410 6.67 5.18 0.52
CA GLY B 410 7.78 4.39 1.06
C GLY B 410 8.43 3.42 0.05
N GLU B 411 7.92 3.37 -1.18
CA GLU B 411 8.33 2.45 -2.25
C GLU B 411 8.84 3.18 -3.51
N GLY B 412 9.25 4.45 -3.35
CA GLY B 412 9.80 5.26 -4.44
C GLY B 412 8.74 5.82 -5.38
N MET B 413 7.71 6.43 -4.81
CA MET B 413 6.68 7.24 -5.47
C MET B 413 6.45 8.51 -4.66
N GLU B 414 5.52 9.33 -5.11
CA GLU B 414 5.36 10.69 -4.65
C GLU B 414 3.88 11.10 -4.67
N GLU B 415 3.61 12.28 -4.15
CA GLU B 415 2.32 12.83 -4.49
C GLU B 415 2.10 12.99 -6.00
N GLY B 416 3.16 13.29 -6.74
CA GLY B 416 3.13 13.50 -8.18
C GLY B 416 2.50 12.34 -8.90
N GLU B 417 3.06 11.15 -8.74
CA GLU B 417 2.56 10.05 -9.58
C GLU B 417 1.09 9.70 -9.35
N PHE B 418 0.55 9.84 -8.13
CA PHE B 418 -0.90 9.74 -7.90
C PHE B 418 -1.68 10.89 -8.52
N SER B 419 -1.38 12.12 -8.10
CA SER B 419 -2.15 13.30 -8.47
C SER B 419 -2.10 13.61 -9.96
N GLU B 420 -1.01 13.23 -10.61
CA GLU B 420 -0.71 13.53 -11.98
C GLU B 420 -1.18 12.36 -12.90
N ALA B 421 -1.26 11.10 -12.39
CA ALA B 421 -1.97 10.01 -13.07
C ALA B 421 -3.49 10.08 -12.89
N ARG B 422 -3.94 10.83 -11.89
CA ARG B 422 -5.36 11.15 -11.71
C ARG B 422 -5.82 12.17 -12.74
N GLU B 423 -5.03 13.25 -12.92
CA GLU B 423 -5.21 14.27 -13.97
C GLU B 423 -5.02 13.68 -15.39
N ASP B 424 -4.34 12.52 -15.53
CA ASP B 424 -4.24 11.76 -16.78
C ASP B 424 -5.58 11.13 -17.18
N MET B 425 -6.11 10.26 -16.32
CA MET B 425 -7.41 9.63 -16.55
C MET B 425 -8.57 10.61 -16.59
N ALA B 426 -8.43 11.80 -15.99
CA ALA B 426 -9.41 12.87 -16.16
C ALA B 426 -9.58 13.23 -17.65
N ALA B 427 -8.50 13.39 -18.40
CA ALA B 427 -8.55 13.55 -19.85
C ALA B 427 -8.84 12.25 -20.64
N LEU B 428 -9.12 11.13 -19.96
CA LEU B 428 -9.65 9.89 -20.54
C LEU B 428 -11.17 9.74 -20.33
N GLU B 429 -11.71 10.36 -19.28
CA GLU B 429 -13.14 10.63 -19.10
C GLU B 429 -13.63 11.64 -20.14
N LYS B 430 -12.83 12.67 -20.43
CA LYS B 430 -13.14 13.67 -21.48
C LYS B 430 -12.91 13.12 -22.89
N ASP B 431 -11.86 12.34 -23.14
CA ASP B 431 -11.60 11.73 -24.46
C ASP B 431 -12.75 10.81 -24.89
N TYR B 432 -13.10 9.86 -24.03
CA TYR B 432 -14.22 8.96 -24.28
C TYR B 432 -15.60 9.61 -24.23
N GLU B 433 -15.69 10.85 -23.75
CA GLU B 433 -16.88 11.68 -23.90
C GLU B 433 -16.90 12.42 -25.24
N GLU B 434 -15.81 13.11 -25.65
CA GLU B 434 -15.72 13.97 -26.85
C GLU B 434 -15.72 13.19 -28.17
N VAL B 435 -15.07 12.02 -28.18
CA VAL B 435 -15.06 11.13 -29.36
C VAL B 435 -16.45 10.53 -29.62
N GLY B 436 -17.39 10.63 -28.69
CA GLY B 436 -18.79 10.30 -28.91
C GLY B 436 -19.71 11.39 -28.35
N VAL B 437 -20.98 11.03 -28.16
CA VAL B 437 -22.02 11.91 -27.57
C VAL B 437 -22.35 13.20 -28.36
N ASP B 438 -21.53 13.54 -29.36
CA ASP B 438 -21.49 14.80 -30.13
C ASP B 438 -21.28 14.50 -31.64
N SER B 439 -21.62 15.47 -32.50
CA SER B 439 -21.77 15.24 -33.96
C SER B 439 -21.22 16.34 -34.89
N ARG C 2 10.51 -17.07 0.80
CA ARG C 2 10.14 -16.08 1.86
C ARG C 2 10.22 -16.75 3.21
N GLU C 3 10.33 -15.97 4.30
CA GLU C 3 10.62 -16.52 5.64
C GLU C 3 10.17 -15.67 6.80
N ILE C 4 9.99 -16.23 7.99
CA ILE C 4 9.68 -15.49 9.21
C ILE C 4 10.43 -16.11 10.39
N VAL C 5 10.60 -15.34 11.46
CA VAL C 5 11.17 -15.84 12.71
C VAL C 5 10.31 -15.39 13.89
N HIS C 6 9.63 -16.35 14.49
CA HIS C 6 8.76 -16.12 15.65
C HIS C 6 9.55 -15.67 16.89
N ILE C 7 8.88 -15.09 17.88
CA ILE C 7 9.48 -14.55 19.09
C ILE C 7 8.49 -14.75 20.24
N GLN C 8 8.88 -15.59 21.19
CA GLN C 8 8.16 -15.95 22.41
C GLN C 8 8.56 -15.06 23.58
N ALA C 9 8.22 -13.77 23.53
CA ALA C 9 8.55 -12.87 24.63
C ALA C 9 7.66 -13.10 25.88
N GLY C 10 8.30 -13.19 27.04
CA GLY C 10 7.65 -13.43 28.32
C GLY C 10 6.93 -14.75 28.46
N GLN C 11 6.35 -14.97 29.66
CA GLN C 11 5.78 -16.27 29.95
C GLN C 11 4.58 -16.54 29.05
N CYS C 12 3.64 -15.61 28.96
CA CYS C 12 2.42 -15.81 28.16
C CYS C 12 2.75 -16.06 26.69
N GLY C 13 3.55 -15.19 26.08
CA GLY C 13 4.07 -15.39 24.72
C GLY C 13 4.82 -16.71 24.55
N ASN C 14 5.47 -17.19 25.61
CA ASN C 14 6.10 -18.51 25.65
C ASN C 14 5.14 -19.70 25.76
N GLN C 15 4.21 -19.66 26.71
CA GLN C 15 3.13 -20.63 26.89
C GLN C 15 2.32 -20.77 25.60
N ILE C 16 1.99 -19.65 24.95
CA ILE C 16 1.36 -19.61 23.63
C ILE C 16 2.29 -20.17 22.59
N GLY C 17 3.58 -19.86 22.63
CA GLY C 17 4.56 -20.42 21.72
C GLY C 17 4.51 -21.94 21.70
N ALA C 18 4.44 -22.61 22.85
CA ALA C 18 4.20 -24.06 22.90
C ALA C 18 2.93 -24.51 22.15
N LYS C 19 1.85 -23.71 22.16
CA LYS C 19 0.58 -24.00 21.48
C LYS C 19 0.57 -23.65 20.00
N PHE C 20 1.18 -22.52 19.64
CA PHE C 20 1.46 -22.12 18.26
C PHE C 20 2.27 -23.17 17.53
N TRP C 21 3.34 -23.65 18.16
CA TRP C 21 4.19 -24.69 17.60
C TRP C 21 3.61 -26.10 17.74
N GLU C 22 2.80 -26.38 18.77
CA GLU C 22 1.99 -27.62 18.87
C GLU C 22 1.10 -27.76 17.62
N VAL C 23 0.43 -26.68 17.23
CA VAL C 23 -0.49 -26.64 16.08
C VAL C 23 0.29 -26.68 14.78
N ILE C 24 1.09 -25.64 14.52
CA ILE C 24 1.74 -25.42 13.23
C ILE C 24 2.49 -26.67 12.77
N SER C 25 3.09 -27.41 13.70
CA SER C 25 3.88 -28.59 13.39
C SER C 25 3.00 -29.71 12.86
N ASP C 26 1.82 -29.97 13.41
CA ASP C 26 0.79 -30.87 12.84
C ASP C 26 0.25 -30.36 11.50
N GLU C 27 0.13 -29.03 11.34
CA GLU C 27 -0.19 -28.35 10.06
C GLU C 27 0.97 -28.39 9.03
N HIS C 28 2.07 -29.05 9.41
CA HIS C 28 3.31 -29.23 8.65
C HIS C 28 3.95 -30.61 8.89
N GLY C 29 3.17 -31.58 9.39
CA GLY C 29 3.62 -32.94 9.76
C GLY C 29 4.95 -33.07 10.53
N ILE C 30 5.38 -32.11 11.35
CA ILE C 30 6.64 -32.15 12.12
C ILE C 30 6.39 -32.71 13.53
N ASP C 31 6.80 -33.97 13.73
CA ASP C 31 6.85 -34.62 15.04
C ASP C 31 7.95 -34.01 15.94
N PRO C 32 7.89 -34.16 17.29
CA PRO C 32 8.84 -33.58 18.27
C PRO C 32 10.25 -33.26 17.79
N THR C 33 11.14 -34.24 17.63
CA THR C 33 12.41 -34.05 16.86
C THR C 33 12.36 -34.68 15.45
N GLY C 34 11.29 -35.44 15.18
CA GLY C 34 11.02 -36.03 13.87
C GLY C 34 10.86 -35.00 12.75
N SER C 35 10.77 -35.56 11.54
CA SER C 35 10.73 -34.79 10.29
C SER C 35 9.31 -34.57 9.82
N TYR C 36 9.20 -34.28 8.53
CA TYR C 36 7.96 -34.26 7.79
C TYR C 36 7.38 -35.67 7.59
N HIS C 37 6.47 -36.05 8.47
CA HIS C 37 5.54 -37.16 8.28
C HIS C 37 4.30 -36.80 7.46
N GLY C 38 4.20 -35.52 7.08
CA GLY C 38 3.07 -34.89 6.38
C GLY C 38 2.21 -35.86 5.60
N ASP C 39 0.90 -35.82 5.88
CA ASP C 39 -0.07 -36.70 5.21
C ASP C 39 -0.14 -36.47 3.69
N SER C 40 0.26 -35.26 3.27
CA SER C 40 0.44 -34.81 1.89
C SER C 40 1.91 -34.51 1.57
N ASP C 41 2.13 -33.76 0.50
CA ASP C 41 3.45 -33.37 -0.03
C ASP C 41 3.58 -31.83 -0.09
N LEU C 42 2.45 -31.13 0.00
CA LEU C 42 2.35 -29.67 -0.08
C LEU C 42 2.71 -28.95 1.23
N GLN C 43 2.52 -29.62 2.37
CA GLN C 43 2.90 -29.12 3.69
C GLN C 43 4.44 -29.08 3.89
N LEU C 44 5.22 -29.00 2.79
CA LEU C 44 6.68 -29.07 2.76
C LEU C 44 7.34 -28.15 1.73
N GLU C 45 6.68 -27.80 0.63
CA GLU C 45 7.30 -26.92 -0.38
C GLU C 45 7.49 -25.48 0.13
N ARG C 46 6.89 -25.17 1.28
CA ARG C 46 6.91 -23.85 1.89
C ARG C 46 7.22 -23.81 3.38
N ILE C 47 7.57 -24.93 4.02
CA ILE C 47 7.89 -24.96 5.47
C ILE C 47 8.96 -23.96 5.88
N ASN C 48 9.89 -23.65 4.96
CA ASN C 48 11.07 -22.83 5.21
C ASN C 48 10.74 -21.58 5.99
N VAL C 49 9.54 -21.02 5.74
CA VAL C 49 8.92 -19.94 6.50
C VAL C 49 9.10 -19.98 8.01
N TYR C 50 9.15 -21.16 8.63
CA TYR C 50 9.28 -21.32 10.06
C TYR C 50 10.40 -22.25 10.53
N TYR C 51 11.19 -22.86 9.63
CA TYR C 51 12.15 -23.89 10.01
C TYR C 51 13.51 -23.72 9.33
N ASN C 52 14.46 -24.60 9.68
CA ASN C 52 15.80 -24.65 9.10
C ASN C 52 16.23 -26.09 8.80
N GLU C 53 16.99 -26.26 7.71
CA GLU C 53 17.59 -27.53 7.31
C GLU C 53 18.96 -27.72 7.99
N ALA C 54 19.12 -28.80 8.76
CA ALA C 54 20.39 -29.17 9.37
C ALA C 54 20.73 -30.65 9.16
N ALA C 55 19.98 -31.54 9.82
CA ALA C 55 20.18 -32.98 9.67
C ALA C 55 19.64 -33.50 8.32
N GLY C 56 18.31 -33.48 8.19
CA GLY C 56 17.54 -34.12 7.10
C GLY C 56 16.27 -34.80 7.60
N ASN C 57 16.11 -34.85 8.93
CA ASN C 57 14.88 -35.18 9.63
C ASN C 57 14.52 -34.11 10.69
N LYS C 58 15.37 -33.11 10.91
CA LYS C 58 15.28 -32.19 12.04
C LYS C 58 15.11 -30.77 11.50
N TYR C 59 13.92 -30.49 10.99
CA TYR C 59 13.52 -29.12 10.72
C TYR C 59 13.20 -28.46 12.05
N VAL C 60 14.05 -27.54 12.48
CA VAL C 60 13.87 -26.87 13.78
C VAL C 60 13.09 -25.57 13.62
N PRO C 61 12.03 -25.32 14.42
CA PRO C 61 11.35 -24.03 14.51
C PRO C 61 12.33 -22.90 14.73
N ARG C 62 12.23 -21.88 13.89
CA ARG C 62 13.07 -20.70 13.89
C ARG C 62 12.42 -19.59 14.70
N ALA C 63 12.32 -19.86 16.00
CA ALA C 63 11.80 -18.91 16.95
C ALA C 63 12.85 -18.47 17.97
N ILE C 64 12.46 -17.53 18.82
CA ILE C 64 13.28 -17.09 19.96
C ILE C 64 12.49 -17.21 21.24
N LEU C 65 13.08 -17.72 22.31
CA LEU C 65 12.40 -17.89 23.58
C LEU C 65 13.01 -16.94 24.60
N VAL C 66 12.31 -15.84 24.86
CA VAL C 66 12.87 -14.73 25.63
C VAL C 66 12.15 -14.62 26.97
N ASP C 67 12.80 -15.02 28.04
CA ASP C 67 12.19 -14.98 29.37
C ASP C 67 13.21 -14.82 30.52
N LEU C 68 12.90 -13.97 31.49
CA LEU C 68 13.72 -13.77 32.70
C LEU C 68 13.38 -14.80 33.79
N GLU C 69 12.34 -15.61 33.58
CA GLU C 69 11.89 -16.62 34.54
C GLU C 69 12.31 -18.01 34.06
N PRO C 70 13.31 -18.69 34.68
CA PRO C 70 13.76 -19.99 34.19
C PRO C 70 12.64 -21.03 34.14
N GLY C 71 11.90 -21.17 35.25
CA GLY C 71 10.83 -22.17 35.42
C GLY C 71 9.79 -22.23 34.30
N THR C 72 9.50 -21.10 33.63
CA THR C 72 8.68 -21.07 32.41
C THR C 72 9.32 -21.81 31.24
N MET C 73 10.44 -21.31 30.70
CA MET C 73 11.07 -21.98 29.56
C MET C 73 11.49 -23.41 29.93
N ASP C 74 11.72 -23.66 31.23
CA ASP C 74 12.00 -24.94 31.85
C ASP C 74 10.76 -25.83 32.09
N SER C 75 9.57 -25.36 31.69
CA SER C 75 8.31 -26.12 31.59
C SER C 75 7.91 -26.36 30.13
N VAL C 76 8.19 -25.39 29.27
CA VAL C 76 8.02 -25.50 27.82
C VAL C 76 9.03 -26.47 27.23
N ARG C 77 10.29 -26.44 27.68
CA ARG C 77 11.36 -27.35 27.20
C ARG C 77 11.33 -28.75 27.81
N SER C 78 10.64 -28.93 28.95
CA SER C 78 10.58 -30.21 29.70
C SER C 78 9.29 -31.01 29.44
N GLY C 79 8.42 -30.50 28.58
CA GLY C 79 7.11 -31.07 28.27
C GLY C 79 7.06 -31.76 26.90
N PRO C 80 5.98 -31.56 26.11
CA PRO C 80 5.73 -32.24 24.82
C PRO C 80 6.75 -31.90 23.71
N PHE C 81 6.39 -31.01 22.77
CA PHE C 81 7.25 -30.51 21.68
C PHE C 81 8.47 -29.71 22.18
N GLY C 82 8.61 -29.48 23.48
CA GLY C 82 9.69 -28.69 24.09
C GLY C 82 11.12 -29.04 23.67
N GLN C 83 11.35 -30.28 23.21
CA GLN C 83 12.66 -30.76 22.77
C GLN C 83 12.95 -30.59 21.26
N ILE C 84 12.21 -29.71 20.56
CA ILE C 84 12.46 -29.40 19.14
C ILE C 84 13.38 -28.19 18.95
N PHE C 85 13.23 -27.18 19.82
CA PHE C 85 13.96 -25.93 19.78
C PHE C 85 15.44 -26.24 19.96
N ARG C 86 16.30 -25.74 19.07
CA ARG C 86 17.74 -25.77 19.35
C ARG C 86 17.98 -24.99 20.65
N PRO C 87 18.84 -25.48 21.56
CA PRO C 87 19.06 -24.81 22.85
C PRO C 87 19.52 -23.36 22.71
N ASP C 88 20.14 -23.03 21.59
CA ASP C 88 20.55 -21.70 21.16
C ASP C 88 19.38 -20.68 21.11
N ASN C 89 18.14 -21.15 20.90
CA ASN C 89 16.93 -20.33 20.89
C ASN C 89 16.50 -19.85 22.30
N PHE C 90 16.84 -20.58 23.36
CA PHE C 90 16.50 -20.20 24.74
C PHE C 90 17.36 -19.04 25.23
N VAL C 91 16.86 -17.82 25.07
CA VAL C 91 17.45 -16.63 25.68
C VAL C 91 16.79 -16.33 27.03
N PHE C 92 17.24 -17.09 28.02
CA PHE C 92 16.87 -16.96 29.43
C PHE C 92 17.56 -15.81 30.16
N GLY C 93 16.96 -15.36 31.26
CA GLY C 93 17.55 -14.34 32.11
C GLY C 93 17.33 -14.68 33.57
N GLN C 94 18.11 -15.59 34.15
CA GLN C 94 17.85 -16.19 35.49
C GLN C 94 17.70 -15.20 36.66
N SER C 95 17.91 -13.91 36.40
CA SER C 95 17.55 -12.73 37.17
C SER C 95 16.13 -12.82 37.76
N GLY C 96 15.79 -11.89 38.66
CA GLY C 96 14.40 -11.79 39.10
C GLY C 96 13.52 -11.23 37.98
N ALA C 97 12.65 -12.05 37.38
CA ALA C 97 11.66 -11.68 36.34
C ALA C 97 10.49 -10.81 36.86
N GLY C 98 10.78 -9.92 37.78
CA GLY C 98 9.80 -9.09 38.49
C GLY C 98 8.80 -8.51 37.52
N ASN C 99 7.55 -8.42 37.97
CA ASN C 99 6.37 -8.14 37.16
C ASN C 99 6.28 -6.69 36.66
N ASN C 100 7.42 -6.04 36.54
CA ASN C 100 7.56 -4.65 36.27
C ASN C 100 8.04 -4.47 34.82
N TRP C 101 7.32 -3.67 34.06
CA TRP C 101 7.71 -3.29 32.70
C TRP C 101 9.10 -2.66 32.64
N ALA C 102 9.41 -1.80 33.61
CA ALA C 102 10.72 -1.17 33.74
C ALA C 102 11.83 -2.17 34.05
N LYS C 103 11.51 -3.18 34.88
CA LYS C 103 12.46 -4.23 35.25
C LYS C 103 12.82 -5.10 34.04
N GLY C 104 11.87 -5.34 33.13
CA GLY C 104 12.15 -6.05 31.88
C GLY C 104 12.56 -5.18 30.69
N HIS C 105 12.57 -3.85 30.79
CA HIS C 105 12.86 -2.99 29.62
C HIS C 105 14.14 -2.15 29.79
N TYR C 106 14.47 -1.75 31.02
CA TYR C 106 15.57 -0.80 31.29
C TYR C 106 16.67 -1.43 32.11
N THR C 107 16.32 -2.28 33.09
CA THR C 107 17.30 -2.76 34.08
C THR C 107 17.69 -4.21 33.86
N GLU C 108 16.76 -5.16 33.97
CA GLU C 108 17.07 -6.59 33.86
C GLU C 108 16.87 -7.12 32.44
N GLY C 109 15.88 -6.61 31.68
CA GLY C 109 15.78 -7.03 30.28
C GLY C 109 16.87 -6.43 29.43
N ALA C 110 17.26 -5.17 29.67
CA ALA C 110 18.24 -4.44 28.86
C ALA C 110 19.62 -5.13 28.74
N GLU C 111 20.04 -5.89 29.75
CA GLU C 111 21.28 -6.70 29.67
C GLU C 111 21.13 -7.90 28.75
N LEU C 112 20.00 -8.60 28.85
CA LEU C 112 19.78 -9.84 28.13
C LEU C 112 19.53 -9.58 26.63
N VAL C 113 19.20 -8.35 26.26
CA VAL C 113 18.83 -8.00 24.88
C VAL C 113 19.95 -8.29 23.90
N ASP C 114 21.19 -7.92 24.21
CA ASP C 114 22.28 -8.09 23.27
C ASP C 114 22.53 -9.58 22.95
N SER C 115 22.38 -10.45 23.95
CA SER C 115 22.40 -11.91 23.77
C SER C 115 21.13 -12.49 23.13
N VAL C 116 20.09 -11.66 22.92
CA VAL C 116 18.91 -11.98 22.08
C VAL C 116 19.16 -11.56 20.65
N LEU C 117 19.46 -10.27 20.42
CA LEU C 117 19.75 -9.69 19.10
C LEU C 117 20.81 -10.50 18.34
N ASP C 118 21.80 -11.02 19.06
CA ASP C 118 22.78 -11.98 18.54
C ASP C 118 22.11 -13.15 17.75
N VAL C 119 21.12 -13.78 18.38
CA VAL C 119 20.38 -14.91 17.82
C VAL C 119 19.31 -14.49 16.83
N VAL C 120 18.63 -13.36 17.04
CA VAL C 120 17.66 -12.82 16.08
C VAL C 120 18.32 -12.54 14.73
N ARG C 121 19.64 -12.26 14.75
CA ARG C 121 20.50 -12.11 13.57
C ARG C 121 21.00 -13.44 13.03
N LYS C 122 21.37 -14.39 13.89
CA LYS C 122 21.69 -15.77 13.45
C LYS C 122 20.52 -16.40 12.67
N GLU C 123 19.29 -16.14 13.10
CA GLU C 123 18.07 -16.67 12.47
C GLU C 123 17.59 -15.84 11.28
N SER C 124 17.76 -14.52 11.26
CA SER C 124 17.41 -13.67 10.12
C SER C 124 18.38 -13.83 8.94
N GLU C 125 19.67 -14.02 9.23
CA GLU C 125 20.73 -14.30 8.27
C GLU C 125 20.81 -15.81 7.94
N SER C 126 19.76 -16.57 8.23
CA SER C 126 19.66 -18.02 7.98
C SER C 126 19.89 -18.35 6.50
N CYS C 127 18.92 -18.04 5.63
CA CYS C 127 18.99 -18.15 4.18
C CYS C 127 17.82 -17.42 3.48
N ASP C 128 17.73 -17.59 2.16
CA ASP C 128 16.70 -17.05 1.26
C ASP C 128 16.41 -15.55 1.49
N CYS C 129 15.13 -15.16 1.51
CA CYS C 129 14.68 -13.82 1.86
C CYS C 129 13.74 -13.84 3.08
N LEU C 130 14.09 -13.06 4.11
CA LEU C 130 13.24 -12.75 5.24
C LEU C 130 12.03 -11.89 4.81
N GLN C 131 10.86 -12.24 5.31
CA GLN C 131 9.62 -11.45 5.26
C GLN C 131 9.51 -10.58 6.51
N GLY C 132 9.47 -11.18 7.71
CA GLY C 132 9.24 -10.46 8.97
C GLY C 132 9.47 -11.30 10.23
N PHE C 133 8.84 -10.91 11.33
CA PHE C 133 8.93 -11.61 12.61
C PHE C 133 7.54 -11.69 13.25
N GLN C 134 7.17 -12.87 13.74
CA GLN C 134 5.97 -13.00 14.60
C GLN C 134 6.40 -12.71 16.02
N LEU C 135 5.58 -12.01 16.80
CA LEU C 135 5.88 -11.74 18.20
C LEU C 135 4.68 -12.14 19.04
N THR C 136 4.88 -12.93 20.09
CA THR C 136 3.84 -13.32 21.05
C THR C 136 4.26 -12.86 22.43
N HIS C 137 3.31 -12.36 23.22
CA HIS C 137 3.53 -11.82 24.57
C HIS C 137 2.21 -11.34 25.18
N SER C 138 2.25 -11.04 26.47
CA SER C 138 1.17 -10.35 27.17
C SER C 138 1.58 -8.94 27.54
N LEU C 139 0.62 -8.03 27.48
CA LEU C 139 0.88 -6.62 27.77
C LEU C 139 0.75 -6.33 29.28
N GLY C 140 0.83 -7.37 30.12
CA GLY C 140 0.48 -7.35 31.53
C GLY C 140 1.62 -7.83 32.43
N GLY C 141 2.87 -7.79 31.96
CA GLY C 141 3.99 -8.30 32.75
C GLY C 141 5.38 -7.81 32.40
N GLY C 142 6.40 -8.18 33.18
CA GLY C 142 7.75 -7.64 32.99
C GLY C 142 8.38 -8.08 31.68
N THR C 143 8.59 -9.39 31.55
CA THR C 143 9.15 -10.01 30.35
C THR C 143 8.28 -9.95 29.09
N GLY C 144 6.96 -9.85 29.24
CA GLY C 144 6.07 -9.75 28.09
C GLY C 144 6.10 -8.35 27.52
N SER C 145 5.50 -7.42 28.27
CA SER C 145 5.34 -6.05 27.81
C SER C 145 6.62 -5.23 27.87
N GLY C 146 7.52 -5.38 28.84
CA GLY C 146 8.75 -4.58 28.86
C GLY C 146 9.80 -5.13 27.91
N MET C 147 10.29 -6.33 28.19
CA MET C 147 11.37 -6.91 27.40
C MET C 147 10.94 -7.22 25.96
N GLY C 148 9.74 -7.75 25.75
CA GLY C 148 9.25 -8.08 24.41
C GLY C 148 9.02 -6.87 23.51
N THR C 149 8.68 -5.74 24.11
CA THR C 149 8.57 -4.46 23.43
C THR C 149 9.93 -3.80 23.16
N LEU C 150 10.97 -4.19 23.89
CA LEU C 150 12.32 -3.72 23.59
C LEU C 150 12.90 -4.49 22.42
N LEU C 151 12.68 -5.81 22.41
CA LEU C 151 13.15 -6.71 21.35
C LEU C 151 12.72 -6.17 20.00
N ILE C 152 11.45 -5.78 19.87
CA ILE C 152 10.95 -5.13 18.65
C ILE C 152 11.50 -3.74 18.38
N SER C 153 11.69 -2.88 19.38
CA SER C 153 12.30 -1.55 19.16
C SER C 153 13.71 -1.69 18.59
N LYS C 154 14.40 -2.80 18.87
CA LYS C 154 15.67 -3.19 18.27
C LYS C 154 15.54 -3.89 16.93
N ILE C 155 14.59 -4.81 16.75
CA ILE C 155 14.32 -5.45 15.47
C ILE C 155 14.00 -4.40 14.39
N ARG C 156 13.11 -3.44 14.68
CA ARG C 156 12.68 -2.37 13.76
C ARG C 156 13.74 -1.31 13.45
N GLU C 157 14.90 -1.37 14.11
CA GLU C 157 16.09 -0.58 13.81
C GLU C 157 17.08 -1.34 12.91
N GLU C 158 17.10 -2.68 13.02
CA GLU C 158 17.98 -3.59 12.28
C GLU C 158 17.43 -3.96 10.89
N TYR C 159 16.09 -4.03 10.76
CA TYR C 159 15.41 -4.38 9.52
C TYR C 159 14.08 -3.59 9.39
N PRO C 160 14.12 -2.25 9.20
CA PRO C 160 12.92 -1.44 8.93
C PRO C 160 12.19 -1.78 7.61
N ASP C 161 12.66 -2.78 6.85
CA ASP C 161 12.09 -3.36 5.63
C ASP C 161 11.17 -4.56 5.88
N ARG C 162 11.65 -5.48 6.74
CA ARG C 162 10.94 -6.70 7.10
C ARG C 162 9.80 -6.34 8.06
N ILE C 163 8.65 -6.97 7.84
CA ILE C 163 7.42 -6.70 8.58
C ILE C 163 7.50 -7.21 10.01
N MET C 164 6.56 -6.76 10.82
CA MET C 164 6.50 -7.09 12.23
C MET C 164 5.04 -7.29 12.64
N ASN C 165 4.64 -8.56 12.65
CA ASN C 165 3.40 -9.01 13.25
C ASN C 165 3.59 -9.15 14.76
N THR C 166 2.59 -8.71 15.52
CA THR C 166 2.54 -8.84 16.96
C THR C 166 1.23 -9.47 17.37
N PHE C 167 1.27 -10.43 18.26
CA PHE C 167 0.13 -11.08 18.91
C PHE C 167 0.15 -10.70 20.38
N SER C 168 -0.51 -9.59 20.69
CA SER C 168 -0.56 -9.07 22.05
C SER C 168 -1.75 -9.64 22.81
N VAL C 169 -1.52 -10.04 24.06
CA VAL C 169 -2.61 -10.39 24.98
C VAL C 169 -2.93 -9.16 25.81
N VAL C 170 -3.64 -8.23 25.17
CA VAL C 170 -4.11 -7.02 25.85
C VAL C 170 -4.86 -7.42 27.14
N PRO C 171 -4.62 -6.68 28.24
CA PRO C 171 -5.35 -6.87 29.49
C PRO C 171 -6.86 -6.96 29.33
N SER C 172 -7.39 -8.12 29.74
CA SER C 172 -8.81 -8.40 29.73
C SER C 172 -9.58 -7.46 30.69
N PRO C 173 -10.71 -6.84 30.30
CA PRO C 173 -11.53 -5.96 31.16
C PRO C 173 -11.96 -6.54 32.52
N LYS C 174 -13.05 -7.31 32.56
CA LYS C 174 -13.79 -7.77 33.78
C LYS C 174 -12.91 -8.01 35.02
N VAL C 175 -11.86 -8.82 34.87
CA VAL C 175 -10.86 -9.14 35.89
C VAL C 175 -9.49 -9.09 35.21
N SER C 176 -8.58 -8.36 35.84
CA SER C 176 -7.16 -8.31 35.49
C SER C 176 -6.41 -9.43 36.23
N ASP C 177 -5.68 -10.28 35.49
CA ASP C 177 -4.84 -11.36 36.02
C ASP C 177 -3.51 -10.85 36.66
N THR C 178 -3.38 -9.53 36.79
CA THR C 178 -2.31 -8.78 37.44
C THR C 178 -2.87 -7.46 37.99
N VAL C 179 -2.11 -6.76 38.84
CA VAL C 179 -2.57 -5.54 39.54
C VAL C 179 -2.09 -4.26 38.86
N VAL C 180 -0.80 -4.20 38.55
CA VAL C 180 -0.21 -3.07 37.83
C VAL C 180 -0.57 -3.06 36.37
N GLU C 181 -1.00 -4.19 35.80
CA GLU C 181 -1.58 -4.41 34.47
C GLU C 181 -1.60 -3.19 33.50
N PRO C 182 -2.41 -2.13 33.71
CA PRO C 182 -2.39 -0.93 32.86
C PRO C 182 -1.03 -0.24 32.75
N TYR C 183 -0.18 -0.26 33.78
CA TYR C 183 1.22 0.17 33.75
C TYR C 183 2.04 -0.65 32.77
N ASN C 184 2.10 -1.97 32.94
CA ASN C 184 2.77 -2.83 31.97
C ASN C 184 2.18 -2.68 30.55
N ALA C 185 0.89 -2.38 30.45
CA ALA C 185 0.17 -2.37 29.18
C ALA C 185 0.33 -1.09 28.40
N THR C 186 -0.01 0.04 29.02
CA THR C 186 0.16 1.38 28.46
C THR C 186 1.59 1.63 28.03
N LEU C 187 2.56 1.07 28.78
CA LEU C 187 3.96 1.20 28.40
C LEU C 187 4.38 0.31 27.21
N SER C 188 3.75 -0.85 26.99
CA SER C 188 4.08 -1.65 25.79
C SER C 188 3.32 -1.21 24.55
N VAL C 189 2.01 -0.97 24.62
CA VAL C 189 1.23 -0.44 23.47
C VAL C 189 1.86 0.82 22.86
N HIS C 190 2.50 1.63 23.71
CA HIS C 190 3.33 2.78 23.34
C HIS C 190 4.48 2.45 22.40
N GLN C 191 5.24 1.41 22.73
CA GLN C 191 6.25 0.87 21.83
C GLN C 191 5.65 0.20 20.57
N LEU C 192 4.48 -0.42 20.71
CA LEU C 192 3.85 -1.18 19.62
C LEU C 192 3.39 -0.25 18.50
N VAL C 193 2.67 0.84 18.83
CA VAL C 193 2.17 1.92 17.92
C VAL C 193 3.27 2.63 17.11
N GLU C 194 4.53 2.31 17.34
CA GLU C 194 5.70 2.99 16.78
C GLU C 194 6.80 2.03 16.29
N ASN C 195 6.55 0.71 16.25
CA ASN C 195 7.52 -0.27 15.75
C ASN C 195 6.87 -1.39 14.94
N THR C 196 6.20 -2.37 15.55
CA THR C 196 5.44 -3.37 14.78
C THR C 196 4.48 -2.70 13.77
N ASP C 197 4.07 -3.38 12.69
CA ASP C 197 3.14 -2.81 11.68
C ASP C 197 1.89 -3.65 11.40
N GLU C 198 1.71 -4.74 12.14
CA GLU C 198 0.48 -5.53 12.21
C GLU C 198 0.30 -6.06 13.66
N THR C 199 -0.74 -5.70 14.42
CA THR C 199 -0.97 -6.28 15.77
C THR C 199 -2.28 -7.05 15.82
N TYR C 200 -2.34 -8.20 16.47
CA TYR C 200 -3.53 -9.04 16.65
C TYR C 200 -3.78 -9.21 18.15
N CYS C 201 -4.65 -8.37 18.66
CA CYS C 201 -4.94 -8.26 20.09
C CYS C 201 -5.97 -9.31 20.50
N ILE C 202 -5.65 -10.05 21.54
CA ILE C 202 -6.41 -11.21 22.00
C ILE C 202 -6.64 -11.10 23.50
N ASP C 203 -7.85 -11.42 23.94
CA ASP C 203 -8.26 -11.10 25.30
C ASP C 203 -8.72 -12.38 25.99
N ASN C 204 -8.06 -12.76 27.09
CA ASN C 204 -8.27 -14.05 27.77
C ASN C 204 -9.75 -14.31 28.10
N GLU C 205 -10.54 -13.26 28.33
CA GLU C 205 -11.96 -13.43 28.56
C GLU C 205 -12.85 -13.43 27.31
N ALA C 206 -12.49 -12.67 26.27
CA ALA C 206 -13.18 -12.74 24.99
C ALA C 206 -13.08 -14.16 24.44
N LEU C 207 -11.92 -14.76 24.67
CA LEU C 207 -11.67 -16.17 24.49
C LEU C 207 -12.55 -17.02 25.37
N TYR C 208 -12.58 -16.81 26.70
CA TYR C 208 -13.46 -17.61 27.57
C TYR C 208 -14.91 -17.60 27.08
N ASP C 209 -15.51 -16.44 26.80
CA ASP C 209 -16.84 -16.35 26.14
C ASP C 209 -16.93 -17.21 24.87
N ILE C 210 -16.04 -16.97 23.92
CA ILE C 210 -15.98 -17.67 22.63
C ILE C 210 -15.62 -19.15 22.79
N CYS C 211 -15.11 -19.55 23.94
CA CYS C 211 -14.64 -20.90 24.22
C CYS C 211 -15.60 -21.65 25.17
N PHE C 212 -16.55 -20.98 25.82
CA PHE C 212 -17.52 -21.57 26.74
C PHE C 212 -18.96 -21.52 26.21
N ARG C 213 -19.25 -20.65 25.23
CA ARG C 213 -20.56 -20.54 24.57
C ARG C 213 -20.58 -20.93 23.10
N THR C 214 -19.48 -20.76 22.38
CA THR C 214 -19.36 -21.12 20.95
C THR C 214 -18.71 -22.50 20.78
N LEU C 215 -17.97 -22.90 21.81
CA LEU C 215 -17.65 -24.27 22.17
C LEU C 215 -18.41 -24.47 23.49
N LYS C 216 -19.21 -25.52 23.66
CA LYS C 216 -19.91 -25.82 24.95
C LYS C 216 -18.94 -26.21 26.10
N LEU C 217 -17.63 -26.13 25.82
CA LEU C 217 -16.51 -26.46 26.70
C LEU C 217 -16.67 -25.81 28.07
N THR C 218 -16.84 -26.64 29.09
CA THR C 218 -17.15 -26.18 30.45
C THR C 218 -15.89 -25.83 31.24
N THR C 219 -14.75 -26.45 30.92
CA THR C 219 -13.47 -26.29 31.62
C THR C 219 -12.38 -25.77 30.67
N PRO C 220 -12.52 -24.55 30.12
CA PRO C 220 -11.56 -23.96 29.19
C PRO C 220 -10.23 -23.67 29.90
N THR C 221 -9.34 -24.64 29.92
CA THR C 221 -7.98 -24.46 30.48
C THR C 221 -7.21 -23.41 29.65
N TYR C 222 -6.12 -22.84 30.18
CA TYR C 222 -5.26 -21.95 29.39
C TYR C 222 -4.73 -22.58 28.10
N GLY C 223 -4.36 -23.87 28.16
CA GLY C 223 -3.94 -24.63 26.98
C GLY C 223 -4.94 -24.54 25.82
N ASP C 224 -6.24 -24.42 26.14
CA ASP C 224 -7.36 -24.28 25.22
C ASP C 224 -7.49 -22.87 24.63
N LEU C 225 -7.44 -21.83 25.47
CA LEU C 225 -7.34 -20.43 25.03
C LEU C 225 -6.19 -20.22 24.05
N ASN C 226 -5.01 -20.60 24.48
CA ASN C 226 -3.80 -20.52 23.69
C ASN C 226 -3.91 -21.35 22.40
N HIS C 227 -4.50 -22.55 22.44
CA HIS C 227 -4.82 -23.39 21.26
C HIS C 227 -5.70 -22.65 20.26
N LEU C 228 -6.80 -22.02 20.73
CA LEU C 228 -7.67 -21.24 19.86
C LEU C 228 -6.90 -20.09 19.20
N VAL C 229 -6.03 -19.41 19.94
CA VAL C 229 -5.23 -18.28 19.44
C VAL C 229 -4.28 -18.75 18.36
N SER C 230 -3.56 -19.81 18.69
CA SER C 230 -2.62 -20.44 17.78
C SER C 230 -3.29 -20.98 16.51
N ALA C 231 -4.60 -21.26 16.54
CA ALA C 231 -5.41 -21.65 15.39
C ALA C 231 -5.63 -20.50 14.39
N THR C 232 -5.70 -19.27 14.91
CA THR C 232 -5.79 -18.08 14.07
C THR C 232 -4.44 -17.74 13.46
N MET C 233 -3.39 -17.60 14.27
CA MET C 233 -2.09 -17.15 13.76
C MET C 233 -1.48 -18.11 12.72
N SER C 234 -1.94 -19.37 12.70
CA SER C 234 -1.72 -20.33 11.62
C SER C 234 -2.54 -20.02 10.34
N GLY C 235 -3.81 -19.66 10.50
CA GLY C 235 -4.63 -19.22 9.39
C GLY C 235 -4.26 -17.85 8.80
N VAL C 236 -3.49 -17.02 9.51
CA VAL C 236 -2.85 -15.78 9.02
C VAL C 236 -1.63 -16.11 8.14
N THR C 237 -0.54 -16.51 8.77
CA THR C 237 0.80 -16.59 8.19
C THR C 237 1.01 -17.82 7.31
N THR C 238 1.44 -18.94 7.91
CA THR C 238 1.66 -20.28 7.30
C THR C 238 0.61 -20.62 6.26
N CYS C 239 -0.65 -20.35 6.56
CA CYS C 239 -1.75 -20.49 5.60
C CYS C 239 -1.47 -19.83 4.26
N LEU C 240 -1.24 -18.53 4.25
CA LEU C 240 -0.99 -17.82 3.01
C LEU C 240 0.34 -18.15 2.36
N ARG C 241 1.17 -18.91 3.06
CA ARG C 241 2.34 -19.61 2.50
C ARG C 241 1.96 -20.99 1.99
N PHE C 242 0.72 -21.09 1.53
CA PHE C 242 0.24 -22.13 0.64
C PHE C 242 -0.26 -21.53 -0.67
N PRO C 243 -0.51 -22.39 -1.67
CA PRO C 243 -1.16 -22.00 -2.91
C PRO C 243 -2.58 -21.50 -2.63
N GLY C 244 -3.16 -20.90 -3.65
CA GLY C 244 -4.51 -20.39 -3.58
C GLY C 244 -4.88 -19.71 -4.88
N GLN C 245 -6.16 -19.74 -5.19
CA GLN C 245 -6.74 -19.06 -6.37
C GLN C 245 -6.48 -17.55 -6.31
N LEU C 246 -6.53 -17.02 -5.09
CA LEU C 246 -6.06 -15.70 -4.75
C LEU C 246 -5.36 -15.74 -3.39
N ASN C 247 -4.06 -15.99 -3.42
CA ASN C 247 -3.27 -15.86 -2.22
C ASN C 247 -2.77 -14.42 -1.99
N ALA C 248 -2.49 -14.20 -0.72
CA ALA C 248 -1.81 -13.06 -0.17
C ALA C 248 -0.58 -13.52 0.62
N ASP C 249 0.01 -12.60 1.37
CA ASP C 249 1.09 -12.83 2.29
C ASP C 249 1.10 -11.62 3.26
N LEU C 250 1.76 -11.72 4.43
CA LEU C 250 1.94 -10.62 5.39
C LEU C 250 1.96 -9.21 4.79
N ARG C 251 2.73 -8.94 3.72
CA ARG C 251 2.61 -7.64 3.03
C ARG C 251 1.25 -7.38 2.46
N LYS C 252 0.68 -8.22 1.59
CA LYS C 252 -0.71 -8.00 1.14
C LYS C 252 -1.64 -7.72 2.31
N LEU C 253 -1.57 -8.48 3.41
CA LEU C 253 -2.34 -8.24 4.63
C LEU C 253 -2.07 -6.81 5.14
N ALA C 254 -0.80 -6.43 5.32
CA ALA C 254 -0.40 -5.12 5.79
C ALA C 254 -0.86 -3.99 4.82
N VAL C 255 -0.49 -4.10 3.55
CA VAL C 255 -0.75 -3.16 2.45
C VAL C 255 -2.22 -3.06 2.00
N ASN C 256 -3.09 -3.95 2.50
CA ASN C 256 -4.53 -3.80 2.37
C ASN C 256 -5.20 -3.35 3.70
N MET C 257 -4.54 -3.50 4.85
CA MET C 257 -5.16 -3.39 6.17
C MET C 257 -4.75 -2.22 7.03
N VAL C 258 -3.73 -1.47 6.65
CA VAL C 258 -3.31 -0.30 7.40
C VAL C 258 -3.48 0.92 6.50
N PRO C 259 -4.60 1.65 6.63
CA PRO C 259 -4.80 2.86 5.87
C PRO C 259 -3.88 3.95 6.41
N PHE C 260 -3.61 3.98 7.72
CA PHE C 260 -2.73 5.00 8.29
C PHE C 260 -1.59 4.40 9.12
N PRO C 261 -0.35 4.93 8.95
CA PRO C 261 0.92 4.39 9.47
C PRO C 261 1.06 4.14 10.96
N ARG C 262 0.03 4.41 11.79
CA ARG C 262 0.01 4.19 13.26
C ARG C 262 0.25 2.74 13.70
N LEU C 263 0.18 1.86 12.73
CA LEU C 263 0.35 0.40 12.71
C LEU C 263 -1.04 -0.23 12.62
N HIS C 264 -1.94 0.26 13.47
CA HIS C 264 -3.27 -0.32 13.67
C HIS C 264 -3.26 -1.77 14.13
N PHE C 265 -4.23 -2.04 15.00
CA PHE C 265 -4.36 -3.28 15.70
C PHE C 265 -5.69 -3.89 15.27
N PHE C 266 -5.62 -5.18 15.00
CA PHE C 266 -6.67 -5.98 14.43
C PHE C 266 -7.24 -6.89 15.50
N MET C 267 -8.25 -7.64 15.10
CA MET C 267 -9.00 -8.48 16.01
C MET C 267 -9.28 -9.78 15.27
N PRO C 268 -8.48 -10.81 15.53
CA PRO C 268 -8.61 -12.05 14.80
C PRO C 268 -9.93 -12.78 15.11
N GLY C 269 -10.39 -13.58 14.16
CA GLY C 269 -11.54 -14.48 14.34
C GLY C 269 -11.38 -15.72 13.47
N PHE C 270 -11.56 -16.91 14.03
CA PHE C 270 -11.54 -18.15 13.25
C PHE C 270 -12.92 -18.45 12.67
N ALA C 271 -13.00 -19.29 11.64
CA ALA C 271 -14.27 -19.66 11.02
C ALA C 271 -14.95 -20.84 11.73
N PRO C 272 -14.69 -22.14 11.45
CA PRO C 272 -15.56 -23.18 11.96
C PRO C 272 -15.32 -23.37 13.45
N LEU C 273 -16.20 -22.78 14.26
CA LEU C 273 -16.06 -22.74 15.72
C LEU C 273 -17.28 -23.40 16.31
N THR C 274 -17.33 -24.70 16.06
CA THR C 274 -18.44 -25.56 16.44
C THR C 274 -17.99 -26.51 17.53
N SER C 275 -18.81 -26.69 18.57
CA SER C 275 -18.56 -27.72 19.58
C SER C 275 -18.43 -29.12 18.95
N ARG C 276 -17.72 -30.03 19.63
CA ARG C 276 -17.24 -31.28 19.00
C ARG C 276 -18.36 -32.13 18.35
N GLY C 277 -18.99 -33.00 19.15
CA GLY C 277 -19.87 -34.07 18.65
C GLY C 277 -21.12 -33.51 17.95
N SER C 278 -22.08 -33.01 18.71
CA SER C 278 -23.36 -32.50 18.18
C SER C 278 -23.23 -31.45 17.06
N GLN C 279 -22.66 -30.28 17.37
CA GLN C 279 -22.64 -29.08 16.52
C GLN C 279 -21.81 -29.20 15.23
N GLN C 280 -21.10 -30.31 15.00
CA GLN C 280 -20.61 -30.80 13.69
C GLN C 280 -21.78 -30.88 12.69
N TYR C 281 -22.26 -29.69 12.31
CA TYR C 281 -23.43 -29.44 11.49
C TYR C 281 -23.04 -29.34 10.03
N ARG C 282 -21.73 -29.10 9.79
CA ARG C 282 -21.15 -28.99 8.46
C ARG C 282 -21.75 -27.84 7.64
N ALA C 283 -22.58 -27.02 8.28
CA ALA C 283 -23.07 -25.74 7.79
C ALA C 283 -21.87 -24.81 7.68
N LEU C 284 -21.10 -25.08 6.64
CA LEU C 284 -19.80 -24.55 6.28
C LEU C 284 -19.72 -24.46 4.74
N THR C 285 -20.87 -24.42 4.05
CA THR C 285 -20.90 -24.17 2.61
C THR C 285 -20.07 -22.94 2.26
N VAL C 286 -20.26 -21.83 3.00
CA VAL C 286 -19.55 -20.52 3.00
C VAL C 286 -20.36 -19.45 3.72
N PRO C 287 -21.68 -19.26 3.46
CA PRO C 287 -22.46 -18.22 4.15
C PRO C 287 -22.43 -18.41 5.66
N GLU C 288 -22.18 -19.63 6.12
CA GLU C 288 -22.00 -20.01 7.51
C GLU C 288 -20.65 -19.58 8.10
N LEU C 289 -19.59 -19.55 7.30
CA LEU C 289 -18.30 -18.97 7.70
C LEU C 289 -18.40 -17.46 7.79
N THR C 290 -18.95 -16.77 6.79
CA THR C 290 -19.12 -15.32 6.89
C THR C 290 -20.13 -14.93 7.97
N GLN C 291 -21.17 -15.75 8.20
CA GLN C 291 -22.06 -15.64 9.36
C GLN C 291 -21.25 -15.66 10.66
N GLN C 292 -20.35 -16.63 10.79
CA GLN C 292 -19.49 -16.80 11.95
C GLN C 292 -18.56 -15.59 12.17
N MET C 293 -17.57 -15.42 11.28
CA MET C 293 -16.49 -14.44 11.39
C MET C 293 -16.96 -12.99 11.65
N PHE C 294 -18.08 -12.58 11.03
CA PHE C 294 -18.60 -11.21 11.13
C PHE C 294 -19.62 -10.95 12.26
N ASP C 295 -20.00 -11.96 13.08
CA ASP C 295 -20.74 -11.66 14.31
C ASP C 295 -19.86 -10.95 15.37
N ALA C 296 -20.49 -10.38 16.40
CA ALA C 296 -19.83 -9.71 17.53
C ALA C 296 -18.90 -10.65 18.36
N LYS C 297 -19.50 -11.44 19.25
CA LYS C 297 -18.95 -12.73 19.71
C LYS C 297 -18.36 -13.47 18.52
N ASN C 298 -17.29 -14.23 18.77
CA ASN C 298 -16.35 -14.79 17.80
C ASN C 298 -15.16 -13.90 17.39
N MET C 299 -15.14 -12.64 17.83
CA MET C 299 -13.96 -11.78 17.75
C MET C 299 -13.08 -11.97 18.97
N MET C 300 -11.83 -12.41 18.81
CA MET C 300 -10.91 -12.67 19.94
C MET C 300 -10.55 -11.42 20.77
N ALA C 301 -10.81 -10.22 20.24
CA ALA C 301 -10.85 -8.97 20.99
C ALA C 301 -12.00 -8.91 22.00
N ALA C 302 -11.90 -8.01 22.98
CA ALA C 302 -12.98 -7.75 23.96
C ALA C 302 -14.09 -6.90 23.38
N CYS C 303 -13.71 -5.81 22.71
CA CYS C 303 -14.66 -4.89 22.11
C CYS C 303 -15.48 -5.61 21.02
N ASP C 304 -16.71 -5.16 20.86
CA ASP C 304 -17.61 -5.70 19.85
C ASP C 304 -17.54 -4.82 18.58
N PRO C 305 -17.38 -5.41 17.38
CA PRO C 305 -17.34 -4.65 16.13
C PRO C 305 -18.61 -3.83 15.85
N ARG C 306 -19.74 -4.31 16.35
CA ARG C 306 -21.02 -3.60 16.31
C ARG C 306 -20.98 -2.20 16.94
N HIS C 307 -19.94 -1.92 17.75
CA HIS C 307 -19.68 -0.65 18.41
C HIS C 307 -18.76 0.30 17.61
N GLY C 308 -18.45 -0.02 16.35
CA GLY C 308 -17.55 0.82 15.56
C GLY C 308 -17.29 0.30 14.14
N ARG C 309 -17.22 1.22 13.18
CA ARG C 309 -16.88 0.94 11.78
C ARG C 309 -15.65 0.03 11.62
N TYR C 310 -15.54 -0.60 10.47
CA TYR C 310 -14.30 -1.24 10.03
C TYR C 310 -13.55 -0.32 9.10
N LEU C 311 -12.21 -0.34 9.13
CA LEU C 311 -11.41 0.27 8.08
C LEU C 311 -11.08 -0.77 7.01
N THR C 312 -10.63 -1.91 7.50
CA THR C 312 -10.30 -3.02 6.63
C THR C 312 -10.76 -4.30 7.29
N VAL C 313 -11.01 -5.28 6.45
CA VAL C 313 -11.19 -6.66 6.83
C VAL C 313 -10.34 -7.55 5.93
N ALA C 314 -9.85 -8.68 6.42
CA ALA C 314 -9.20 -9.70 5.60
C ALA C 314 -9.73 -11.09 5.98
N ALA C 315 -10.70 -11.57 5.21
CA ALA C 315 -11.12 -12.96 5.29
C ALA C 315 -10.13 -13.83 4.50
N VAL C 316 -9.16 -14.39 5.21
CA VAL C 316 -8.15 -15.31 4.73
C VAL C 316 -8.68 -16.75 4.78
N PHE C 317 -9.59 -17.06 3.86
CA PHE C 317 -10.11 -18.41 3.65
C PHE C 317 -8.99 -19.39 3.29
N ARG C 318 -9.18 -20.65 3.69
CA ARG C 318 -8.30 -21.78 3.36
C ARG C 318 -9.12 -23.07 3.31
N GLY C 319 -9.58 -23.37 2.10
CA GLY C 319 -10.41 -24.52 1.80
C GLY C 319 -11.12 -24.32 0.48
N ARG C 320 -11.10 -25.32 -0.40
CA ARG C 320 -11.65 -25.21 -1.76
C ARG C 320 -13.09 -24.70 -1.75
N MET C 321 -13.28 -23.61 -2.48
CA MET C 321 -14.52 -22.84 -2.56
C MET C 321 -14.58 -22.05 -3.86
N SER C 322 -15.78 -21.66 -4.26
CA SER C 322 -15.96 -20.85 -5.46
C SER C 322 -15.55 -19.39 -5.21
N MET C 323 -14.66 -18.85 -6.06
CA MET C 323 -14.35 -17.40 -6.15
C MET C 323 -15.55 -16.53 -6.52
N LYS C 324 -16.68 -17.14 -6.80
CA LYS C 324 -17.97 -16.45 -6.87
C LYS C 324 -18.67 -16.45 -5.51
N GLU C 325 -18.92 -17.59 -4.86
CA GLU C 325 -19.63 -17.62 -3.57
C GLU C 325 -18.82 -17.00 -2.43
N VAL C 326 -17.50 -16.82 -2.59
CA VAL C 326 -16.67 -16.01 -1.72
C VAL C 326 -16.90 -14.53 -1.99
N ASP C 327 -16.40 -14.03 -3.13
CA ASP C 327 -16.44 -12.62 -3.53
C ASP C 327 -17.85 -12.02 -3.51
N GLU C 328 -18.88 -12.82 -3.80
CA GLU C 328 -20.29 -12.47 -3.62
C GLU C 328 -20.68 -12.25 -2.15
N GLN C 329 -20.44 -13.23 -1.28
CA GLN C 329 -20.93 -13.18 0.11
C GLN C 329 -20.44 -11.92 0.81
N MET C 330 -19.15 -11.62 0.62
CA MET C 330 -18.46 -10.44 1.13
C MET C 330 -19.19 -9.15 0.76
N LEU C 331 -19.81 -9.10 -0.42
CA LEU C 331 -20.58 -7.95 -0.85
C LEU C 331 -21.87 -7.77 -0.06
N ASN C 332 -22.71 -8.80 0.03
CA ASN C 332 -23.96 -8.69 0.79
C ASN C 332 -23.66 -8.34 2.26
N VAL C 333 -22.55 -8.85 2.81
CA VAL C 333 -22.04 -8.48 4.13
C VAL C 333 -21.68 -6.99 4.21
N GLN C 334 -21.03 -6.44 3.18
CA GLN C 334 -20.72 -5.01 3.05
C GLN C 334 -21.97 -4.11 2.90
N ASN C 335 -23.09 -4.64 2.41
CA ASN C 335 -24.30 -3.85 2.18
C ASN C 335 -25.35 -3.98 3.29
N LYS C 336 -25.50 -5.17 3.88
CA LYS C 336 -26.34 -5.39 5.07
C LYS C 336 -25.87 -4.55 6.26
N ASN C 337 -24.56 -4.30 6.31
CA ASN C 337 -23.88 -3.60 7.39
C ASN C 337 -23.15 -2.34 6.90
N SER C 338 -23.63 -1.69 5.84
CA SER C 338 -23.07 -0.42 5.32
C SER C 338 -22.92 0.64 6.42
N SER C 339 -23.81 0.58 7.42
CA SER C 339 -23.75 1.33 8.68
C SER C 339 -22.39 1.26 9.39
N TYR C 340 -21.94 0.06 9.79
CA TYR C 340 -20.59 -0.15 10.31
C TYR C 340 -19.66 -0.86 9.33
N PHE C 341 -19.00 -0.05 8.51
CA PHE C 341 -17.97 -0.55 7.59
C PHE C 341 -17.06 0.54 7.03
N VAL C 342 -17.25 1.81 7.42
CA VAL C 342 -16.65 3.01 6.80
C VAL C 342 -16.98 3.13 5.30
N GLU C 343 -16.98 4.35 4.77
CA GLU C 343 -17.47 4.61 3.39
C GLU C 343 -16.40 5.09 2.41
N TRP C 344 -15.38 5.81 2.89
CA TRP C 344 -14.25 6.29 2.08
C TRP C 344 -13.29 5.18 1.62
N ILE C 345 -13.66 3.93 1.85
CA ILE C 345 -13.05 2.76 1.23
C ILE C 345 -14.17 1.99 0.52
N PRO C 346 -14.30 2.11 -0.81
CA PRO C 346 -15.30 1.42 -1.62
C PRO C 346 -15.38 -0.10 -1.40
N ASN C 347 -14.24 -0.75 -1.15
CA ASN C 347 -14.19 -2.16 -0.78
C ASN C 347 -13.25 -2.35 0.43
N ASN C 348 -13.78 -2.26 1.64
CA ASN C 348 -13.03 -2.50 2.89
C ASN C 348 -12.39 -3.88 2.94
N VAL C 349 -13.18 -4.86 2.48
CA VAL C 349 -12.84 -6.26 2.59
C VAL C 349 -11.75 -6.62 1.59
N LYS C 350 -10.75 -7.34 2.09
CA LYS C 350 -9.71 -8.03 1.37
C LYS C 350 -10.04 -9.51 1.39
N THR C 351 -10.71 -10.00 0.35
CA THR C 351 -10.79 -11.45 0.15
C THR C 351 -9.42 -12.05 -0.14
N ALA C 352 -9.09 -13.12 0.57
CA ALA C 352 -7.90 -13.95 0.42
C ALA C 352 -8.33 -15.42 0.48
N VAL C 353 -7.82 -16.25 -0.43
CA VAL C 353 -8.24 -17.65 -0.57
C VAL C 353 -7.02 -18.52 -0.88
N CYS C 354 -6.57 -19.25 0.15
CA CYS C 354 -5.76 -20.47 0.07
C CYS C 354 -6.58 -21.67 -0.45
N ASP C 355 -5.93 -22.80 -0.77
CA ASP C 355 -6.57 -24.05 -1.21
C ASP C 355 -6.69 -25.11 -0.09
N ILE C 356 -5.56 -25.61 0.42
CA ILE C 356 -5.52 -26.58 1.53
C ILE C 356 -6.14 -25.98 2.82
N PRO C 357 -7.11 -26.68 3.45
CA PRO C 357 -7.73 -26.25 4.71
C PRO C 357 -6.94 -26.71 5.96
N PRO C 358 -7.34 -26.30 7.19
CA PRO C 358 -6.69 -26.76 8.43
C PRO C 358 -6.84 -28.26 8.53
N ARG C 359 -5.72 -28.99 8.45
CA ARG C 359 -5.56 -30.45 8.34
C ARG C 359 -6.88 -31.24 8.30
N GLY C 360 -7.55 -31.39 9.45
CA GLY C 360 -8.70 -32.27 9.64
C GLY C 360 -10.08 -31.73 9.22
N LEU C 361 -10.17 -30.47 8.79
CA LEU C 361 -11.40 -29.78 8.45
C LEU C 361 -11.59 -29.66 6.92
N LYS C 362 -12.82 -29.39 6.50
CA LYS C 362 -13.12 -29.16 5.08
C LYS C 362 -12.80 -27.72 4.60
N MET C 363 -13.18 -26.73 5.40
CA MET C 363 -13.19 -25.34 4.99
C MET C 363 -13.13 -24.45 6.22
N SER C 364 -12.18 -23.52 6.26
CA SER C 364 -12.07 -22.47 7.26
C SER C 364 -11.72 -21.14 6.61
N ALA C 365 -11.62 -20.12 7.44
CA ALA C 365 -11.31 -18.75 7.10
C ALA C 365 -10.96 -17.96 8.34
N THR C 366 -9.73 -17.48 8.34
CA THR C 366 -9.28 -16.55 9.35
C THR C 366 -9.81 -15.18 9.00
N PHE C 367 -10.20 -14.43 10.00
CA PHE C 367 -10.67 -13.08 9.90
C PHE C 367 -9.66 -12.18 10.60
N ILE C 368 -9.36 -11.05 9.97
CA ILE C 368 -8.43 -10.07 10.51
C ILE C 368 -9.07 -8.70 10.33
N GLY C 369 -9.80 -8.26 11.36
CA GLY C 369 -10.58 -7.02 11.28
C GLY C 369 -9.81 -5.83 11.83
N ASN C 370 -9.59 -4.80 11.02
CA ASN C 370 -9.12 -3.49 11.47
C ASN C 370 -10.33 -2.57 11.78
N SER C 371 -11.13 -2.90 12.79
CA SER C 371 -12.22 -1.99 13.20
C SER C 371 -11.78 -0.90 14.18
N THR C 372 -12.41 0.26 14.02
CA THR C 372 -12.36 1.41 14.93
C THR C 372 -12.95 1.08 16.30
N ALA C 373 -13.65 -0.06 16.45
CA ALA C 373 -14.19 -0.54 17.73
C ALA C 373 -13.09 -0.74 18.80
N ILE C 374 -11.84 -1.05 18.40
CA ILE C 374 -10.72 -1.22 19.35
C ILE C 374 -10.31 0.06 20.08
N GLN C 375 -10.84 1.20 19.65
CA GLN C 375 -10.87 2.44 20.42
C GLN C 375 -11.37 2.22 21.86
N GLU C 376 -12.50 1.51 22.03
CA GLU C 376 -13.12 1.13 23.30
C GLU C 376 -12.34 0.07 24.11
N LEU C 377 -11.06 -0.11 23.81
CA LEU C 377 -10.16 -0.91 24.61
C LEU C 377 -8.92 -0.13 25.06
N PHE C 378 -8.26 0.59 24.16
CA PHE C 378 -7.20 1.50 24.57
C PHE C 378 -7.73 2.64 25.45
N LYS C 379 -9.02 3.00 25.31
CA LYS C 379 -9.79 3.73 26.32
C LYS C 379 -9.73 3.07 27.69
N ARG C 380 -10.14 1.80 27.76
CA ARG C 380 -10.18 1.00 28.99
C ARG C 380 -8.82 1.01 29.69
N ILE C 381 -7.76 0.63 28.98
CA ILE C 381 -6.39 0.56 29.49
C ILE C 381 -5.93 1.93 30.00
N SER C 382 -6.12 2.96 29.19
CA SER C 382 -5.75 4.35 29.48
C SER C 382 -6.52 4.94 30.69
N GLU C 383 -7.79 4.55 30.88
CA GLU C 383 -8.53 4.86 32.10
C GLU C 383 -7.88 4.23 33.34
N GLN C 384 -7.68 2.91 33.32
CA GLN C 384 -7.11 2.20 34.48
C GLN C 384 -5.76 2.80 34.89
N PHE C 385 -4.99 3.25 33.90
CA PHE C 385 -3.76 4.02 34.08
C PHE C 385 -4.01 5.29 34.89
N THR C 386 -4.72 6.30 34.35
CA THR C 386 -4.97 7.57 35.05
C THR C 386 -5.55 7.42 36.46
N ALA C 387 -6.50 6.51 36.67
CA ALA C 387 -7.14 6.27 37.96
C ALA C 387 -6.13 5.87 39.05
N MET C 388 -5.04 5.18 38.66
CA MET C 388 -3.97 4.77 39.56
C MET C 388 -2.69 5.61 39.46
N PHE C 389 -2.38 6.14 38.27
CA PHE C 389 -1.25 7.01 37.98
C PHE C 389 -1.38 8.35 38.69
N ARG C 390 -2.62 8.81 38.84
CA ARG C 390 -2.95 9.97 39.67
C ARG C 390 -2.40 9.82 41.09
N ARG C 391 -2.48 8.61 41.67
CA ARG C 391 -1.98 8.31 43.01
C ARG C 391 -0.61 7.64 43.04
N LYS C 392 0.03 7.46 41.87
CA LYS C 392 1.36 6.84 41.70
C LYS C 392 1.44 5.43 42.28
N ALA C 393 0.31 4.72 42.26
CA ALA C 393 0.01 3.49 43.00
C ALA C 393 1.23 2.60 43.32
N PHE C 394 1.60 1.70 42.41
CA PHE C 394 2.78 0.84 42.52
C PHE C 394 3.97 1.41 41.75
N LEU C 395 4.06 2.74 41.66
CA LEU C 395 5.05 3.40 40.80
C LEU C 395 6.47 3.25 41.33
N HIS C 396 6.65 3.12 42.66
CA HIS C 396 7.99 2.99 43.25
C HIS C 396 8.73 1.73 42.78
N TRP C 397 8.00 0.70 42.34
CA TRP C 397 8.57 -0.47 41.66
C TRP C 397 9.15 -0.18 40.27
N TYR C 398 8.71 0.88 39.60
CA TYR C 398 9.24 1.33 38.32
C TYR C 398 10.34 2.36 38.48
N THR C 399 10.11 3.46 39.21
CA THR C 399 11.16 4.47 39.43
C THR C 399 12.35 3.91 40.18
N GLY C 400 12.11 3.07 41.19
CA GLY C 400 13.16 2.37 41.92
C GLY C 400 13.99 1.39 41.09
N GLU C 401 13.53 1.06 39.87
CA GLU C 401 14.23 0.30 38.83
C GLU C 401 14.83 1.20 37.73
N GLY C 402 15.12 2.47 38.02
CA GLY C 402 15.61 3.41 37.02
C GLY C 402 14.58 3.68 35.92
N MET C 403 13.55 4.44 36.29
CA MET C 403 12.52 4.95 35.40
C MET C 403 12.34 6.45 35.60
N ASP C 404 11.35 7.02 34.89
CA ASP C 404 11.07 8.43 34.81
C ASP C 404 9.58 8.65 35.06
N GLU C 405 9.23 9.71 35.80
CA GLU C 405 7.83 10.13 35.96
C GLU C 405 7.23 10.67 34.64
N MET C 406 8.12 11.04 33.73
CA MET C 406 7.79 11.48 32.39
C MET C 406 7.58 10.32 31.41
N GLU C 407 8.10 9.14 31.70
CA GLU C 407 7.97 7.95 30.83
C GLU C 407 6.54 7.39 30.83
N PHE C 408 5.92 7.37 32.01
CA PHE C 408 4.51 6.99 32.15
C PHE C 408 3.58 8.00 31.49
N THR C 409 3.89 9.28 31.70
CA THR C 409 3.18 10.38 31.05
C THR C 409 3.21 10.21 29.54
N GLU C 410 4.39 9.96 28.97
CA GLU C 410 4.64 9.84 27.52
C GLU C 410 3.83 8.68 26.91
N ALA C 411 3.87 7.50 27.53
CA ALA C 411 3.20 6.32 27.02
C ALA C 411 1.69 6.42 27.07
N GLU C 412 1.14 6.86 28.21
CA GLU C 412 -0.27 7.18 28.31
C GLU C 412 -0.65 8.17 27.23
N SER C 413 -0.01 9.35 27.17
CA SER C 413 -0.38 10.38 26.20
C SER C 413 -0.33 9.90 24.76
N ASN C 414 0.70 9.14 24.36
CA ASN C 414 0.73 8.52 23.03
C ASN C 414 -0.46 7.58 22.86
N MET C 415 -0.53 6.52 23.64
CA MET C 415 -1.60 5.52 23.46
C MET C 415 -3.03 6.11 23.65
N ASN C 416 -3.13 7.22 24.37
CA ASN C 416 -4.35 7.98 24.56
C ASN C 416 -4.68 8.88 23.34
N ASP C 417 -3.64 9.39 22.65
CA ASP C 417 -3.76 9.95 21.29
C ASP C 417 -4.15 8.90 20.26
N LEU C 418 -3.65 7.68 20.40
CA LEU C 418 -3.98 6.57 19.52
C LEU C 418 -5.49 6.24 19.59
N VAL C 419 -6.12 6.38 20.76
CA VAL C 419 -7.58 6.35 20.89
C VAL C 419 -8.24 7.45 20.05
N SER C 420 -7.78 8.70 20.22
CA SER C 420 -8.31 9.87 19.50
C SER C 420 -8.30 9.64 17.99
N GLU C 421 -7.15 9.25 17.43
CA GLU C 421 -6.99 9.01 16.00
C GLU C 421 -7.98 7.97 15.46
N TYR C 422 -8.21 6.90 16.21
CA TYR C 422 -9.08 5.84 15.73
C TYR C 422 -10.55 6.27 15.57
N GLN C 423 -10.95 7.29 16.32
CA GLN C 423 -12.27 7.91 16.23
C GLN C 423 -12.44 8.79 14.99
N GLN C 424 -11.35 9.32 14.42
CA GLN C 424 -11.33 10.21 13.24
C GLN C 424 -11.88 9.57 11.97
N TYR C 425 -12.08 8.25 12.03
CA TYR C 425 -12.54 7.38 10.96
C TYR C 425 -13.84 6.64 11.29
N GLN C 426 -14.14 6.49 12.58
CA GLN C 426 -15.48 6.14 13.07
C GLN C 426 -16.54 7.20 12.68
N ASP C 427 -16.08 8.42 12.36
CA ASP C 427 -16.76 9.64 11.88
C ASP C 427 -16.21 10.15 10.51
C1 9V5 D . 19.77 28.66 9.75
C2 9V5 D . 21.00 28.68 9.08
C3 9V5 D . 18.59 28.74 9.03
C4 9V5 D . 21.03 28.79 7.69
C5 9V5 D . 18.63 28.85 7.64
C6 9V5 D . 22.14 28.56 3.80
C7 9V5 D . 23.10 27.74 3.23
C8 9V5 D . 21.97 25.81 4.09
C10 9V5 D . 19.84 28.87 6.98
S18 9V5 D . 19.87 29.05 5.23
O16 9V5 D . 18.54 28.71 4.66
O17 9V5 D . 20.19 30.47 4.90
C11 9V5 D . 21.09 28.01 4.53
C12 9V5 D . 23.02 26.36 3.37
CL 9V5 D . 24.21 25.34 2.65
C9 9V5 D . 21.01 26.62 4.67
N13 9V5 D . 20.00 26.10 5.35
O15 9V5 D . 19.00 26.93 5.91
O14 9V5 D . 19.90 24.68 5.50
ZN ZN E . -30.70 -27.95 -32.06
MG MG F . 0.41 -12.69 -7.35
PG GTP G . 0.38 -9.03 -7.11
O1G GTP G . 1.78 -8.45 -6.93
O2G GTP G . 0.23 -10.41 -6.48
O3G GTP G . -0.54 -7.99 -6.48
O3B GTP G . -0.02 -9.30 -8.70
PB GTP G . -1.44 -9.94 -9.26
O1B GTP G . -1.96 -8.94 -10.28
O2B GTP G . -1.26 -11.32 -9.67
O3A GTP G . -2.41 -9.78 -8.09
PA GTP G . -3.79 -10.33 -7.73
O1A GTP G . -3.85 -11.80 -7.87
O2A GTP G . -4.16 -9.80 -6.38
O5' GTP G . -4.78 -9.59 -8.82
C5' GTP G . -6.15 -9.97 -8.66
C4' GTP G . -7.12 -9.34 -9.61
O4' GTP G . -7.23 -10.12 -10.83
C3' GTP G . -8.49 -9.37 -8.97
O3' GTP G . -9.27 -8.33 -9.49
C2' GTP G . -8.98 -10.76 -9.35
O2' GTP G . -10.40 -10.77 -9.38
C1' GTP G . -8.36 -11.00 -10.74
N9 GTP G . -7.90 -12.36 -11.02
C8 GTP G . -6.99 -13.09 -10.30
N7 GTP G . -6.78 -14.29 -10.77
C5 GTP G . -7.61 -14.37 -11.86
C6 GTP G . -7.83 -15.42 -12.76
O6 GTP G . -7.27 -16.52 -12.74
N1 GTP G . -8.77 -15.11 -13.76
C2 GTP G . -9.45 -13.91 -13.86
N2 GTP G . -10.29 -13.80 -14.84
N3 GTP G . -9.26 -12.91 -13.01
C4 GTP G . -8.32 -13.19 -12.04
PB GDP H . 5.50 -12.22 32.20
O1B GDP H . 6.08 -11.66 30.97
O2B GDP H . 5.49 -13.61 32.30
O3B GDP H . 6.19 -11.47 33.48
O3A GDP H . 3.98 -11.82 32.18
PA GDP H . 2.61 -12.78 32.26
O1A GDP H . 2.54 -13.60 31.02
O2A GDP H . 2.70 -13.55 33.55
O5' GDP H . 1.49 -11.69 32.20
C5' GDP H . 0.16 -11.96 32.74
C4' GDP H . -0.92 -11.82 31.78
O4' GDP H . -0.76 -12.83 30.72
C3' GDP H . -2.35 -12.18 32.33
O3' GDP H . -3.28 -11.21 31.71
C2' GDP H . -2.75 -13.59 31.84
O2' GDP H . -4.13 -13.88 31.58
C1' GDP H . -1.93 -13.76 30.57
N9 GDP H . -1.41 -15.10 30.34
C8 GDP H . -0.30 -15.62 31.22
N7 GDP H . -0.23 -16.85 30.56
C5 GDP H . -1.04 -17.12 29.53
C6 GDP H . -1.43 -18.07 28.57
O6 GDP H . -0.75 -19.23 28.58
N1 GDP H . -2.39 -17.87 27.63
C2 GDP H . -3.11 -16.58 27.63
N2 GDP H . -4.00 -16.62 26.67
N3 GDP H . -2.83 -15.68 28.49
C4 GDP H . -1.84 -15.91 29.38
O01 TA1 I . -9.98 -30.45 18.55
C01 TA1 I . -10.48 -30.21 17.22
C02 TA1 I . -11.76 -29.21 17.40
O02 TA1 I . -11.14 -28.03 18.04
C03 TA1 I . -11.42 -27.78 19.40
O03 TA1 I . -12.17 -28.47 20.07
C04 TA1 I . -10.74 -26.62 19.91
C05 TA1 I . -10.09 -26.90 21.20
C06 TA1 I . -9.38 -25.73 21.79
C07 TA1 I . -9.34 -24.46 21.14
C08 TA1 I . -9.91 -24.35 20.04
C09 TA1 I . -10.64 -25.35 19.34
C10 TA1 I . -12.54 -28.69 16.07
C11 TA1 I . -12.87 -27.11 16.07
O04 TA1 I . -11.65 -26.28 16.08
C12 TA1 I . -10.78 -26.23 15.01
O05 TA1 I . -10.92 -26.83 13.98
C13 TA1 I . -9.65 -25.28 15.33
C14 TA1 I . -13.69 -26.50 17.24
O06 TA1 I . -14.71 -26.00 16.35
C15 TA1 I . -14.02 -26.52 15.20
C16 TA1 I . -14.92 -27.51 14.38
C17 TA1 I . -14.34 -28.92 14.26
O07 TA1 I . -15.27 -29.76 13.52
C18 TA1 I . -13.92 -29.56 15.68
C19 TA1 I . -15.10 -29.38 16.69
C20 TA1 I . -13.81 -31.17 15.54
O08 TA1 I . -14.60 -31.87 16.15
C21 TA1 I . -12.74 -31.84 14.67
O09 TA1 I . -12.92 -33.32 14.80
C22 TA1 I . -13.34 -34.06 13.71
O10 TA1 I . -13.59 -33.63 12.63
C23 TA1 I . -13.45 -35.52 14.08
C24 TA1 I . -11.34 -31.41 15.11
C25 TA1 I . -10.54 -30.67 14.24
C26 TA1 I . -9.21 -30.13 14.82
O11 TA1 I . -8.59 -29.07 14.00
C27 TA1 I . -7.67 -29.44 13.11
O12 TA1 I . -7.28 -30.55 12.88
C28 TA1 I . -7.10 -28.20 12.38
O13 TA1 I . -6.11 -28.63 11.48
C29 TA1 I . -6.56 -27.21 13.45
N01 TA1 I . -5.64 -27.96 14.30
C30 TA1 I . -5.39 -27.63 15.58
O14 TA1 I . -5.90 -26.65 16.14
C31 TA1 I . -4.47 -28.56 16.28
C32 TA1 I . -3.16 -28.81 15.87
C33 TA1 I . -2.33 -29.72 16.58
C34 TA1 I . -2.85 -30.40 17.72
C35 TA1 I . -4.14 -30.17 18.13
C36 TA1 I . -4.97 -29.27 17.44
C37 TA1 I . -5.94 -25.96 12.79
C38 TA1 I . -6.76 -24.84 12.58
C39 TA1 I . -6.24 -23.67 11.97
C40 TA1 I . -4.90 -23.62 11.57
C41 TA1 I . -4.08 -24.72 11.78
C42 TA1 I . -4.59 -25.90 12.39
C43 TA1 I . -9.41 -29.51 16.26
C44 TA1 I . -10.90 -30.28 12.81
C45 TA1 I . -10.84 -31.71 16.61
C46 TA1 I . -9.57 -32.67 16.54
C47 TA1 I . -11.78 -32.47 17.57
#